data_8HXA
#
_entry.id   8HXA
#
_cell.length_a   1.00
_cell.length_b   1.00
_cell.length_c   1.00
_cell.angle_alpha   90.00
_cell.angle_beta   90.00
_cell.angle_gamma   90.00
#
_symmetry.space_group_name_H-M   'P 1'
#
loop_
_entity.id
_entity.type
_entity.pdbx_description
1 polymer 'NFkB inhibitor'
2 polymer 'T-lymphocyte activation antigen CD80'
#
loop_
_entity_poly.entity_id
_entity_poly.type
_entity_poly.pdbx_seq_one_letter_code
_entity_poly.pdbx_strand_id
1 'polypeptide(L)'
;VEYKNTICPPRQDYRYWYFVAELTIGVNYDINSTIIGECHMSESYIDRNANIVLTGYGLKINMTIMDTDQRFVAAAEGVG
KDNKLSVLLFTTQRLDKVHHNISVTITCMEMNCGTTKYNSDLPESIHKSSSCDITINGSCVTCVNLETDPTKINPHYLHP
KNKYLYHNSEYSMRGSYGVTFIDELNQCLLDIKELSYDICYRE
;
A,B,C,D,E,F
2 'polypeptide(L)'
;VIHVTKEVKEVATLSCGHNVSVEELAQTRIYWQKEKKMVLTMMSGDMNIWPEYKNRTIFDITNNLSIVILALRPSDEGTY
ECVVLKYEKDAFKREHLAEVTLSVKADFPTPSISDFEIPTSNIRRIICSTSGGFPEPHLSWLENGEELNAINTTVSQDPE
TELYAVSSKLDFNMTTNHSFMCLIKYGHLRVNQTFNWNTT
;
G,H,I,J,K,L
#
# COMPACT_ATOMS: atom_id res chain seq x y z
N TYR A 3 -5.45 54.83 3.66
CA TYR A 3 -5.03 53.46 3.94
C TYR A 3 -5.39 53.07 5.37
N LYS A 4 -6.02 51.90 5.52
CA LYS A 4 -6.41 51.38 6.82
C LYS A 4 -6.00 49.93 6.94
N ASN A 5 -5.50 49.55 8.12
CA ASN A 5 -5.05 48.19 8.35
C ASN A 5 -6.24 47.24 8.43
N THR A 6 -6.17 46.14 7.70
CA THR A 6 -7.26 45.16 7.63
C THR A 6 -6.79 43.82 8.17
N ILE A 7 -7.73 42.90 8.24
CA ILE A 7 -7.45 41.50 8.54
C ILE A 7 -7.21 40.77 7.23
N CYS A 8 -6.21 39.88 7.21
CA CYS A 8 -5.89 39.14 6.01
C CYS A 8 -6.95 38.09 5.70
N PRO A 9 -7.02 37.62 4.45
CA PRO A 9 -7.87 36.48 4.16
C PRO A 9 -7.41 35.24 4.92
N PRO A 10 -8.33 34.35 5.26
CA PRO A 10 -7.96 33.20 6.09
C PRO A 10 -7.02 32.24 5.39
N ARG A 11 -6.20 31.56 6.20
CA ARG A 11 -5.21 30.62 5.72
C ARG A 11 -5.48 29.24 6.30
N GLN A 12 -4.85 28.23 5.69
CA GLN A 12 -4.96 26.88 6.21
C GLN A 12 -4.15 26.74 7.50
N ASP A 13 -2.94 27.31 7.54
CA ASP A 13 -2.07 27.25 8.69
C ASP A 13 -1.55 28.66 8.94
N TYR A 14 -1.57 29.10 10.19
CA TYR A 14 -1.14 30.44 10.59
C TYR A 14 0.11 30.30 11.43
N ARG A 15 1.13 31.12 11.15
CA ARG A 15 2.34 31.05 11.97
C ARG A 15 2.54 32.25 12.89
N TYR A 16 1.69 33.26 12.82
CA TYR A 16 1.82 34.45 13.67
C TYR A 16 0.65 34.45 14.64
N TRP A 17 0.93 34.02 15.87
CA TRP A 17 -0.08 33.82 16.91
C TRP A 17 0.04 34.94 17.93
N TYR A 18 -1.10 35.41 18.43
CA TYR A 18 -1.13 36.48 19.42
C TYR A 18 -1.91 36.00 20.63
N PHE A 19 -1.27 36.03 21.80
CA PHE A 19 -1.86 35.54 23.04
C PHE A 19 -2.99 36.47 23.47
N VAL A 20 -4.22 36.08 23.18
CA VAL A 20 -5.36 36.95 23.38
C VAL A 20 -6.04 36.73 24.73
N ALA A 21 -6.02 35.51 25.26
CA ALA A 21 -6.85 35.21 26.43
C ALA A 21 -6.29 33.98 27.15
N GLU A 22 -6.27 34.05 28.46
CA GLU A 22 -5.94 32.92 29.34
C GLU A 22 -7.23 32.50 30.04
N LEU A 23 -7.85 31.45 29.54
CA LEU A 23 -9.14 30.98 30.04
C LEU A 23 -8.91 29.76 30.94
N THR A 24 -9.37 29.86 32.19
CA THR A 24 -9.22 28.78 33.16
C THR A 24 -10.61 28.38 33.63
N ILE A 25 -10.93 27.09 33.52
CA ILE A 25 -12.23 26.55 33.91
C ILE A 25 -11.99 25.43 34.90
N GLY A 26 -12.54 25.57 36.10
CA GLY A 26 -12.50 24.50 37.08
C GLY A 26 -13.75 23.64 37.00
N VAL A 27 -13.55 22.32 37.14
CA VAL A 27 -14.64 21.37 37.01
C VAL A 27 -14.63 20.45 38.22
N ASN A 28 -15.83 20.00 38.62
CA ASN A 28 -15.95 19.08 39.74
C ASN A 28 -15.62 17.65 39.35
N TYR A 29 -15.92 17.24 38.12
CA TYR A 29 -15.56 15.90 37.69
C TYR A 29 -14.06 15.82 37.41
N ASP A 30 -13.54 14.59 37.49
CA ASP A 30 -12.11 14.36 37.51
C ASP A 30 -11.52 14.32 36.11
N ILE A 31 -10.50 15.14 35.87
CA ILE A 31 -9.61 15.02 34.72
C ILE A 31 -8.20 14.82 35.25
N ASN A 32 -7.52 13.77 34.77
CA ASN A 32 -6.22 13.42 35.33
C ASN A 32 -5.11 14.33 34.82
N SER A 33 -4.86 14.31 33.51
CA SER A 33 -3.74 15.06 32.95
C SER A 33 -4.04 15.35 31.49
N THR A 34 -3.12 16.07 30.85
CA THR A 34 -3.29 16.47 29.47
C THR A 34 -3.19 15.27 28.53
N ILE A 35 -4.10 15.20 27.57
CA ILE A 35 -4.13 14.15 26.56
C ILE A 35 -3.80 14.78 25.22
N ILE A 36 -2.83 14.18 24.51
CA ILE A 36 -2.40 14.74 23.23
C ILE A 36 -3.49 14.48 22.19
N GLY A 37 -3.84 15.53 21.45
CA GLY A 37 -4.86 15.43 20.44
C GLY A 37 -6.28 15.47 20.94
N GLU A 38 -6.49 15.80 22.22
CA GLU A 38 -7.84 15.82 22.77
C GLU A 38 -8.65 17.00 22.26
N CYS A 39 -8.06 18.20 22.26
CA CYS A 39 -8.81 19.40 21.93
C CYS A 39 -9.04 19.52 20.44
N HIS A 40 -10.29 19.77 20.05
CA HIS A 40 -10.67 19.99 18.66
C HIS A 40 -11.36 21.34 18.59
N MET A 41 -10.74 22.30 17.88
CA MET A 41 -11.26 23.65 17.83
C MET A 41 -11.73 23.99 16.42
N SER A 42 -12.76 24.83 16.34
CA SER A 42 -13.28 25.32 15.08
C SER A 42 -13.44 26.83 15.18
N GLU A 43 -12.95 27.54 14.17
CA GLU A 43 -12.92 29.00 14.18
C GLU A 43 -13.77 29.55 13.05
N SER A 44 -14.35 30.73 13.28
CA SER A 44 -15.17 31.37 12.27
C SER A 44 -15.15 32.87 12.51
N TYR A 45 -14.85 33.65 11.46
CA TYR A 45 -14.85 35.10 11.52
C TYR A 45 -15.98 35.61 10.62
N ILE A 46 -17.13 35.93 11.24
CA ILE A 46 -18.31 36.34 10.48
C ILE A 46 -18.84 37.65 11.04
N ASP A 47 -18.86 38.69 10.19
CA ASP A 47 -19.35 40.04 10.48
C ASP A 47 -18.57 40.56 11.70
N ARG A 48 -17.25 40.67 11.50
CA ARG A 48 -16.27 41.20 12.45
C ARG A 48 -16.36 40.54 13.84
N ASN A 49 -16.81 39.29 13.89
CA ASN A 49 -16.95 38.54 15.14
C ASN A 49 -16.11 37.28 15.03
N ALA A 50 -15.18 37.10 15.96
CA ALA A 50 -14.28 35.96 15.96
C ALA A 50 -14.80 34.93 16.98
N ASN A 51 -15.27 33.80 16.49
CA ASN A 51 -15.84 32.75 17.32
C ASN A 51 -14.95 31.52 17.24
N ILE A 52 -14.63 30.94 18.39
CA ILE A 52 -13.88 29.70 18.45
C ILE A 52 -14.65 28.70 19.30
N VAL A 53 -14.81 27.49 18.79
CA VAL A 53 -15.54 26.43 19.47
C VAL A 53 -14.59 25.26 19.64
N LEU A 54 -14.11 25.05 20.86
CA LEU A 54 -13.15 23.99 21.14
C LEU A 54 -13.76 22.97 22.10
N THR A 55 -13.72 21.71 21.71
CA THR A 55 -14.26 20.61 22.49
C THR A 55 -13.11 19.77 23.03
N GLY A 56 -13.04 19.65 24.35
CA GLY A 56 -11.98 18.85 24.95
C GLY A 56 -12.17 18.67 26.45
N TYR A 57 -11.82 17.46 26.93
CA TYR A 57 -11.86 17.11 28.35
C TYR A 57 -13.26 17.29 28.94
N GLY A 58 -14.28 16.96 28.15
CA GLY A 58 -15.65 17.02 28.60
C GLY A 58 -16.28 18.40 28.59
N LEU A 59 -15.67 19.37 27.91
CA LEU A 59 -16.17 20.73 27.87
C LEU A 59 -16.17 21.23 26.43
N LYS A 60 -17.27 21.87 26.03
CA LYS A 60 -17.32 22.59 24.77
C LYS A 60 -17.39 24.08 25.09
N ILE A 61 -16.37 24.82 24.68
CA ILE A 61 -16.24 26.23 25.00
C ILE A 61 -16.45 27.02 23.72
N ASN A 62 -17.47 27.88 23.70
CA ASN A 62 -17.82 28.68 22.54
C ASN A 62 -17.56 30.13 22.96
N MET A 63 -16.40 30.66 22.58
CA MET A 63 -16.01 32.03 22.91
C MET A 63 -16.11 32.88 21.66
N THR A 64 -16.81 34.00 21.76
CA THR A 64 -17.02 34.92 20.65
C THR A 64 -16.56 36.31 21.08
N ILE A 65 -15.66 36.91 20.30
CA ILE A 65 -15.24 38.29 20.51
C ILE A 65 -15.95 39.15 19.49
N MET A 66 -16.67 40.17 19.95
CA MET A 66 -17.56 40.94 19.10
C MET A 66 -16.92 42.28 18.71
N ASP A 67 -17.18 42.67 17.46
CA ASP A 67 -16.74 43.96 16.89
C ASP A 67 -15.21 44.08 16.96
N THR A 68 -14.53 43.12 16.33
CA THR A 68 -13.08 43.03 16.40
C THR A 68 -12.50 42.84 15.00
N ASP A 69 -11.23 43.20 14.86
CA ASP A 69 -10.51 43.10 13.60
C ASP A 69 -9.52 41.96 13.58
N GLN A 70 -9.61 41.03 14.53
CA GLN A 70 -8.70 39.90 14.61
C GLN A 70 -9.50 38.61 14.69
N ARG A 71 -9.09 37.61 13.92
CA ARG A 71 -9.70 36.29 13.94
C ARG A 71 -8.80 35.33 14.70
N PHE A 72 -9.41 34.33 15.34
CA PHE A 72 -8.65 33.34 16.08
C PHE A 72 -7.80 32.52 15.13
N VAL A 73 -6.64 32.07 15.62
CA VAL A 73 -5.74 31.25 14.84
C VAL A 73 -5.53 29.87 15.45
N ALA A 74 -5.49 29.79 16.78
CA ALA A 74 -5.08 28.56 17.45
C ALA A 74 -5.61 28.55 18.87
N ALA A 75 -5.52 27.38 19.49
CA ALA A 75 -5.86 27.22 20.89
C ALA A 75 -5.00 26.12 21.49
N ALA A 76 -4.83 26.15 22.80
CA ALA A 76 -4.08 25.13 23.52
C ALA A 76 -4.78 24.85 24.84
N GLU A 77 -5.12 23.59 25.08
CA GLU A 77 -5.84 23.17 26.27
C GLU A 77 -4.96 22.27 27.11
N GLY A 78 -4.84 22.58 28.39
CA GLY A 78 -4.07 21.77 29.31
C GLY A 78 -4.82 21.54 30.60
N VAL A 79 -4.49 20.43 31.27
CA VAL A 79 -5.15 20.02 32.51
C VAL A 79 -4.15 20.21 33.65
N GLY A 80 -4.57 20.96 34.67
CA GLY A 80 -3.78 21.15 35.86
C GLY A 80 -4.23 20.27 37.01
N LYS A 81 -3.54 20.42 38.14
CA LYS A 81 -3.93 19.70 39.33
C LYS A 81 -5.20 20.32 39.91
N ASP A 82 -5.93 19.52 40.71
CA ASP A 82 -7.23 19.87 41.28
C ASP A 82 -8.27 20.18 40.19
N ASN A 83 -8.18 19.46 39.07
CA ASN A 83 -9.14 19.47 37.96
C ASN A 83 -9.27 20.84 37.29
N LYS A 84 -8.30 21.72 37.46
CA LYS A 84 -8.34 23.00 36.76
C LYS A 84 -7.95 22.78 35.30
N LEU A 85 -8.73 23.36 34.39
CA LEU A 85 -8.48 23.26 32.96
C LEU A 85 -8.08 24.62 32.44
N SER A 86 -6.87 24.70 31.87
CA SER A 86 -6.33 25.95 31.37
C SER A 86 -6.40 25.97 29.85
N VAL A 87 -6.97 27.02 29.29
CA VAL A 87 -7.11 27.18 27.85
C VAL A 87 -6.35 28.43 27.45
N LEU A 88 -5.39 28.26 26.54
CA LEU A 88 -4.66 29.38 25.95
C LEU A 88 -5.18 29.60 24.53
N LEU A 89 -5.58 30.82 24.23
CA LEU A 89 -6.22 31.16 22.97
C LEU A 89 -5.37 32.16 22.21
N PHE A 90 -5.39 32.05 20.87
CA PHE A 90 -4.51 32.86 20.03
C PHE A 90 -5.29 33.42 18.84
N THR A 91 -5.06 34.70 18.54
CA THR A 91 -5.55 35.33 17.32
C THR A 91 -4.39 35.84 16.46
N THR A 92 -4.74 36.52 15.36
CA THR A 92 -3.78 37.00 14.38
C THR A 92 -2.83 38.06 14.94
N GLN A 93 -3.37 39.22 15.29
CA GLN A 93 -2.59 40.34 15.80
C GLN A 93 -3.56 41.38 16.37
N ARG A 94 -3.01 42.28 17.19
CA ARG A 94 -3.82 43.30 17.86
C ARG A 94 -3.77 44.57 17.03
N LEU A 95 -4.73 44.72 16.12
CA LEU A 95 -4.78 45.92 15.27
C LEU A 95 -5.26 47.13 16.05
N ASP A 96 -6.28 46.97 16.89
CA ASP A 96 -6.83 48.05 17.68
C ASP A 96 -6.59 47.83 19.17
N LYS A 97 -6.27 48.92 19.87
CA LYS A 97 -5.98 48.86 21.30
C LYS A 97 -7.21 49.26 22.13
N VAL A 98 -8.27 48.47 22.00
CA VAL A 98 -9.51 48.71 22.71
C VAL A 98 -10.05 47.39 23.24
N HIS A 99 -10.82 47.47 24.32
CA HIS A 99 -11.45 46.29 24.90
C HIS A 99 -12.69 45.92 24.11
N HIS A 100 -12.92 44.62 23.98
CA HIS A 100 -14.02 44.10 23.17
C HIS A 100 -14.96 43.27 24.03
N ASN A 101 -16.26 43.42 23.75
CA ASN A 101 -17.26 42.61 24.44
C ASN A 101 -17.17 41.16 23.99
N ILE A 102 -17.26 40.25 24.95
CA ILE A 102 -17.08 38.82 24.72
C ILE A 102 -18.33 38.08 25.18
N SER A 103 -18.60 36.94 24.55
CA SER A 103 -19.62 36.01 25.01
C SER A 103 -19.04 34.61 24.93
N VAL A 104 -18.88 33.97 26.09
CA VAL A 104 -18.26 32.65 26.18
C VAL A 104 -19.28 31.64 26.72
N THR A 105 -19.60 30.63 25.91
CA THR A 105 -20.57 29.62 26.27
C THR A 105 -19.85 28.31 26.57
N ILE A 106 -20.01 27.82 27.78
CA ILE A 106 -19.27 26.66 28.29
C ILE A 106 -20.27 25.56 28.60
N THR A 107 -20.44 24.63 27.68
CA THR A 107 -21.39 23.53 27.85
C THR A 107 -20.66 22.27 28.30
N CYS A 108 -21.13 21.68 29.39
CA CYS A 108 -20.59 20.39 29.84
C CYS A 108 -21.17 19.29 28.97
N MET A 109 -20.31 18.62 28.22
CA MET A 109 -20.75 17.61 27.25
C MET A 109 -20.51 16.18 27.72
N GLU A 110 -19.93 15.98 28.89
CA GLU A 110 -19.66 14.59 29.26
C GLU A 110 -20.12 14.24 30.67
N MET A 111 -19.99 15.15 31.63
CA MET A 111 -20.39 14.87 33.00
C MET A 111 -21.07 16.10 33.58
N ASN A 112 -22.01 15.86 34.50
CA ASN A 112 -22.80 16.90 35.18
C ASN A 112 -23.48 17.81 34.16
N CYS A 113 -24.41 17.19 33.44
CA CYS A 113 -24.84 17.62 32.12
C CYS A 113 -26.26 18.16 32.22
N GLY A 114 -26.49 19.33 31.64
CA GLY A 114 -27.81 19.93 31.76
C GLY A 114 -27.96 21.17 30.90
N THR A 115 -29.00 21.95 31.22
CA THR A 115 -29.33 23.16 30.50
C THR A 115 -28.58 24.35 31.12
N THR A 116 -28.97 25.57 30.75
CA THR A 116 -28.25 26.76 31.16
C THR A 116 -28.37 26.98 32.67
N LYS A 117 -27.24 27.17 33.33
CA LYS A 117 -27.18 27.28 34.78
C LYS A 117 -26.96 28.70 35.28
N TYR A 118 -26.11 29.49 34.61
CA TYR A 118 -25.79 30.84 35.06
C TYR A 118 -26.31 31.91 34.10
N ASN A 119 -25.83 31.91 32.85
CA ASN A 119 -26.24 32.83 31.78
C ASN A 119 -26.30 34.29 32.25
N SER A 120 -25.13 34.82 32.63
CA SER A 120 -25.05 36.17 33.17
C SER A 120 -23.88 36.92 32.56
N ASP A 121 -23.78 38.20 32.91
CA ASP A 121 -22.76 39.10 32.38
C ASP A 121 -21.70 39.36 33.45
N LEU A 122 -20.45 39.02 33.13
CA LEU A 122 -19.32 39.33 33.99
C LEU A 122 -18.66 40.61 33.53
N PRO A 123 -18.70 41.69 34.31
CA PRO A 123 -17.95 42.88 33.94
C PRO A 123 -16.46 42.63 34.09
N GLU A 124 -15.67 43.23 33.20
CA GLU A 124 -14.23 43.12 33.36
C GLU A 124 -13.79 43.96 34.54
N SER A 125 -12.93 43.38 35.36
CA SER A 125 -12.56 43.99 36.63
C SER A 125 -11.58 45.13 36.44
N ILE A 126 -10.75 45.06 35.41
CA ILE A 126 -9.78 46.10 35.12
C ILE A 126 -10.34 46.93 33.97
N HIS A 127 -10.45 48.25 34.20
CA HIS A 127 -10.89 49.31 33.29
C HIS A 127 -12.40 49.30 32.99
N LYS A 128 -13.10 48.24 33.37
CA LYS A 128 -14.57 48.11 33.27
C LYS A 128 -15.14 48.51 31.91
N SER A 129 -14.44 48.14 30.84
CA SER A 129 -14.84 48.56 29.50
C SER A 129 -15.49 47.45 28.68
N SER A 130 -15.56 46.22 29.19
CA SER A 130 -16.12 45.11 28.44
C SER A 130 -16.81 44.16 29.41
N SER A 131 -17.67 43.31 28.85
CA SER A 131 -18.42 42.34 29.65
C SER A 131 -18.40 40.98 28.96
N CYS A 132 -18.42 39.93 29.78
CA CYS A 132 -18.50 38.56 29.28
C CYS A 132 -19.91 38.02 29.54
N ASP A 133 -20.67 37.84 28.46
CA ASP A 133 -21.97 37.18 28.54
C ASP A 133 -21.70 35.68 28.55
N ILE A 134 -21.57 35.12 29.75
CA ILE A 134 -21.12 33.75 29.91
C ILE A 134 -22.32 32.87 30.26
N THR A 135 -22.50 31.79 29.50
CA THR A 135 -23.61 30.87 29.66
C THR A 135 -23.06 29.47 29.84
N ILE A 136 -23.41 28.83 30.95
CA ILE A 136 -22.93 27.49 31.28
C ILE A 136 -24.09 26.52 31.17
N ASN A 137 -23.96 25.55 30.27
CA ASN A 137 -24.97 24.50 30.09
C ASN A 137 -24.54 23.27 30.89
N GLY A 138 -24.79 23.33 32.20
CA GLY A 138 -24.45 22.22 33.06
C GLY A 138 -23.99 22.67 34.44
N SER A 139 -23.87 21.73 35.37
CA SER A 139 -23.38 22.03 36.71
C SER A 139 -21.94 21.59 36.90
N CYS A 140 -21.24 21.24 35.82
CA CYS A 140 -19.87 20.73 35.96
C CYS A 140 -18.88 21.84 36.28
N VAL A 141 -19.13 23.06 35.80
CA VAL A 141 -18.18 24.14 35.96
C VAL A 141 -18.22 24.67 37.38
N THR A 142 -17.06 24.73 38.03
CA THR A 142 -16.91 25.26 39.38
C THR A 142 -16.48 26.73 39.37
N CYS A 143 -15.54 27.10 38.50
CA CYS A 143 -15.08 28.47 38.41
C CYS A 143 -14.63 28.76 36.99
N VAL A 144 -14.71 30.04 36.61
CA VAL A 144 -14.24 30.52 35.31
C VAL A 144 -13.40 31.77 35.55
N ASN A 145 -12.17 31.76 35.05
CA ASN A 145 -11.32 32.94 35.05
C ASN A 145 -10.84 33.16 33.62
N LEU A 146 -11.19 34.30 33.04
CA LEU A 146 -10.82 34.65 31.67
C LEU A 146 -9.94 35.90 31.72
N GLU A 147 -8.63 35.71 31.59
CA GLU A 147 -7.67 36.80 31.57
C GLU A 147 -7.36 37.12 30.11
N THR A 148 -7.99 38.17 29.59
CA THR A 148 -7.82 38.54 28.20
C THR A 148 -6.64 39.49 28.03
N ASP A 149 -5.94 39.35 26.91
CA ASP A 149 -4.69 40.04 26.62
C ASP A 149 -3.68 39.93 27.77
N PRO A 150 -3.24 38.71 28.11
CA PRO A 150 -2.44 38.54 29.32
C PRO A 150 -1.03 39.05 29.14
N THR A 151 -0.51 39.65 30.22
CA THR A 151 0.88 40.11 30.21
C THR A 151 1.84 38.92 30.19
N LYS A 152 1.54 37.89 30.99
CA LYS A 152 2.47 36.75 31.14
C LYS A 152 1.93 35.47 30.49
N ILE A 153 2.72 34.90 29.57
CA ILE A 153 2.43 33.62 28.95
C ILE A 153 2.77 32.54 29.96
N ASN A 154 2.01 31.45 29.96
CA ASN A 154 2.25 30.35 30.90
C ASN A 154 3.61 29.74 30.62
N PRO A 155 4.50 29.63 31.62
CA PRO A 155 5.90 29.24 31.35
C PRO A 155 6.07 27.86 30.74
N HIS A 156 5.22 26.89 31.08
CA HIS A 156 5.31 25.56 30.52
C HIS A 156 4.36 25.34 29.35
N TYR A 157 4.03 26.39 28.60
CA TYR A 157 3.41 26.25 27.29
C TYR A 157 4.53 26.26 26.26
N LEU A 158 4.74 25.14 25.58
CA LEU A 158 5.77 25.03 24.56
C LEU A 158 5.18 25.52 23.24
N HIS A 159 5.67 26.65 22.75
CA HIS A 159 5.21 27.16 21.47
C HIS A 159 5.67 26.25 20.33
N PRO A 160 4.80 25.96 19.36
CA PRO A 160 5.20 25.12 18.23
C PRO A 160 6.30 25.78 17.40
N LYS A 161 7.15 24.94 16.82
CA LYS A 161 8.22 25.45 15.99
C LYS A 161 7.66 25.98 14.67
N ASN A 162 8.40 26.93 14.08
CA ASN A 162 8.02 27.72 12.90
C ASN A 162 6.83 28.62 13.16
N LYS A 163 6.41 28.75 14.42
CA LYS A 163 5.36 29.68 14.82
C LYS A 163 5.98 30.81 15.63
N TYR A 164 5.33 31.97 15.62
CA TYR A 164 5.82 33.17 16.30
C TYR A 164 4.75 33.65 17.27
N LEU A 165 5.12 33.76 18.54
CA LEU A 165 4.22 34.22 19.58
C LEU A 165 4.46 35.69 19.91
N TYR A 166 3.39 36.46 19.95
CA TYR A 166 3.39 37.83 20.45
C TYR A 166 2.34 37.94 21.53
N HIS A 167 2.67 38.61 22.63
CA HIS A 167 1.72 38.81 23.70
C HIS A 167 1.69 40.27 24.12
N ASN A 168 0.55 40.70 24.65
CA ASN A 168 0.41 42.07 25.13
C ASN A 168 1.30 42.28 26.36
N SER A 169 1.99 43.42 26.38
CA SER A 169 2.88 43.77 27.47
C SER A 169 2.41 44.98 28.24
N GLU A 170 1.16 45.40 28.06
CA GLU A 170 0.63 46.59 28.70
C GLU A 170 -0.46 46.20 29.69
N TYR A 171 -0.38 46.77 30.90
CA TYR A 171 -1.43 46.55 31.88
C TYR A 171 -2.73 47.25 31.49
N SER A 172 -2.65 48.30 30.66
CA SER A 172 -3.84 49.02 30.23
C SER A 172 -4.72 48.22 29.28
N MET A 173 -4.25 47.06 28.82
CA MET A 173 -4.96 46.25 27.84
C MET A 173 -5.49 44.94 28.40
N ARG A 174 -5.06 44.51 29.58
CA ARG A 174 -5.46 43.21 30.11
C ARG A 174 -6.76 43.35 30.91
N GLY A 175 -7.72 42.48 30.59
CA GLY A 175 -9.00 42.46 31.28
C GLY A 175 -9.30 41.09 31.85
N SER A 176 -9.70 41.05 33.12
CA SER A 176 -9.96 39.79 33.82
C SER A 176 -11.46 39.64 34.07
N TYR A 177 -12.01 38.51 33.64
CA TYR A 177 -13.40 38.16 33.88
C TYR A 177 -13.43 36.96 34.82
N GLY A 178 -14.11 37.10 35.95
CA GLY A 178 -14.10 36.02 36.91
C GLY A 178 -15.42 35.72 37.58
N VAL A 179 -15.75 34.44 37.66
CA VAL A 179 -16.91 33.96 38.40
C VAL A 179 -16.54 32.65 39.07
N THR A 180 -16.95 32.49 40.33
CA THR A 180 -16.80 31.22 41.04
C THR A 180 -18.16 30.83 41.61
N PHE A 181 -18.58 29.60 41.34
CA PHE A 181 -19.91 29.15 41.70
C PHE A 181 -19.96 28.48 43.06
N ILE A 182 -18.82 28.06 43.59
CA ILE A 182 -18.71 27.52 44.94
C ILE A 182 -17.80 28.44 45.74
N ASP A 183 -17.81 28.26 47.06
CA ASP A 183 -16.96 29.06 47.95
C ASP A 183 -15.53 28.57 47.78
N GLU A 184 -14.87 29.08 46.74
CA GLU A 184 -13.56 28.60 46.33
C GLU A 184 -12.45 29.64 46.46
N LEU A 185 -12.80 30.90 46.76
CA LEU A 185 -11.87 32.02 46.94
C LEU A 185 -10.95 32.20 45.73
N ASN A 186 -11.50 31.92 44.54
CA ASN A 186 -10.78 31.95 43.26
C ASN A 186 -9.54 31.06 43.32
N GLN A 187 -9.80 29.77 43.50
CA GLN A 187 -8.78 28.74 43.35
C GLN A 187 -8.66 28.26 41.91
N CYS A 188 -9.09 29.09 40.95
CA CYS A 188 -8.82 28.81 39.55
C CYS A 188 -7.33 28.88 39.24
N LEU A 189 -6.56 29.57 40.08
CA LEU A 189 -5.11 29.62 39.99
C LEU A 189 -4.54 28.21 40.08
N LEU A 190 -3.97 27.74 38.98
CA LEU A 190 -3.49 26.37 38.93
C LEU A 190 -2.21 26.21 39.75
N ASP A 191 -1.94 24.98 40.16
CA ASP A 191 -0.68 24.70 40.82
C ASP A 191 0.48 24.72 39.83
N ILE A 192 0.21 24.36 38.57
CA ILE A 192 1.09 24.54 37.39
C ILE A 192 2.31 23.61 37.50
N LYS A 193 2.34 22.75 38.53
CA LYS A 193 3.50 21.88 38.71
C LYS A 193 3.54 20.78 37.66
N GLU A 194 2.40 20.13 37.42
CA GLU A 194 2.31 19.05 36.44
C GLU A 194 1.60 19.50 35.17
N LEU A 195 1.57 20.81 34.91
CA LEU A 195 0.83 21.34 33.78
C LEU A 195 1.56 21.08 32.47
N SER A 196 0.84 20.58 31.47
CA SER A 196 1.33 20.45 30.12
C SER A 196 0.28 20.99 29.17
N TYR A 197 0.70 21.33 27.95
CA TYR A 197 -0.20 21.94 26.98
C TYR A 197 -0.12 21.18 25.67
N ASP A 198 -1.29 20.96 25.06
CA ASP A 198 -1.40 20.31 23.77
C ASP A 198 -2.12 21.24 22.81
N ILE A 199 -1.58 21.37 21.60
CA ILE A 199 -2.17 22.23 20.58
C ILE A 199 -3.39 21.55 19.98
N CYS A 200 -4.45 22.32 19.77
CA CYS A 200 -5.71 21.79 19.31
C CYS A 200 -5.66 21.45 17.81
N TYR A 201 -6.72 20.80 17.34
CA TYR A 201 -6.87 20.37 15.92
C TYR A 201 -7.85 21.34 15.21
N ARG A 202 -7.89 21.31 13.88
CA ARG A 202 -8.77 22.13 12.98
C ARG A 202 -8.48 23.63 13.14
N GLU A 203 -7.22 23.99 13.40
CA GLU A 203 -6.87 25.42 13.56
C GLU A 203 -6.93 26.12 12.19
N TYR B 3 13.82 34.73 -40.89
CA TYR B 3 13.87 33.96 -39.65
C TYR B 3 14.05 34.87 -38.44
N LYS B 4 13.22 34.67 -37.42
CA LYS B 4 13.28 35.46 -36.20
C LYS B 4 13.22 34.53 -34.99
N ASN B 5 14.04 34.85 -33.99
CA ASN B 5 14.09 34.04 -32.77
C ASN B 5 12.81 34.20 -31.97
N THR B 6 12.23 33.09 -31.55
CA THR B 6 10.98 33.09 -30.80
C THR B 6 11.19 32.48 -29.42
N ILE B 7 10.13 32.52 -28.63
CA ILE B 7 10.06 31.82 -27.36
C ILE B 7 9.49 30.43 -27.60
N CYS B 8 10.05 29.42 -26.94
CA CYS B 8 9.59 28.05 -27.11
C CYS B 8 8.22 27.86 -26.46
N PRO B 9 7.50 26.81 -26.85
CA PRO B 9 6.29 26.45 -26.13
C PRO B 9 6.63 26.04 -24.69
N PRO B 10 5.71 26.27 -23.76
CA PRO B 10 6.02 26.02 -22.35
C PRO B 10 6.24 24.54 -22.06
N ARG B 11 7.05 24.28 -21.04
CA ARG B 11 7.42 22.94 -20.63
C ARG B 11 7.00 22.72 -19.18
N GLN B 12 6.96 21.44 -18.78
CA GLN B 12 6.68 21.12 -17.39
C GLN B 12 7.87 21.47 -16.50
N ASP B 13 9.08 21.16 -16.96
CA ASP B 13 10.30 21.44 -16.22
C ASP B 13 11.28 22.08 -17.18
N TYR B 14 11.94 23.16 -16.75
CA TYR B 14 12.87 23.92 -17.56
C TYR B 14 14.26 23.74 -16.96
N ARG B 15 15.27 23.47 -17.80
CA ARG B 15 16.62 23.34 -17.28
C ARG B 15 17.54 24.48 -17.65
N TYR B 16 17.11 25.43 -18.47
CA TYR B 16 17.95 26.55 -18.87
C TYR B 16 17.37 27.81 -18.24
N TRP B 17 18.00 28.25 -17.16
CA TRP B 17 17.52 29.34 -16.33
C TRP B 17 18.40 30.57 -16.58
N TYR B 18 17.79 31.74 -16.61
CA TYR B 18 18.50 32.99 -16.83
C TYR B 18 18.21 33.94 -15.68
N PHE B 19 19.27 34.39 -15.00
CA PHE B 19 19.13 35.25 -13.83
C PHE B 19 18.65 36.63 -14.27
N VAL B 20 17.35 36.87 -14.11
CA VAL B 20 16.73 38.08 -14.65
C VAL B 20 16.67 39.21 -13.62
N ALA B 21 16.53 38.89 -12.33
CA ALA B 21 16.23 39.93 -11.35
C ALA B 21 16.62 39.45 -9.96
N GLU B 22 17.21 40.36 -9.19
CA GLU B 22 17.52 40.14 -7.78
C GLU B 22 16.60 41.06 -6.99
N LEU B 23 15.53 40.49 -6.45
CA LEU B 23 14.51 41.25 -5.74
C LEU B 23 14.70 41.07 -4.24
N THR B 24 14.87 42.18 -3.53
CA THR B 24 15.07 42.16 -2.08
C THR B 24 13.97 42.99 -1.44
N ILE B 25 13.25 42.39 -0.49
CA ILE B 25 12.14 43.03 0.20
C ILE B 25 12.41 42.96 1.70
N GLY B 26 12.51 44.12 2.34
CA GLY B 26 12.62 44.17 3.78
C GLY B 26 11.26 44.31 4.45
N VAL B 27 11.08 43.60 5.55
CA VAL B 27 9.80 43.56 6.25
C VAL B 27 10.04 43.86 7.73
N ASN B 28 9.06 44.51 8.34
CA ASN B 28 9.15 44.82 9.76
C ASN B 28 8.82 43.63 10.64
N TYR B 29 7.93 42.75 10.20
CA TYR B 29 7.62 41.56 10.97
C TYR B 29 8.75 40.54 10.85
N ASP B 30 8.85 39.66 11.84
CA ASP B 30 10.01 38.80 11.99
C ASP B 30 9.90 37.54 11.14
N ILE B 31 10.93 37.29 10.34
CA ILE B 31 11.15 36.01 9.69
C ILE B 31 12.51 35.51 10.14
N ASN B 32 12.56 34.28 10.65
CA ASN B 32 13.80 33.78 11.25
C ASN B 32 14.81 33.34 10.18
N SER B 33 14.46 32.33 9.39
CA SER B 33 15.40 31.78 8.42
C SER B 33 14.62 31.12 7.30
N THR B 34 15.36 30.61 6.31
CA THR B 34 14.75 30.00 5.14
C THR B 34 14.07 28.68 5.50
N ILE B 35 12.86 28.49 4.98
CA ILE B 35 12.09 27.27 5.18
C ILE B 35 11.99 26.55 3.85
N ILE B 36 12.34 25.26 3.85
CA ILE B 36 12.33 24.48 2.62
C ILE B 36 10.89 24.22 2.20
N GLY B 37 10.59 24.49 0.92
CA GLY B 37 9.25 24.30 0.40
C GLY B 37 8.27 25.41 0.71
N GLU B 38 8.74 26.53 1.25
CA GLU B 38 7.83 27.61 1.62
C GLU B 38 7.29 28.34 0.39
N CYS B 39 8.16 28.67 -0.56
CA CYS B 39 7.76 29.50 -1.69
C CYS B 39 6.97 28.69 -2.71
N HIS B 40 5.82 29.23 -3.12
CA HIS B 40 4.98 28.63 -4.14
C HIS B 40 4.77 29.66 -5.23
N MET B 41 5.30 29.40 -6.42
CA MET B 41 5.24 30.36 -7.51
C MET B 41 4.35 29.85 -8.63
N SER B 42 3.71 30.80 -9.32
CA SER B 42 2.87 30.50 -10.47
C SER B 42 3.24 31.46 -11.59
N GLU B 43 3.46 30.93 -12.78
CA GLU B 43 3.94 31.69 -13.91
C GLU B 43 2.91 31.68 -15.04
N SER B 44 2.88 32.77 -15.81
CA SER B 44 1.94 32.89 -16.92
C SER B 44 2.53 33.84 -17.95
N TYR B 45 2.57 33.42 -19.20
CA TYR B 45 3.05 34.24 -20.31
C TYR B 45 1.86 34.51 -21.24
N ILE B 46 1.25 35.68 -21.09
CA ILE B 46 0.05 36.03 -21.84
C ILE B 46 0.25 37.38 -22.52
N ASP B 47 0.19 37.37 -23.85
CA ASP B 47 0.31 38.56 -24.73
C ASP B 47 1.64 39.24 -24.39
N ARG B 48 2.72 38.47 -24.63
CA ARG B 48 4.12 38.87 -24.48
C ARG B 48 4.43 39.48 -23.11
N ASN B 49 3.69 39.07 -22.08
CA ASN B 49 3.87 39.57 -20.72
C ASN B 49 4.14 38.38 -19.81
N ALA B 50 5.27 38.41 -19.11
CA ALA B 50 5.68 37.33 -18.24
C ALA B 50 5.36 37.72 -16.81
N ASN B 51 4.39 37.03 -16.20
CA ASN B 51 3.95 37.32 -14.85
C ASN B 51 4.28 36.14 -13.96
N ILE B 52 4.86 36.41 -12.80
CA ILE B 52 5.15 35.39 -11.80
C ILE B 52 4.54 35.82 -10.47
N VAL B 53 3.81 34.91 -9.84
CA VAL B 53 3.16 35.18 -8.57
C VAL B 53 3.68 34.17 -7.58
N LEU B 54 4.53 34.61 -6.65
CA LEU B 54 5.14 33.72 -5.68
C LEU B 54 4.73 34.12 -4.28
N THR B 55 4.21 33.15 -3.52
CA THR B 55 3.74 33.37 -2.16
C THR B 55 4.68 32.67 -1.20
N GLY B 56 5.27 33.44 -0.28
CA GLY B 56 6.17 32.86 0.69
C GLY B 56 6.60 33.84 1.76
N TYR B 57 6.71 33.34 3.00
CA TYR B 57 7.18 34.11 4.16
C TYR B 57 6.29 35.32 4.41
N GLY B 58 4.99 35.15 4.21
CA GLY B 58 4.03 36.21 4.47
C GLY B 58 3.92 37.27 3.39
N LEU B 59 4.45 37.02 2.20
CA LEU B 59 4.42 37.99 1.12
C LEU B 59 3.97 37.31 -0.16
N LYS B 60 3.06 37.96 -0.89
CA LYS B 60 2.70 37.54 -2.24
C LYS B 60 3.23 38.60 -3.20
N ILE B 61 4.17 38.19 -4.05
CA ILE B 61 4.86 39.09 -4.97
C ILE B 61 4.37 38.77 -6.38
N ASN B 62 3.76 39.76 -7.03
CA ASN B 62 3.22 39.60 -8.38
C ASN B 62 4.06 40.52 -9.26
N MET B 63 5.06 39.95 -9.94
CA MET B 63 5.95 40.70 -10.82
C MET B 63 5.60 40.39 -12.26
N THR B 64 5.39 41.44 -13.06
CA THR B 64 5.02 41.30 -14.47
C THR B 64 6.02 42.09 -15.30
N ILE B 65 6.65 41.43 -16.27
CA ILE B 65 7.53 42.09 -17.23
C ILE B 65 6.75 42.24 -18.53
N MET B 66 6.65 43.47 -19.02
CA MET B 66 5.78 43.80 -20.13
C MET B 66 6.56 43.93 -21.43
N ASP B 67 5.94 43.44 -22.52
CA ASP B 67 6.46 43.53 -23.89
C ASP B 67 7.83 42.84 -23.97
N THR B 68 7.85 41.55 -23.64
CA THR B 68 9.08 40.79 -23.56
C THR B 68 8.92 39.46 -24.29
N ASP B 69 10.06 38.89 -24.69
CA ASP B 69 10.10 37.64 -25.41
C ASP B 69 10.59 36.48 -24.55
N GLN B 70 10.61 36.65 -23.23
CA GLN B 70 11.07 35.63 -22.31
C GLN B 70 10.03 35.40 -21.23
N ARG B 71 9.75 34.14 -20.93
CA ARG B 71 8.83 33.77 -19.87
C ARG B 71 9.63 33.28 -18.67
N PHE B 72 9.06 33.50 -17.47
CA PHE B 72 9.72 33.05 -16.26
C PHE B 72 9.79 31.53 -16.22
N VAL B 73 10.84 31.00 -15.60
CA VAL B 73 11.03 29.57 -15.46
C VAL B 73 11.03 29.12 -14.00
N ALA B 74 11.61 29.94 -13.11
CA ALA B 74 11.86 29.50 -11.75
C ALA B 74 12.01 30.71 -10.83
N ALA B 75 11.99 30.45 -9.54
CA ALA B 75 12.24 31.47 -8.54
C ALA B 75 12.89 30.81 -7.32
N ALA B 76 13.61 31.61 -6.55
CA ALA B 76 14.22 31.15 -5.31
C ALA B 76 14.10 32.23 -4.26
N GLU B 77 13.53 31.89 -3.11
CA GLU B 77 13.29 32.83 -2.03
C GLU B 77 14.13 32.43 -0.82
N GLY B 78 14.87 33.38 -0.27
CA GLY B 78 15.66 33.15 0.91
C GLY B 78 15.49 34.27 1.91
N VAL B 79 15.72 33.94 3.18
CA VAL B 79 15.56 34.88 4.28
C VAL B 79 16.95 35.22 4.82
N GLY B 80 17.25 36.52 4.87
CA GLY B 80 18.50 36.99 5.44
C GLY B 80 18.32 37.51 6.86
N LYS B 81 19.43 37.97 7.42
CA LYS B 81 19.40 38.58 8.74
C LYS B 81 18.76 39.97 8.64
N ASP B 82 18.22 40.43 9.78
CA ASP B 82 17.46 41.69 9.89
C ASP B 82 16.21 41.68 9.00
N ASN B 83 15.60 40.50 8.87
CA ASN B 83 14.31 40.29 8.20
C ASN B 83 14.33 40.65 6.72
N LYS B 84 15.50 40.73 6.10
CA LYS B 84 15.57 40.97 4.66
C LYS B 84 15.22 39.69 3.92
N LEU B 85 14.34 39.81 2.93
CA LEU B 85 13.91 38.67 2.11
C LEU B 85 14.46 38.85 0.71
N SER B 86 15.26 37.90 0.26
CA SER B 86 15.90 37.95 -1.04
C SER B 86 15.21 36.99 -1.99
N VAL B 87 14.81 37.49 -3.15
CA VAL B 87 14.12 36.70 -4.17
C VAL B 87 14.99 36.69 -5.42
N LEU B 88 15.36 35.50 -5.88
CA LEU B 88 16.07 35.33 -7.13
C LEU B 88 15.10 34.78 -8.16
N LEU B 89 15.01 35.45 -9.31
CA LEU B 89 14.03 35.14 -10.34
C LEU B 89 14.75 34.73 -11.62
N PHE B 90 14.13 33.81 -12.36
CA PHE B 90 14.77 33.22 -13.53
C PHE B 90 13.78 33.14 -14.69
N THR B 91 14.24 33.51 -15.89
CA THR B 91 13.50 33.30 -17.13
C THR B 91 14.28 32.40 -18.08
N THR B 92 13.72 32.23 -19.29
CA THR B 92 14.28 31.33 -20.31
C THR B 92 15.65 31.77 -20.80
N GLN B 93 15.70 32.91 -21.49
CA GLN B 93 16.93 33.44 -22.07
C GLN B 93 16.66 34.88 -22.50
N ARG B 94 17.75 35.62 -22.72
CA ARG B 94 17.66 37.04 -23.08
C ARG B 94 17.75 37.15 -24.60
N LEU B 95 16.59 37.13 -25.26
CA LEU B 95 16.56 37.24 -26.71
C LEU B 95 16.87 38.66 -27.17
N ASP B 96 16.29 39.66 -26.50
CA ASP B 96 16.50 41.05 -26.85
C ASP B 96 17.27 41.79 -25.76
N LYS B 97 18.17 42.67 -26.18
CA LYS B 97 19.01 43.43 -25.25
C LYS B 97 18.44 44.83 -25.04
N VAL B 98 17.24 44.88 -24.46
CA VAL B 98 16.55 46.14 -24.19
C VAL B 98 15.92 46.05 -22.80
N HIS B 99 15.74 47.21 -22.18
CA HIS B 99 15.08 47.29 -20.88
C HIS B 99 13.58 47.22 -21.05
N HIS B 100 12.92 46.56 -20.10
CA HIS B 100 11.48 46.32 -20.18
C HIS B 100 10.79 46.95 -18.97
N ASN B 101 9.61 47.51 -19.22
CA ASN B 101 8.80 48.07 -18.14
C ASN B 101 8.25 46.94 -17.28
N ILE B 102 8.29 47.13 -15.97
CA ILE B 102 7.91 46.11 -14.99
C ILE B 102 6.82 46.67 -14.09
N SER B 103 5.97 45.79 -13.60
CA SER B 103 5.00 46.12 -12.56
C SER B 103 5.04 45.02 -11.51
N VAL B 104 5.46 45.35 -10.29
CA VAL B 104 5.62 44.37 -9.22
C VAL B 104 4.66 44.72 -8.08
N THR B 105 3.74 43.82 -7.78
CA THR B 105 2.75 44.02 -6.74
C THR B 105 3.08 43.14 -5.54
N ILE B 106 3.31 43.76 -4.39
CA ILE B 106 3.80 43.08 -3.20
C ILE B 106 2.74 43.22 -2.12
N THR B 107 1.91 42.20 -1.95
CA THR B 107 0.83 42.22 -0.96
C THR B 107 1.27 41.46 0.28
N CYS B 108 1.16 42.11 1.44
CA CYS B 108 1.40 41.43 2.71
C CYS B 108 0.19 40.57 3.06
N MET B 109 0.40 39.25 3.09
CA MET B 109 -0.70 38.31 3.30
C MET B 109 -0.73 37.72 4.70
N GLU B 110 0.20 38.08 5.58
CA GLU B 110 0.15 37.44 6.89
C GLU B 110 0.25 38.41 8.06
N MET B 111 1.04 39.47 7.94
CA MET B 111 1.20 40.44 9.01
C MET B 111 1.25 41.84 8.42
N ASN B 112 0.77 42.81 9.20
CA ASN B 112 0.70 44.24 8.83
C ASN B 112 -0.03 44.40 7.49
N CYS B 113 -1.32 44.09 7.55
CA CYS B 113 -2.11 43.67 6.41
C CYS B 113 -3.10 44.77 6.08
N GLY B 114 -3.19 45.14 4.80
CA GLY B 114 -4.07 46.24 4.43
C GLY B 114 -4.18 46.41 2.94
N THR B 115 -4.69 47.58 2.55
CA THR B 115 -4.90 47.94 1.16
C THR B 115 -3.63 48.60 0.60
N THR B 116 -3.74 49.21 -0.58
CA THR B 116 -2.58 49.75 -1.27
C THR B 116 -1.99 50.92 -0.51
N LYS B 117 -0.68 50.86 -0.28
CA LYS B 117 0.02 51.85 0.54
C LYS B 117 0.86 52.82 -0.28
N TYR B 118 1.55 52.36 -1.33
CA TYR B 118 2.41 53.22 -2.12
C TYR B 118 1.90 53.43 -3.54
N ASN B 119 1.79 52.35 -4.32
CA ASN B 119 1.26 52.36 -5.70
C ASN B 119 1.86 53.48 -6.55
N SER B 120 3.18 53.41 -6.77
CA SER B 120 3.89 54.44 -7.48
C SER B 120 4.87 53.83 -8.48
N ASP B 121 5.50 54.70 -9.27
CA ASP B 121 6.41 54.30 -10.32
C ASP B 121 7.85 54.58 -9.89
N LEU B 122 8.67 53.54 -9.85
CA LEU B 122 10.09 53.69 -9.59
C LEU B 122 10.86 53.72 -10.90
N PRO B 123 11.49 54.83 -11.26
CA PRO B 123 12.34 54.84 -12.45
C PRO B 123 13.60 54.03 -12.19
N GLU B 124 14.07 53.33 -13.24
CA GLU B 124 15.34 52.62 -13.09
C GLU B 124 16.48 53.63 -13.02
N SER B 125 17.37 53.41 -12.07
CA SER B 125 18.41 54.39 -11.78
C SER B 125 19.52 54.36 -12.81
N ILE B 126 19.77 53.21 -13.42
CA ILE B 126 20.79 53.07 -14.44
C ILE B 126 20.08 53.04 -15.79
N HIS B 127 20.49 53.96 -16.69
CA HIS B 127 20.05 54.16 -18.07
C HIS B 127 18.65 54.75 -18.20
N LYS B 128 17.87 54.80 -17.12
CA LYS B 128 16.54 55.44 -17.05
C LYS B 128 15.61 55.05 -18.18
N SER B 129 15.64 53.77 -18.58
CA SER B 129 14.86 53.33 -19.72
C SER B 129 13.61 52.53 -19.36
N SER B 130 13.39 52.25 -18.08
CA SER B 130 12.26 51.45 -17.65
C SER B 130 11.78 51.94 -16.29
N SER B 131 10.54 51.56 -15.95
CA SER B 131 9.95 51.97 -14.68
C SER B 131 9.26 50.77 -14.03
N CYS B 132 9.26 50.75 -12.71
CA CYS B 132 8.56 49.74 -11.93
C CYS B 132 7.30 50.34 -11.32
N ASP B 133 6.14 49.94 -11.83
CA ASP B 133 4.86 50.32 -11.23
C ASP B 133 4.63 49.38 -10.05
N ILE B 134 5.08 49.80 -8.88
CA ILE B 134 5.10 48.94 -7.71
C ILE B 134 3.97 49.32 -6.77
N THR B 135 3.16 48.33 -6.40
CA THR B 135 1.99 48.52 -5.54
C THR B 135 2.10 47.60 -4.35
N ILE B 136 2.08 48.18 -3.15
CA ILE B 136 2.22 47.42 -1.91
C ILE B 136 0.88 47.43 -1.18
N ASN B 137 0.31 46.25 -0.98
CA ASN B 137 -0.95 46.10 -0.25
C ASN B 137 -0.62 45.75 1.20
N GLY B 138 -0.26 46.76 1.98
CA GLY B 138 0.05 46.57 3.38
C GLY B 138 1.17 47.47 3.86
N SER B 139 1.37 47.53 5.17
CA SER B 139 2.45 48.30 5.76
C SER B 139 3.62 47.45 6.19
N CYS B 140 3.65 46.17 5.78
CA CYS B 140 4.71 45.28 6.22
C CYS B 140 6.03 45.56 5.52
N VAL B 141 5.99 46.03 4.28
CA VAL B 141 7.21 46.22 3.50
C VAL B 141 7.94 47.47 3.99
N THR B 142 9.22 47.31 4.30
CA THR B 142 10.09 48.41 4.72
C THR B 142 10.90 48.96 3.56
N CYS B 143 11.44 48.10 2.70
CA CYS B 143 12.22 48.54 1.56
C CYS B 143 12.09 47.52 0.44
N VAL B 144 12.25 47.99 -0.80
CA VAL B 144 12.26 47.15 -1.99
C VAL B 144 13.46 47.54 -2.83
N ASN B 145 14.29 46.56 -3.17
CA ASN B 145 15.38 46.75 -4.12
C ASN B 145 15.25 45.67 -5.19
N LEU B 146 15.06 46.09 -6.44
CA LEU B 146 14.90 45.17 -7.56
C LEU B 146 16.05 45.42 -8.54
N GLU B 147 17.05 44.55 -8.50
CA GLU B 147 18.21 44.61 -9.40
C GLU B 147 17.94 43.67 -10.55
N THR B 148 17.52 44.21 -11.69
CA THR B 148 17.18 43.40 -12.85
C THR B 148 18.40 43.18 -13.73
N ASP B 149 18.48 41.99 -14.32
CA ASP B 149 19.64 41.52 -15.07
C ASP B 149 20.95 41.69 -14.31
N PRO B 150 21.09 41.03 -13.16
CA PRO B 150 22.23 41.32 -12.27
C PRO B 150 23.52 40.74 -12.82
N THR B 151 24.61 41.50 -12.64
CA THR B 151 25.92 41.01 -13.04
C THR B 151 26.36 39.86 -12.14
N LYS B 152 26.12 39.99 -10.84
CA LYS B 152 26.63 38.98 -9.87
C LYS B 152 25.50 38.15 -9.26
N ILE B 153 25.60 36.83 -9.40
CA ILE B 153 24.70 35.88 -8.78
C ILE B 153 25.09 35.78 -7.30
N ASN B 154 24.10 35.60 -6.43
CA ASN B 154 24.36 35.50 -5.00
C ASN B 154 25.21 34.26 -4.71
N PRO B 155 26.36 34.41 -4.03
CA PRO B 155 27.32 33.28 -3.93
C PRO B 155 26.77 32.05 -3.23
N HIS B 156 25.90 32.20 -2.24
CA HIS B 156 25.32 31.07 -1.54
C HIS B 156 23.95 30.68 -2.07
N TYR B 157 23.68 30.91 -3.35
CA TYR B 157 22.55 30.30 -4.04
C TYR B 157 23.07 29.04 -4.72
N LEU B 158 22.61 27.88 -4.26
CA LEU B 158 23.02 26.61 -4.83
C LEU B 158 22.11 26.30 -6.02
N HIS B 159 22.67 26.33 -7.22
CA HIS B 159 21.89 26.00 -8.41
C HIS B 159 21.52 24.52 -8.41
N PRO B 160 20.28 24.19 -8.77
CA PRO B 160 19.87 22.78 -8.81
C PRO B 160 20.66 22.01 -9.87
N LYS B 161 20.88 20.73 -9.60
CA LYS B 161 21.60 19.89 -10.54
C LYS B 161 20.72 19.60 -11.75
N ASN B 162 21.39 19.33 -12.88
CA ASN B 162 20.83 19.17 -14.22
C ASN B 162 20.19 20.46 -14.74
N LYS B 163 20.40 21.57 -14.05
CA LYS B 163 19.98 22.89 -14.51
C LYS B 163 21.21 23.71 -14.90
N TYR B 164 21.00 24.66 -15.80
CA TYR B 164 22.07 25.49 -16.33
C TYR B 164 21.73 26.95 -16.09
N LEU B 165 22.61 27.67 -15.40
CA LEU B 165 22.43 29.08 -15.09
C LEU B 165 23.23 29.95 -16.04
N TYR B 166 22.57 30.96 -16.59
CA TYR B 166 23.21 32.02 -17.36
C TYR B 166 22.81 33.35 -16.76
N HIS B 167 23.76 34.26 -16.61
CA HIS B 167 23.47 35.58 -16.07
C HIS B 167 24.08 36.65 -16.95
N ASN B 168 23.47 37.83 -16.94
CA ASN B 168 23.98 38.95 -17.71
C ASN B 168 25.32 39.41 -17.15
N SER B 169 26.27 39.67 -18.04
CA SER B 169 27.60 40.11 -17.66
C SER B 169 27.91 41.53 -18.12
N GLU B 170 26.90 42.29 -18.53
CA GLU B 170 27.07 43.63 -19.06
C GLU B 170 26.46 44.64 -18.11
N TYR B 171 27.20 45.71 -17.82
CA TYR B 171 26.66 46.80 -17.00
C TYR B 171 25.60 47.59 -17.77
N SER B 172 25.64 47.56 -19.10
CA SER B 172 24.67 48.28 -19.91
C SER B 172 23.27 47.69 -19.84
N MET B 173 23.12 46.52 -19.24
CA MET B 173 21.84 45.82 -19.18
C MET B 173 21.22 45.75 -17.80
N ARG B 174 21.96 46.07 -16.74
CA ARG B 174 21.44 45.94 -15.39
C ARG B 174 20.72 47.22 -14.96
N GLY B 175 19.49 47.05 -14.46
CA GLY B 175 18.70 48.16 -13.98
C GLY B 175 18.25 47.96 -12.55
N SER B 176 18.43 48.98 -11.72
CA SER B 176 18.13 48.91 -10.30
C SER B 176 16.92 49.77 -9.99
N TYR B 177 15.92 49.17 -9.35
CA TYR B 177 14.72 49.87 -8.89
C TYR B 177 14.73 49.86 -7.36
N GLY B 178 14.67 51.04 -6.76
CA GLY B 178 14.76 51.09 -5.31
C GLY B 178 13.83 52.06 -4.64
N VAL B 179 13.18 51.59 -3.57
CA VAL B 179 12.37 52.44 -2.72
C VAL B 179 12.55 51.98 -1.28
N THR B 180 12.69 52.93 -0.36
CA THR B 180 12.73 52.66 1.07
C THR B 180 11.69 53.53 1.76
N PHE B 181 10.84 52.91 2.57
CA PHE B 181 9.72 53.61 3.18
C PHE B 181 10.05 54.17 4.56
N ILE B 182 11.11 53.70 5.19
CA ILE B 182 11.61 54.24 6.44
C ILE B 182 13.01 54.79 6.19
N ASP B 183 13.52 55.56 7.15
CA ASP B 183 14.86 56.14 7.04
C ASP B 183 15.85 55.02 7.30
N GLU B 184 16.13 54.25 6.24
CA GLU B 184 16.92 53.04 6.33
C GLU B 184 18.23 53.11 5.56
N LEU B 185 18.46 54.16 4.77
CA LEU B 185 19.68 54.38 3.97
C LEU B 185 20.00 53.20 3.07
N ASN B 186 18.94 52.56 2.56
CA ASN B 186 19.01 51.36 1.73
C ASN B 186 19.83 50.26 2.43
N GLN B 187 19.28 49.82 3.57
CA GLN B 187 19.77 48.64 4.25
C GLN B 187 19.11 47.37 3.73
N CYS B 188 18.59 47.40 2.50
CA CYS B 188 18.14 46.18 1.84
C CYS B 188 19.30 45.24 1.57
N LEU B 189 20.52 45.76 1.52
CA LEU B 189 21.74 44.98 1.40
C LEU B 189 21.82 43.97 2.54
N LEU B 190 21.69 42.69 2.21
CA LEU B 190 21.65 41.66 3.24
C LEU B 190 23.04 41.46 3.85
N ASP B 191 23.06 40.92 5.07
CA ASP B 191 24.34 40.55 5.66
C ASP B 191 24.91 39.29 5.01
N ILE B 192 24.03 38.41 4.50
CA ILE B 192 24.33 37.27 3.62
C ILE B 192 25.13 36.20 4.39
N LYS B 193 25.33 36.40 5.70
CA LYS B 193 26.12 35.45 6.46
C LYS B 193 25.37 34.14 6.68
N GLU B 194 24.10 34.23 7.07
CA GLU B 194 23.28 33.05 7.30
C GLU B 194 22.27 32.82 6.17
N LEU B 195 22.53 33.37 4.99
CA LEU B 195 21.58 33.30 3.90
C LEU B 195 21.58 31.91 3.28
N SER B 196 20.39 31.37 3.06
CA SER B 196 20.18 30.13 2.32
C SER B 196 19.05 30.36 1.33
N TYR B 197 19.01 29.52 0.29
CA TYR B 197 18.03 29.67 -0.76
C TYR B 197 17.28 28.36 -0.99
N ASP B 198 15.97 28.45 -1.15
CA ASP B 198 15.12 27.31 -1.44
C ASP B 198 14.39 27.55 -2.75
N ILE B 199 14.37 26.54 -3.61
CA ILE B 199 13.71 26.65 -4.90
C ILE B 199 12.21 26.52 -4.72
N CYS B 200 11.45 27.35 -5.43
CA CYS B 200 10.01 27.42 -5.27
C CYS B 200 9.33 26.22 -5.93
N TYR B 201 8.04 26.07 -5.62
CA TYR B 201 7.23 24.97 -6.10
C TYR B 201 6.34 25.47 -7.25
N ARG B 202 5.88 24.59 -8.16
CA ARG B 202 4.99 24.84 -9.32
C ARG B 202 5.73 25.63 -10.37
N GLU B 203 6.94 25.21 -10.66
CA GLU B 203 7.73 25.95 -11.63
C GLU B 203 7.51 25.41 -13.04
N TYR C 3 4.53 -15.68 -52.76
CA TYR C 3 4.89 -15.30 -51.39
C TYR C 3 5.84 -14.11 -51.38
N LYS C 4 5.52 -13.11 -50.58
CA LYS C 4 6.34 -11.90 -50.45
C LYS C 4 6.55 -11.58 -48.98
N ASN C 5 7.77 -11.17 -48.64
CA ASN C 5 8.09 -10.83 -47.26
C ASN C 5 7.42 -9.53 -46.86
N THR C 6 6.77 -9.54 -45.70
CA THR C 6 6.03 -8.38 -45.20
C THR C 6 6.62 -7.91 -43.88
N ILE C 7 6.07 -6.80 -43.40
CA ILE C 7 6.37 -6.30 -42.07
C ILE C 7 5.34 -6.89 -41.10
N CYS C 8 5.81 -7.29 -39.92
CA CYS C 8 4.92 -7.89 -38.93
C CYS C 8 3.99 -6.84 -38.33
N PRO C 9 2.88 -7.27 -37.72
CA PRO C 9 2.07 -6.34 -36.95
C PRO C 9 2.86 -5.80 -35.77
N PRO C 10 2.56 -4.56 -35.34
CA PRO C 10 3.36 -3.94 -34.29
C PRO C 10 3.22 -4.65 -32.95
N ARG C 11 4.28 -4.55 -32.15
CA ARG C 11 4.36 -5.18 -30.85
C ARG C 11 4.56 -4.12 -29.77
N GLN C 12 4.31 -4.51 -28.52
CA GLN C 12 4.59 -3.62 -27.41
C GLN C 12 6.09 -3.47 -27.17
N ASP C 13 6.82 -4.58 -27.26
CA ASP C 13 8.26 -4.60 -27.05
C ASP C 13 8.87 -5.41 -28.18
N TYR C 14 9.94 -4.88 -28.79
CA TYR C 14 10.61 -5.52 -29.92
C TYR C 14 11.99 -5.96 -29.45
N ARG C 15 12.39 -7.19 -29.78
CA ARG C 15 13.73 -7.63 -29.39
C ARG C 15 14.70 -7.76 -30.55
N TYR C 16 14.26 -7.57 -31.79
CA TYR C 16 15.14 -7.68 -32.95
C TYR C 16 15.31 -6.28 -33.54
N TRP C 17 16.45 -5.67 -33.25
CA TRP C 17 16.74 -4.28 -33.59
C TRP C 17 17.74 -4.27 -34.73
N TYR C 18 17.56 -3.33 -35.67
CA TYR C 18 18.45 -3.20 -36.82
C TYR C 18 18.99 -1.78 -36.85
N PHE C 19 20.32 -1.65 -36.82
CA PHE C 19 20.98 -0.35 -36.78
C PHE C 19 20.80 0.35 -38.12
N VAL C 20 19.84 1.28 -38.18
CA VAL C 20 19.45 1.89 -39.45
C VAL C 20 20.19 3.21 -39.70
N ALA C 21 20.53 3.97 -38.67
CA ALA C 21 21.03 5.32 -38.87
C ALA C 21 21.82 5.77 -37.66
N GLU C 22 22.93 6.44 -37.91
CA GLU C 22 23.74 7.10 -36.90
C GLU C 22 23.58 8.60 -37.11
N LEU C 23 22.74 9.23 -36.29
CA LEU C 23 22.41 10.64 -36.42
C LEU C 23 23.17 11.43 -35.38
N THR C 24 23.96 12.40 -35.82
CA THR C 24 24.75 13.24 -34.93
C THR C 24 24.35 14.69 -35.16
N ILE C 25 23.98 15.37 -34.08
CA ILE C 25 23.53 16.76 -34.13
C ILE C 25 24.39 17.57 -33.17
N GLY C 26 25.10 18.56 -33.69
CA GLY C 26 25.84 19.48 -32.85
C GLY C 26 25.02 20.71 -32.51
N VAL C 27 25.14 21.15 -31.26
CA VAL C 27 24.35 22.28 -30.77
C VAL C 27 25.28 23.29 -30.11
N ASN C 28 24.91 24.57 -30.22
CA ASN C 28 25.71 25.62 -29.60
C ASN C 28 25.44 25.74 -28.11
N TYR C 29 24.22 25.45 -27.66
CA TYR C 29 23.94 25.49 -26.23
C TYR C 29 24.53 24.26 -25.54
N ASP C 30 24.78 24.39 -24.24
CA ASP C 30 25.57 23.42 -23.50
C ASP C 30 24.72 22.26 -23.02
N ILE C 31 25.17 21.05 -23.35
CA ILE C 31 24.69 19.81 -22.74
C ILE C 31 25.89 19.12 -22.10
N ASN C 32 25.78 18.78 -20.82
CA ASN C 32 26.93 18.25 -20.10
C ASN C 32 27.19 16.79 -20.44
N SER C 33 26.24 15.90 -20.13
CA SER C 33 26.46 14.48 -20.31
C SER C 33 25.10 13.79 -20.45
N THR C 34 25.14 12.48 -20.66
CA THR C 34 23.94 11.70 -20.89
C THR C 34 23.12 11.61 -19.61
N ILE C 35 21.80 11.80 -19.74
CA ILE C 35 20.86 11.69 -18.62
C ILE C 35 19.98 10.48 -18.86
N ILE C 36 19.88 9.61 -17.85
CA ILE C 36 19.10 8.39 -17.99
C ILE C 36 17.62 8.74 -18.00
N GLY C 37 16.89 8.20 -18.98
CA GLY C 37 15.47 8.45 -19.12
C GLY C 37 15.11 9.77 -19.76
N GLU C 38 16.09 10.48 -20.34
CA GLU C 38 15.81 11.78 -20.94
C GLU C 38 15.04 11.64 -22.25
N CYS C 39 15.46 10.72 -23.12
CA CYS C 39 14.89 10.63 -24.45
C CYS C 39 13.52 9.96 -24.41
N HIS C 40 12.53 10.58 -25.04
CA HIS C 40 11.19 10.03 -25.17
C HIS C 40 10.86 9.97 -26.66
N MET C 41 10.70 8.77 -27.19
CA MET C 41 10.48 8.58 -28.62
C MET C 41 9.08 8.06 -28.88
N SER C 42 8.52 8.43 -30.02
CA SER C 42 7.22 7.95 -30.47
C SER C 42 7.33 7.53 -31.92
N GLU C 43 6.84 6.34 -32.24
CA GLU C 43 6.98 5.75 -33.55
C GLU C 43 5.62 5.55 -34.21
N SER C 44 5.59 5.65 -35.52
CA SER C 44 4.35 5.47 -36.27
C SER C 44 4.69 4.99 -37.68
N TYR C 45 4.06 3.90 -38.11
CA TYR C 45 4.22 3.35 -39.45
C TYR C 45 2.90 3.52 -40.19
N ILE C 46 2.80 4.57 -41.01
CA ILE C 46 1.56 4.90 -41.71
C ILE C 46 1.85 5.06 -43.19
N ASP C 47 1.21 4.21 -44.01
CA ASP C 47 1.29 4.19 -45.48
C ASP C 47 2.78 4.06 -45.86
N ARG C 48 3.35 2.93 -45.43
CA ARG C 48 4.73 2.50 -45.70
C ARG C 48 5.77 3.57 -45.35
N ASN C 49 5.46 4.43 -44.37
CA ASN C 49 6.36 5.49 -43.93
C ASN C 49 6.63 5.32 -42.45
N ALA C 50 7.90 5.19 -42.09
CA ALA C 50 8.29 4.97 -40.70
C ALA C 50 8.76 6.30 -40.12
N ASN C 51 8.00 6.84 -39.18
CA ASN C 51 8.30 8.13 -38.57
C ASN C 51 8.60 7.91 -37.10
N ILE C 52 9.70 8.51 -36.63
CA ILE C 52 10.06 8.46 -35.22
C ILE C 52 10.26 9.90 -34.73
N VAL C 53 9.65 10.23 -33.60
CA VAL C 53 9.72 11.56 -33.01
C VAL C 53 10.27 11.40 -31.61
N LEU C 54 11.53 11.79 -31.42
CA LEU C 54 12.21 11.63 -30.14
C LEU C 54 12.59 12.99 -29.60
N THR C 55 12.18 13.26 -28.35
CA THR C 55 12.44 14.52 -27.68
C THR C 55 13.45 14.28 -26.57
N GLY C 56 14.58 14.98 -26.63
CA GLY C 56 15.59 14.84 -25.61
C GLY C 56 16.72 15.84 -25.73
N TYR C 57 17.21 16.32 -24.59
CA TYR C 57 18.33 17.25 -24.49
C TYR C 57 18.07 18.54 -25.27
N GLY C 58 16.82 19.01 -25.23
CA GLY C 58 16.44 20.25 -25.87
C GLY C 58 16.20 20.16 -27.35
N LEU C 59 16.06 18.96 -27.91
CA LEU C 59 15.86 18.78 -29.34
C LEU C 59 14.71 17.81 -29.57
N LYS C 60 13.83 18.16 -30.51
CA LYS C 60 12.81 17.24 -30.99
C LYS C 60 13.16 16.87 -32.42
N ILE C 61 13.45 15.60 -32.66
CA ILE C 61 13.91 15.11 -33.95
C ILE C 61 12.79 14.27 -34.55
N ASN C 62 12.29 14.69 -35.70
CA ASN C 62 11.19 14.01 -36.39
C ASN C 62 11.81 13.46 -37.69
N MET C 63 12.18 12.19 -37.69
CA MET C 63 12.78 11.54 -38.84
C MET C 63 11.76 10.59 -39.46
N THR C 64 11.55 10.73 -40.77
CA THR C 64 10.59 9.93 -41.52
C THR C 64 11.32 9.27 -42.68
N ILE C 65 11.22 7.95 -42.77
CA ILE C 65 11.74 7.20 -43.91
C ILE C 65 10.56 6.83 -44.80
N MET C 66 10.65 7.22 -46.06
CA MET C 66 9.51 7.11 -46.98
C MET C 66 9.65 5.91 -47.90
N ASP C 67 8.50 5.27 -48.16
CA ASP C 67 8.38 4.13 -49.09
C ASP C 67 9.30 2.98 -48.63
N THR C 68 9.07 2.51 -47.41
CA THR C 68 9.91 1.51 -46.80
C THR C 68 9.06 0.39 -46.19
N ASP C 69 9.67 -0.77 -46.02
CA ASP C 69 9.01 -1.94 -45.47
C ASP C 69 9.45 -2.24 -44.04
N GLN C 70 10.09 -1.29 -43.37
CA GLN C 70 10.58 -1.48 -42.01
C GLN C 70 10.09 -0.33 -41.15
N ARG C 71 9.60 -0.66 -39.96
CA ARG C 71 9.18 0.33 -38.99
C ARG C 71 10.22 0.45 -37.88
N PHE C 72 10.33 1.64 -37.31
CA PHE C 72 11.28 1.87 -36.23
C PHE C 72 10.89 1.04 -35.01
N VAL C 73 11.89 0.62 -34.24
CA VAL C 73 11.67 -0.15 -33.03
C VAL C 73 12.18 0.57 -31.79
N ALA C 74 13.30 1.29 -31.91
CA ALA C 74 13.97 1.82 -30.73
C ALA C 74 14.87 2.98 -31.14
N ALA C 75 15.33 3.72 -30.14
CA ALA C 75 16.29 4.79 -30.33
C ALA C 75 17.17 4.90 -29.09
N ALA C 76 18.36 5.46 -29.28
CA ALA C 76 19.28 5.69 -28.17
C ALA C 76 19.96 7.03 -28.39
N GLU C 77 19.88 7.90 -27.38
CA GLU C 77 20.44 9.25 -27.47
C GLU C 77 21.54 9.40 -26.44
N GLY C 78 22.70 9.87 -26.88
CA GLY C 78 23.82 10.11 -25.99
C GLY C 78 24.45 11.46 -26.26
N VAL C 79 25.09 11.99 -25.23
CA VAL C 79 25.73 13.31 -25.29
C VAL C 79 27.24 13.11 -25.28
N GLY C 80 27.92 13.66 -26.27
CA GLY C 80 29.36 13.63 -26.33
C GLY C 80 29.99 14.94 -25.88
N LYS C 81 31.31 14.98 -25.94
CA LYS C 81 32.05 16.19 -25.61
C LYS C 81 31.88 17.20 -26.74
N ASP C 82 32.06 18.49 -26.40
CA ASP C 82 31.84 19.63 -27.30
C ASP C 82 30.40 19.69 -27.79
N ASN C 83 29.46 19.31 -26.92
CA ASN C 83 28.01 19.44 -27.13
C ASN C 83 27.50 18.64 -28.32
N LYS C 84 28.25 17.65 -28.80
CA LYS C 84 27.74 16.80 -29.87
C LYS C 84 26.74 15.80 -29.31
N LEU C 85 25.60 15.68 -29.98
CA LEU C 85 24.54 14.77 -29.56
C LEU C 85 24.45 13.64 -30.59
N SER C 86 24.64 12.41 -30.12
CA SER C 86 24.63 11.24 -30.99
C SER C 86 23.33 10.47 -30.78
N VAL C 87 22.64 10.18 -31.88
CA VAL C 87 21.39 9.46 -31.86
C VAL C 87 21.57 8.17 -32.64
N LEU C 88 21.33 7.03 -31.99
CA LEU C 88 21.34 5.73 -32.66
C LEU C 88 19.89 5.28 -32.82
N LEU C 89 19.52 4.93 -34.05
CA LEU C 89 18.15 4.60 -34.40
C LEU C 89 18.08 3.16 -34.88
N PHE C 90 16.95 2.50 -34.58
CA PHE C 90 16.80 1.08 -34.85
C PHE C 90 15.44 0.80 -35.48
N THR C 91 15.41 -0.03 -36.51
CA THR C 91 14.18 -0.58 -37.08
C THR C 91 14.15 -2.10 -36.98
N THR C 92 13.10 -2.70 -37.57
CA THR C 92 12.86 -4.14 -37.49
C THR C 92 13.94 -4.96 -38.19
N GLN C 93 14.03 -4.83 -39.52
CA GLN C 93 14.98 -5.58 -40.33
C GLN C 93 15.00 -4.96 -41.72
N ARG C 94 16.05 -5.28 -42.46
CA ARG C 94 16.25 -4.74 -43.81
C ARG C 94 15.70 -5.72 -44.82
N LEU C 95 14.42 -5.54 -45.18
CA LEU C 95 13.79 -6.44 -46.15
C LEU C 95 14.29 -6.15 -47.57
N ASP C 96 14.40 -4.87 -47.93
CA ASP C 96 14.84 -4.46 -49.25
C ASP C 96 16.20 -3.76 -49.19
N LYS C 97 17.04 -4.04 -50.18
CA LYS C 97 18.39 -3.47 -50.23
C LYS C 97 18.43 -2.28 -51.20
N VAL C 98 17.68 -1.24 -50.84
CA VAL C 98 17.59 -0.03 -51.64
C VAL C 98 17.63 1.18 -50.71
N HIS C 99 18.11 2.30 -51.24
CA HIS C 99 18.15 3.55 -50.49
C HIS C 99 16.78 4.19 -50.49
N HIS C 100 16.43 4.81 -49.37
CA HIS C 100 15.11 5.41 -49.17
C HIS C 100 15.23 6.90 -48.91
N ASN C 101 14.30 7.67 -49.48
CA ASN C 101 14.25 9.09 -49.22
C ASN C 101 13.80 9.36 -47.80
N ILE C 102 14.48 10.30 -47.14
CA ILE C 102 14.27 10.61 -45.73
C ILE C 102 13.90 12.08 -45.59
N SER C 103 13.13 12.39 -44.56
CA SER C 103 12.87 13.78 -44.15
C SER C 103 13.01 13.85 -42.64
N VAL C 104 14.00 14.60 -42.18
CA VAL C 104 14.31 14.71 -40.76
C VAL C 104 14.10 16.15 -40.30
N THR C 105 13.17 16.36 -39.37
CA THR C 105 12.85 17.69 -38.87
C THR C 105 13.39 17.83 -37.44
N ILE C 106 14.28 18.79 -37.24
CA ILE C 106 15.00 18.96 -35.99
C ILE C 106 14.62 20.32 -35.40
N THR C 107 13.67 20.33 -34.47
CA THR C 107 13.20 21.55 -33.85
C THR C 107 13.87 21.75 -32.50
N CYS C 108 14.47 22.92 -32.29
CA CYS C 108 15.03 23.26 -30.99
C CYS C 108 13.90 23.67 -30.06
N MET C 109 13.69 22.89 -29.01
CA MET C 109 12.57 23.09 -28.11
C MET C 109 12.97 23.74 -26.78
N GLU C 110 14.24 24.01 -26.55
CA GLU C 110 14.57 24.56 -25.25
C GLU C 110 15.46 25.80 -25.31
N MET C 111 16.41 25.86 -26.24
CA MET C 111 17.31 27.00 -26.36
C MET C 111 17.52 27.33 -27.82
N ASN C 112 17.74 28.62 -28.10
CA ASN C 112 17.96 29.15 -29.45
C ASN C 112 16.80 28.76 -30.38
N CYS C 113 15.65 29.32 -30.04
CA CYS C 113 14.35 28.76 -30.39
C CYS C 113 13.70 29.65 -31.43
N GLY C 114 13.19 29.05 -32.51
CA GLY C 114 12.61 29.86 -33.57
C GLY C 114 11.92 29.03 -34.62
N THR C 115 11.67 29.66 -35.76
CA THR C 115 11.00 29.04 -36.90
C THR C 115 12.02 28.35 -37.80
N THR C 116 11.61 27.96 -38.99
CA THR C 116 12.45 27.17 -39.88
C THR C 116 13.65 27.98 -40.36
N LYS C 117 14.84 27.41 -40.21
CA LYS C 117 16.09 28.09 -40.52
C LYS C 117 16.73 27.64 -41.81
N TYR C 118 16.73 26.33 -42.11
CA TYR C 118 17.37 25.81 -43.29
C TYR C 118 16.38 25.25 -44.31
N ASN C 119 15.62 24.22 -43.95
CA ASN C 119 14.58 23.59 -44.77
C ASN C 119 15.06 23.31 -46.20
N SER C 120 16.06 22.43 -46.32
CA SER C 120 16.67 22.13 -47.60
C SER C 120 16.87 20.63 -47.75
N ASP C 121 17.32 20.24 -48.94
CA ASP C 121 17.52 18.84 -49.30
C ASP C 121 19.00 18.52 -49.30
N LEU C 122 19.40 17.55 -48.47
CA LEU C 122 20.77 17.05 -48.47
C LEU C 122 20.86 15.79 -49.33
N PRO C 123 21.58 15.82 -50.45
CA PRO C 123 21.78 14.58 -51.21
C PRO C 123 22.71 13.66 -50.45
N GLU C 124 22.45 12.35 -50.55
CA GLU C 124 23.36 11.40 -49.94
C GLU C 124 24.67 11.38 -50.73
N SER C 125 25.78 11.41 -50.00
CA SER C 125 27.07 11.57 -50.63
C SER C 125 27.56 10.29 -51.27
N ILE C 126 27.16 9.14 -50.74
CA ILE C 126 27.54 7.85 -51.29
C ILE C 126 26.35 7.31 -52.07
N HIS C 127 26.58 7.01 -53.35
CA HIS C 127 25.66 6.43 -54.35
C HIS C 127 24.59 7.40 -54.85
N LYS C 128 24.42 8.55 -54.20
CA LYS C 128 23.53 9.64 -54.63
C LYS C 128 22.11 9.17 -54.98
N SER C 129 21.58 8.23 -54.22
CA SER C 129 20.28 7.65 -54.55
C SER C 129 19.15 8.12 -53.65
N SER C 130 19.43 8.93 -52.64
CA SER C 130 18.41 9.39 -51.71
C SER C 130 18.75 10.80 -51.24
N SER C 131 17.74 11.48 -50.70
CA SER C 131 17.92 12.85 -50.22
C SER C 131 17.24 13.01 -48.87
N CYS C 132 17.82 13.87 -48.04
CA CYS C 132 17.25 14.22 -46.73
C CYS C 132 16.64 15.61 -46.81
N ASP C 133 15.31 15.68 -46.77
CA ASP C 133 14.60 16.95 -46.66
C ASP C 133 14.63 17.35 -45.19
N ILE C 134 15.65 18.11 -44.81
CA ILE C 134 15.92 18.41 -43.42
C ILE C 134 15.47 19.84 -43.11
N THR C 135 14.66 19.99 -42.07
CA THR C 135 14.09 21.27 -41.67
C THR C 135 14.43 21.51 -40.21
N ILE C 136 15.11 22.62 -39.93
CA ILE C 136 15.54 22.97 -38.58
C ILE C 136 14.72 24.16 -38.11
N ASN C 137 13.96 23.97 -37.03
CA ASN C 137 13.18 25.04 -36.42
C ASN C 137 13.98 25.63 -35.26
N GLY C 138 14.92 26.49 -35.60
CA GLY C 138 15.74 27.15 -34.60
C GLY C 138 17.17 27.35 -35.06
N SER C 139 17.93 28.14 -34.30
CA SER C 139 19.34 28.38 -34.59
C SER C 139 20.26 27.58 -33.68
N CYS C 140 19.71 26.62 -32.93
CA CYS C 140 20.53 25.87 -31.98
C CYS C 140 21.43 24.86 -32.67
N VAL C 141 21.01 24.32 -33.81
CA VAL C 141 21.76 23.26 -34.47
C VAL C 141 22.96 23.85 -35.18
N THR C 142 24.14 23.30 -34.91
CA THR C 142 25.39 23.70 -35.54
C THR C 142 25.74 22.79 -36.73
N CYS C 143 25.57 21.48 -36.58
CA CYS C 143 25.87 20.54 -37.65
C CYS C 143 24.95 19.33 -37.53
N VAL C 144 24.71 18.69 -38.66
CA VAL C 144 23.93 17.45 -38.72
C VAL C 144 24.69 16.45 -39.58
N ASN C 145 24.95 15.27 -39.04
CA ASN C 145 25.52 14.16 -39.81
C ASN C 145 24.63 12.95 -39.60
N LEU C 146 24.04 12.45 -40.70
CA LEU C 146 23.14 11.30 -40.66
C LEU C 146 23.77 10.19 -41.48
N GLU C 147 24.36 9.22 -40.79
CA GLU C 147 24.97 8.05 -41.43
C GLU C 147 23.95 6.92 -41.39
N THR C 148 23.26 6.70 -42.50
CA THR C 148 22.23 5.68 -42.56
C THR C 148 22.82 4.33 -42.97
N ASP C 149 22.26 3.26 -42.40
CA ASP C 149 22.78 1.90 -42.52
C ASP C 149 24.27 1.80 -42.21
N PRO C 150 24.69 2.14 -40.99
CA PRO C 150 26.12 2.27 -40.72
C PRO C 150 26.80 0.91 -40.63
N THR C 151 28.03 0.85 -41.16
CA THR C 151 28.83 -0.36 -41.05
C THR C 151 29.25 -0.62 -39.60
N LYS C 152 29.65 0.44 -38.91
CA LYS C 152 30.19 0.27 -37.54
C LYS C 152 29.25 0.84 -36.47
N ILE C 153 28.87 -0.01 -35.52
CA ILE C 153 28.09 0.38 -34.35
C ILE C 153 29.04 1.09 -33.38
N ASN C 154 28.52 2.10 -32.67
CA ASN C 154 29.34 2.84 -31.73
C ASN C 154 29.80 1.92 -30.60
N PRO C 155 31.11 1.84 -30.34
CA PRO C 155 31.63 0.80 -29.42
C PRO C 155 31.11 0.90 -28.00
N HIS C 156 30.84 2.09 -27.49
CA HIS C 156 30.30 2.26 -26.15
C HIS C 156 28.79 2.43 -26.12
N TYR C 157 28.08 1.85 -27.09
CA TYR C 157 26.64 1.67 -26.98
C TYR C 157 26.39 0.28 -26.43
N LEU C 158 25.85 0.21 -25.21
CA LEU C 158 25.57 -1.07 -24.57
C LEU C 158 24.19 -1.53 -25.01
N HIS C 159 24.15 -2.60 -25.80
CA HIS C 159 22.87 -3.15 -26.23
C HIS C 159 22.11 -3.74 -25.06
N PRO C 160 20.80 -3.50 -24.97
CA PRO C 160 20.00 -4.07 -23.88
C PRO C 160 19.98 -5.58 -23.94
N LYS C 161 19.90 -6.20 -22.77
CA LYS C 161 19.84 -7.65 -22.71
C LYS C 161 18.48 -8.14 -23.19
N ASN C 162 18.48 -9.38 -23.69
CA ASN C 162 17.36 -10.06 -24.36
C ASN C 162 16.99 -9.38 -25.68
N LYS C 163 17.81 -8.45 -26.14
CA LYS C 163 17.65 -7.82 -27.45
C LYS C 163 18.77 -8.29 -28.37
N TYR C 164 18.49 -8.28 -29.68
CA TYR C 164 19.42 -8.74 -30.69
C TYR C 164 19.67 -7.63 -31.68
N LEU C 165 20.95 -7.26 -31.85
CA LEU C 165 21.35 -6.21 -32.77
C LEU C 165 21.88 -6.80 -34.07
N TYR C 166 21.39 -6.28 -35.19
CA TYR C 166 21.92 -6.57 -36.51
C TYR C 166 22.24 -5.24 -37.18
N HIS C 167 23.39 -5.16 -37.83
CA HIS C 167 23.78 -3.95 -38.55
C HIS C 167 24.24 -4.29 -39.94
N ASN C 168 24.09 -3.33 -40.85
CA ASN C 168 24.52 -3.50 -42.23
C ASN C 168 26.04 -3.60 -42.29
N SER C 169 26.53 -4.55 -43.07
CA SER C 169 27.97 -4.77 -43.22
C SER C 169 28.45 -4.49 -44.64
N GLU C 170 27.65 -3.82 -45.45
CA GLU C 170 27.98 -3.55 -46.85
C GLU C 170 28.18 -2.06 -47.05
N TYR C 171 29.27 -1.69 -47.73
CA TYR C 171 29.49 -0.29 -48.08
C TYR C 171 28.50 0.19 -49.14
N SER C 172 27.95 -0.73 -49.93
CA SER C 172 26.98 -0.37 -50.98
C SER C 172 25.66 0.10 -50.42
N MET C 173 25.42 -0.03 -49.11
CA MET C 173 24.16 0.30 -48.49
C MET C 173 24.21 1.51 -47.57
N ARG C 174 25.41 1.99 -47.20
CA ARG C 174 25.51 3.09 -46.25
C ARG C 174 25.46 4.43 -46.98
N GLY C 175 24.60 5.32 -46.50
CA GLY C 175 24.47 6.65 -47.07
C GLY C 175 24.65 7.72 -46.01
N SER C 176 25.48 8.72 -46.32
CA SER C 176 25.82 9.78 -45.38
C SER C 176 25.19 11.09 -45.83
N TYR C 177 24.44 11.72 -44.94
CA TYR C 177 23.84 13.03 -45.17
C TYR C 177 24.50 14.02 -44.23
N GLY C 178 25.08 15.09 -44.79
CA GLY C 178 25.80 16.02 -43.96
C GLY C 178 25.60 17.48 -44.27
N VAL C 179 25.37 18.27 -43.23
CA VAL C 179 25.31 19.72 -43.35
C VAL C 179 25.96 20.32 -42.11
N THR C 180 26.76 21.37 -42.32
CA THR C 180 27.33 22.14 -41.22
C THR C 180 27.02 23.62 -41.46
N PHE C 181 26.46 24.28 -40.44
CA PHE C 181 25.99 25.64 -40.59
C PHE C 181 27.04 26.68 -40.20
N ILE C 182 28.07 26.27 -39.48
CA ILE C 182 29.20 27.12 -39.15
C ILE C 182 30.45 26.51 -39.79
N ASP C 183 31.52 27.29 -39.82
CA ASP C 183 32.79 26.82 -40.38
C ASP C 183 33.40 25.85 -39.36
N GLU C 184 32.94 24.60 -39.42
CA GLU C 184 33.29 23.59 -38.43
C GLU C 184 34.09 22.43 -39.00
N LEU C 185 34.26 22.36 -40.33
CA LEU C 185 35.01 21.30 -41.02
C LEU C 185 34.53 19.90 -40.66
N ASN C 186 33.22 19.78 -40.42
CA ASN C 186 32.55 18.56 -39.98
C ASN C 186 33.21 18.01 -38.71
N GLN C 187 33.11 18.82 -37.66
CA GLN C 187 33.46 18.38 -36.32
C GLN C 187 32.30 17.71 -35.61
N CYS C 188 31.32 17.19 -36.37
CA CYS C 188 30.28 16.34 -35.80
C CYS C 188 30.86 15.04 -35.27
N LEU C 189 32.04 14.65 -35.74
CA LEU C 189 32.77 13.50 -35.23
C LEU C 189 33.04 13.67 -33.74
N LEU C 190 32.40 12.85 -32.92
CA LEU C 190 32.50 13.00 -31.48
C LEU C 190 33.88 12.55 -30.99
N ASP C 191 34.26 13.07 -29.82
CA ASP C 191 35.48 12.58 -29.20
C ASP C 191 35.30 11.18 -28.63
N ILE C 192 34.08 10.84 -28.20
CA ILE C 192 33.60 9.49 -27.86
C ILE C 192 34.28 9.00 -26.57
N LYS C 193 35.08 9.87 -25.94
CA LYS C 193 35.80 9.45 -24.73
C LYS C 193 34.86 9.30 -23.55
N GLU C 194 33.98 10.27 -23.34
CA GLU C 194 33.02 10.24 -22.24
C GLU C 194 31.61 9.90 -22.71
N LEU C 195 31.49 9.28 -23.88
CA LEU C 195 30.18 9.02 -24.47
C LEU C 195 29.48 7.87 -23.75
N SER C 196 28.22 8.07 -23.42
CA SER C 196 27.35 7.04 -22.89
C SER C 196 26.03 7.10 -23.64
N TYR C 197 25.29 6.00 -23.60
CA TYR C 197 24.03 5.90 -24.34
C TYR C 197 22.92 5.45 -23.42
N ASP C 198 21.75 6.08 -23.56
CA ASP C 198 20.56 5.73 -22.79
C ASP C 198 19.44 5.38 -23.77
N ILE C 199 18.75 4.28 -23.49
CA ILE C 199 17.65 3.84 -24.35
C ILE C 199 16.42 4.69 -24.08
N CYS C 200 15.73 5.06 -25.16
CA CYS C 200 14.60 5.97 -25.06
C CYS C 200 13.37 5.26 -24.51
N TYR C 201 12.36 6.07 -24.16
CA TYR C 201 11.13 5.58 -23.56
C TYR C 201 10.03 5.57 -24.63
N ARG C 202 8.98 4.74 -24.48
CA ARG C 202 7.77 4.58 -25.34
C ARG C 202 8.16 3.89 -26.64
N GLU C 203 8.97 2.87 -26.53
CA GLU C 203 9.45 2.20 -27.73
C GLU C 203 8.49 1.10 -28.16
N TYR D 3 -23.44 -45.82 -20.14
CA TYR D 3 -22.44 -44.90 -19.62
C TYR D 3 -21.27 -44.75 -20.58
N LYS D 4 -20.90 -43.51 -20.86
CA LYS D 4 -19.79 -43.20 -21.76
C LYS D 4 -18.89 -42.15 -21.13
N ASN D 5 -17.58 -42.35 -21.27
CA ASN D 5 -16.61 -41.43 -20.70
C ASN D 5 -16.62 -40.10 -21.46
N THR D 6 -16.69 -39.00 -20.72
CA THR D 6 -16.76 -37.67 -21.31
C THR D 6 -15.55 -36.85 -20.90
N ILE D 7 -15.48 -35.65 -21.45
CA ILE D 7 -14.51 -34.65 -21.04
C ILE D 7 -15.14 -33.79 -19.95
N CYS D 8 -14.37 -33.46 -18.92
CA CYS D 8 -14.86 -32.66 -17.82
C CYS D 8 -15.09 -31.21 -18.24
N PRO D 9 -15.91 -30.46 -17.50
CA PRO D 9 -15.99 -29.03 -17.74
C PRO D 9 -14.66 -28.37 -17.47
N PRO D 10 -14.36 -27.27 -18.16
CA PRO D 10 -13.04 -26.65 -18.04
C PRO D 10 -12.80 -26.06 -16.66
N ARG D 11 -11.52 -26.04 -16.28
CA ARG D 11 -11.09 -25.54 -14.98
C ARG D 11 -10.14 -24.37 -15.16
N GLN D 12 -9.94 -23.62 -14.08
CA GLN D 12 -8.96 -22.54 -14.12
C GLN D 12 -7.54 -23.10 -14.12
N ASP D 13 -7.27 -24.12 -13.32
CA ASP D 13 -5.96 -24.75 -13.23
C ASP D 13 -6.16 -26.26 -13.30
N TYR D 14 -5.35 -26.93 -14.11
CA TYR D 14 -5.46 -28.37 -14.32
C TYR D 14 -4.21 -29.02 -13.73
N ARG D 15 -4.38 -30.10 -12.97
CA ARG D 15 -3.21 -30.78 -12.44
C ARG D 15 -2.92 -32.13 -13.08
N TYR D 16 -3.75 -32.62 -13.97
CA TYR D 16 -3.54 -33.91 -14.62
C TYR D 16 -3.22 -33.64 -16.09
N TRP D 17 -1.95 -33.70 -16.43
CA TRP D 17 -1.43 -33.34 -17.75
C TRP D 17 -1.07 -34.61 -18.48
N TYR D 18 -1.33 -34.64 -19.79
CA TYR D 18 -1.02 -35.79 -20.62
C TYR D 18 -0.15 -35.34 -21.79
N PHE D 19 1.03 -35.94 -21.91
CA PHE D 19 2.00 -35.56 -22.94
C PHE D 19 1.48 -35.98 -24.31
N VAL D 20 0.92 -35.02 -25.04
CA VAL D 20 0.23 -35.33 -26.28
C VAL D 20 1.15 -35.19 -27.50
N ALA D 21 2.11 -34.27 -27.47
CA ALA D 21 2.85 -33.93 -28.68
C ALA D 21 4.18 -33.30 -28.32
N GLU D 22 5.21 -33.68 -29.04
CA GLU D 22 6.54 -33.08 -28.96
C GLU D 22 6.76 -32.33 -30.27
N LEU D 23 6.58 -31.01 -30.24
CA LEU D 23 6.67 -30.18 -31.43
C LEU D 23 8.01 -29.46 -31.43
N THR D 24 8.78 -29.64 -32.49
CA THR D 24 10.09 -29.01 -32.63
C THR D 24 10.08 -28.18 -33.90
N ILE D 25 10.43 -26.90 -33.77
CA ILE D 25 10.45 -25.96 -34.87
C ILE D 25 11.83 -25.33 -34.96
N GLY D 26 12.51 -25.52 -36.08
CA GLY D 26 13.78 -24.86 -36.31
C GLY D 26 13.59 -23.54 -37.05
N VAL D 27 14.35 -22.53 -36.63
CA VAL D 27 14.23 -21.20 -37.19
C VAL D 27 15.61 -20.70 -37.61
N ASN D 28 15.63 -19.90 -38.68
CA ASN D 28 16.89 -19.33 -39.15
C ASN D 28 17.34 -18.14 -38.32
N TYR D 29 16.40 -17.36 -37.78
CA TYR D 29 16.79 -16.24 -36.94
C TYR D 29 17.22 -16.75 -35.56
N ASP D 30 18.02 -15.95 -34.88
CA ASP D 30 18.73 -16.39 -33.68
C ASP D 30 17.85 -16.26 -32.43
N ILE D 31 17.73 -17.35 -31.70
CA ILE D 31 17.21 -17.36 -30.33
C ILE D 31 18.30 -17.93 -29.44
N ASN D 32 18.65 -17.21 -28.38
CA ASN D 32 19.78 -17.61 -27.54
C ASN D 32 19.42 -18.76 -26.61
N SER D 33 18.48 -18.53 -25.70
CA SER D 33 18.16 -19.53 -24.68
C SER D 33 16.74 -19.28 -24.20
N THR D 34 16.29 -20.15 -23.29
CA THR D 34 14.92 -20.08 -22.78
C THR D 34 14.75 -18.85 -21.89
N ILE D 35 13.63 -18.15 -22.08
CA ILE D 35 13.27 -16.98 -21.29
C ILE D 35 12.05 -17.34 -20.45
N ILE D 36 12.14 -17.08 -19.15
CA ILE D 36 11.05 -17.41 -18.24
C ILE D 36 9.89 -16.46 -18.48
N GLY D 37 8.68 -17.03 -18.63
CA GLY D 37 7.50 -16.24 -18.88
C GLY D 37 7.31 -15.78 -20.29
N GLU D 38 8.10 -16.29 -21.23
CA GLU D 38 7.99 -15.86 -22.63
C GLU D 38 6.74 -16.38 -23.29
N CYS D 39 6.46 -17.67 -23.12
CA CYS D 39 5.36 -18.31 -23.85
C CYS D 39 4.02 -17.93 -23.25
N HIS D 40 3.09 -17.51 -24.10
CA HIS D 40 1.73 -17.19 -23.70
C HIS D 40 0.79 -18.04 -24.55
N MET D 41 0.07 -18.95 -23.93
CA MET D 41 -0.79 -19.87 -24.66
C MET D 41 -2.25 -19.60 -24.35
N SER D 42 -3.10 -19.87 -25.34
CA SER D 42 -4.54 -19.74 -25.20
C SER D 42 -5.19 -21.00 -25.76
N GLU D 43 -6.11 -21.58 -25.00
CA GLU D 43 -6.72 -22.86 -25.35
C GLU D 43 -8.23 -22.68 -25.54
N SER D 44 -8.79 -23.50 -26.43
CA SER D 44 -10.22 -23.44 -26.71
C SER D 44 -10.67 -24.81 -27.20
N TYR D 45 -11.72 -25.34 -26.58
CA TYR D 45 -12.32 -26.61 -26.99
C TYR D 45 -13.71 -26.33 -27.53
N ILE D 46 -13.84 -26.26 -28.86
CA ILE D 46 -15.10 -25.90 -29.51
C ILE D 46 -15.44 -26.95 -30.56
N ASP D 47 -16.58 -27.62 -30.37
CA ASP D 47 -17.14 -28.64 -31.26
C ASP D 47 -16.07 -29.74 -31.43
N ARG D 48 -15.75 -30.35 -30.30
CA ARG D 48 -14.81 -31.48 -30.15
C ARG D 48 -13.46 -31.23 -30.81
N ASN D 49 -13.04 -29.96 -30.89
CA ASN D 49 -11.77 -29.56 -31.49
C ASN D 49 -10.96 -28.81 -30.46
N ALA D 50 -9.76 -29.30 -30.17
CA ALA D 50 -8.89 -28.70 -29.15
C ALA D 50 -7.85 -27.85 -29.86
N ASN D 51 -7.93 -26.54 -29.69
CA ASN D 51 -7.04 -25.59 -30.33
C ASN D 51 -6.20 -24.90 -29.26
N ILE D 52 -4.90 -24.82 -29.49
CA ILE D 52 -4.00 -24.10 -28.61
C ILE D 52 -3.19 -23.11 -29.43
N VAL D 53 -3.14 -21.87 -28.98
CA VAL D 53 -2.43 -20.80 -29.68
C VAL D 53 -1.39 -20.25 -28.70
N LEU D 54 -0.12 -20.57 -28.94
CA LEU D 54 0.95 -20.16 -28.05
C LEU D 54 1.92 -19.25 -28.80
N THR D 55 2.18 -18.09 -28.23
CA THR D 55 3.07 -17.09 -28.83
C THR D 55 4.34 -17.01 -27.98
N GLY D 56 5.48 -17.26 -28.60
CA GLY D 56 6.74 -17.19 -27.90
C GLY D 56 7.94 -17.32 -28.80
N TYR D 57 9.00 -16.56 -28.49
CA TYR D 57 10.28 -16.59 -29.20
C TYR D 57 10.10 -16.28 -30.68
N GLY D 58 9.19 -15.35 -30.99
CA GLY D 58 8.98 -14.91 -32.35
C GLY D 58 8.11 -15.82 -33.19
N LEU D 59 7.39 -16.75 -32.58
CA LEU D 59 6.55 -17.70 -33.31
C LEU D 59 5.19 -17.77 -32.65
N LYS D 60 4.13 -17.75 -33.47
CA LYS D 60 2.78 -18.02 -33.01
C LYS D 60 2.36 -19.35 -33.61
N ILE D 61 2.13 -20.34 -32.76
CA ILE D 61 1.81 -21.71 -33.19
C ILE D 61 0.35 -21.97 -32.85
N ASN D 62 -0.44 -22.26 -33.88
CA ASN D 62 -1.87 -22.51 -33.72
C ASN D 62 -2.07 -23.97 -34.11
N MET D 63 -2.13 -24.85 -33.11
CA MET D 63 -2.31 -26.29 -33.32
C MET D 63 -3.73 -26.68 -32.93
N THR D 64 -4.42 -27.36 -33.85
CA THR D 64 -5.80 -27.78 -33.63
C THR D 64 -5.88 -29.28 -33.85
N ILE D 65 -6.39 -30.00 -32.85
CA ILE D 65 -6.66 -31.43 -32.98
C ILE D 65 -8.15 -31.61 -33.21
N MET D 66 -8.51 -32.28 -34.29
CA MET D 66 -9.89 -32.36 -34.73
C MET D 66 -10.53 -33.69 -34.35
N ASP D 67 -11.81 -33.61 -33.97
CA ASP D 67 -12.66 -34.77 -33.63
C ASP D 67 -12.02 -35.56 -32.49
N THR D 68 -11.84 -34.88 -31.35
CA THR D 68 -11.16 -35.45 -30.21
C THR D 68 -11.96 -35.20 -28.93
N ASP D 69 -11.71 -36.03 -27.93
CA ASP D 69 -12.39 -35.94 -26.65
C ASP D 69 -11.50 -35.38 -25.55
N GLN D 70 -10.37 -34.78 -25.91
CA GLN D 70 -9.44 -34.23 -24.94
C GLN D 70 -9.14 -32.78 -25.29
N ARG D 71 -9.16 -31.90 -24.29
CA ARG D 71 -8.81 -30.51 -24.47
C ARG D 71 -7.41 -30.26 -23.92
N PHE D 72 -6.70 -29.29 -24.51
CA PHE D 72 -5.36 -28.96 -24.05
C PHE D 72 -5.43 -28.38 -22.64
N VAL D 73 -4.37 -28.62 -21.87
CA VAL D 73 -4.27 -28.12 -20.51
C VAL D 73 -3.09 -27.17 -20.33
N ALA D 74 -1.97 -27.45 -21.00
CA ALA D 74 -0.74 -26.73 -20.72
C ALA D 74 0.20 -26.84 -21.92
N ALA D 75 1.25 -26.02 -21.90
CA ALA D 75 2.30 -26.09 -22.88
C ALA D 75 3.61 -25.66 -22.24
N ALA D 76 4.72 -26.11 -22.82
CA ALA D 76 6.05 -25.72 -22.36
C ALA D 76 6.94 -25.50 -23.57
N GLU D 77 7.56 -24.32 -23.64
CA GLU D 77 8.39 -23.94 -24.77
C GLU D 77 9.83 -23.76 -24.29
N GLY D 78 10.76 -24.40 -24.97
CA GLY D 78 12.18 -24.26 -24.65
C GLY D 78 13.00 -24.06 -25.89
N VAL D 79 14.15 -23.42 -25.71
CA VAL D 79 15.06 -23.08 -26.80
C VAL D 79 16.29 -23.97 -26.67
N GLY D 80 16.62 -24.68 -27.75
CA GLY D 80 17.81 -25.50 -27.81
C GLY D 80 18.93 -24.81 -28.58
N LYS D 81 20.05 -25.53 -28.68
CA LYS D 81 21.18 -25.03 -29.46
C LYS D 81 20.85 -25.16 -30.94
N ASP D 82 21.54 -24.35 -31.75
CA ASP D 82 21.32 -24.22 -33.20
C ASP D 82 19.88 -23.76 -33.51
N ASN D 83 19.35 -22.89 -32.66
CA ASN D 83 18.06 -22.21 -32.83
C ASN D 83 16.87 -23.16 -32.92
N LYS D 84 17.01 -24.40 -32.46
CA LYS D 84 15.87 -25.31 -32.42
C LYS D 84 14.96 -24.93 -31.27
N LEU D 85 13.66 -24.86 -31.54
CA LEU D 85 12.66 -24.52 -30.54
C LEU D 85 11.80 -25.75 -30.27
N SER D 86 11.80 -26.21 -29.03
CA SER D 86 11.07 -27.41 -28.63
C SER D 86 9.82 -27.00 -27.86
N VAL D 87 8.68 -27.53 -28.28
CA VAL D 87 7.39 -27.25 -27.66
C VAL D 87 6.83 -28.56 -27.13
N LEU D 88 6.56 -28.61 -25.83
CA LEU D 88 5.90 -29.74 -25.22
C LEU D 88 4.46 -29.34 -24.91
N LEU D 89 3.51 -30.16 -25.37
CA LEU D 89 2.09 -29.85 -25.28
C LEU D 89 1.39 -30.90 -24.44
N PHE D 90 0.36 -30.48 -23.71
CA PHE D 90 -0.31 -31.34 -22.76
C PHE D 90 -1.83 -31.19 -22.87
N THR D 91 -2.54 -32.31 -22.85
CA THR D 91 -4.00 -32.35 -22.73
C THR D 91 -4.43 -33.07 -21.47
N THR D 92 -5.75 -33.23 -21.31
CA THR D 92 -6.36 -33.83 -20.14
C THR D 92 -5.99 -35.30 -19.95
N GLN D 93 -6.44 -36.15 -20.86
CA GLN D 93 -6.20 -37.59 -20.80
C GLN D 93 -6.59 -38.19 -22.13
N ARG D 94 -6.11 -39.42 -22.37
CA ARG D 94 -6.34 -40.11 -23.64
C ARG D 94 -7.55 -41.03 -23.47
N LEU D 95 -8.74 -40.51 -23.79
CA LEU D 95 -9.95 -41.31 -23.66
C LEU D 95 -10.06 -42.34 -24.77
N ASP D 96 -9.73 -41.96 -26.01
CA ASP D 96 -9.79 -42.86 -27.15
C ASP D 96 -8.40 -43.14 -27.71
N LYS D 97 -8.18 -44.38 -28.12
CA LYS D 97 -6.89 -44.82 -28.64
C LYS D 97 -6.91 -44.84 -30.17
N VAL D 98 -7.09 -43.65 -30.76
CA VAL D 98 -7.14 -43.49 -32.20
C VAL D 98 -6.34 -42.25 -32.57
N HIS D 99 -5.83 -42.25 -33.81
CA HIS D 99 -5.10 -41.10 -34.33
C HIS D 99 -6.08 -40.03 -34.80
N HIS D 100 -5.71 -38.77 -34.58
CA HIS D 100 -6.57 -37.65 -34.90
C HIS D 100 -5.91 -36.73 -35.92
N ASN D 101 -6.72 -36.21 -36.84
CA ASN D 101 -6.23 -35.25 -37.82
C ASN D 101 -5.91 -33.93 -37.13
N ILE D 102 -4.78 -33.34 -37.50
CA ILE D 102 -4.26 -32.14 -36.86
C ILE D 102 -4.07 -31.06 -37.93
N SER D 103 -4.20 -29.80 -37.52
CA SER D 103 -3.84 -28.65 -38.35
C SER D 103 -3.04 -27.68 -37.50
N VAL D 104 -1.77 -27.49 -37.83
CA VAL D 104 -0.86 -26.65 -37.05
C VAL D 104 -0.41 -25.46 -37.90
N THR D 105 -0.75 -24.26 -37.47
CA THR D 105 -0.42 -23.04 -38.20
C THR D 105 0.70 -22.29 -37.45
N ILE D 106 1.83 -22.11 -38.12
CA ILE D 106 3.04 -21.56 -37.51
C ILE D 106 3.35 -20.25 -38.20
N THR D 107 2.95 -19.13 -37.60
CA THR D 107 3.18 -17.82 -38.18
C THR D 107 4.39 -17.17 -37.52
N CYS D 108 5.35 -16.72 -38.33
CA CYS D 108 6.49 -15.96 -37.83
C CYS D 108 6.04 -14.53 -37.55
N MET D 109 6.07 -14.14 -36.27
CA MET D 109 5.57 -12.84 -35.86
C MET D 109 6.67 -11.83 -35.55
N GLU D 110 7.93 -12.20 -35.67
CA GLU D 110 8.94 -11.21 -35.32
C GLU D 110 10.04 -11.05 -36.35
N MET D 111 10.47 -12.13 -37.00
CA MET D 111 11.53 -12.07 -38.00
C MET D 111 11.18 -12.97 -39.17
N ASN D 112 11.63 -12.58 -40.35
CA ASN D 112 11.40 -13.30 -41.62
C ASN D 112 9.90 -13.53 -41.84
N CYS D 113 9.23 -12.40 -42.04
CA CYS D 113 7.81 -12.25 -41.78
C CYS D 113 7.07 -12.14 -43.10
N GLY D 114 6.00 -12.90 -43.27
CA GLY D 114 5.30 -12.88 -44.54
C GLY D 114 4.00 -13.66 -44.51
N THR D 115 3.50 -13.95 -45.71
CA THR D 115 2.25 -14.68 -45.89
C THR D 115 2.54 -16.18 -45.93
N THR D 116 1.55 -16.97 -46.34
CA THR D 116 1.65 -18.42 -46.29
C THR D 116 2.72 -18.93 -47.26
N LYS D 117 3.63 -19.76 -46.76
CA LYS D 117 4.77 -20.24 -47.52
C LYS D 117 4.62 -21.69 -47.98
N TYR D 118 4.10 -22.57 -47.12
CA TYR D 118 3.99 -23.98 -47.46
C TYR D 118 2.55 -24.45 -47.61
N ASN D 119 1.74 -24.34 -46.56
CA ASN D 119 0.30 -24.69 -46.54
C ASN D 119 0.03 -26.04 -47.20
N SER D 120 0.56 -27.11 -46.61
CA SER D 120 0.44 -28.44 -47.18
C SER D 120 0.11 -29.46 -46.09
N ASP D 121 -0.14 -30.69 -46.53
CA ASP D 121 -0.55 -31.78 -45.65
C ASP D 121 0.63 -32.73 -45.44
N LEU D 122 1.03 -32.91 -44.18
CA LEU D 122 2.05 -33.89 -43.83
C LEU D 122 1.37 -35.18 -43.36
N PRO D 123 1.52 -36.28 -44.10
CA PRO D 123 1.00 -37.56 -43.59
C PRO D 123 1.84 -38.02 -42.41
N GLU D 124 1.19 -38.66 -41.45
CA GLU D 124 1.94 -39.23 -40.35
C GLU D 124 2.70 -40.45 -40.85
N SER D 125 3.97 -40.53 -40.46
CA SER D 125 4.86 -41.54 -41.01
C SER D 125 4.61 -42.91 -40.42
N ILE D 126 4.16 -42.96 -39.17
CA ILE D 126 3.86 -44.22 -38.50
C ILE D 126 2.34 -44.40 -38.52
N HIS D 127 1.90 -45.54 -39.07
CA HIS D 127 0.53 -46.03 -39.19
C HIS D 127 -0.32 -45.30 -40.23
N LYS D 128 0.17 -44.15 -40.74
CA LYS D 128 -0.45 -43.38 -41.84
C LYS D 128 -1.95 -43.13 -41.64
N SER D 129 -2.37 -42.86 -40.41
CA SER D 129 -3.78 -42.70 -40.11
C SER D 129 -4.22 -41.27 -39.91
N SER D 130 -3.31 -40.31 -39.93
CA SER D 130 -3.64 -38.91 -39.70
C SER D 130 -2.74 -38.02 -40.54
N SER D 131 -3.16 -36.78 -40.71
CA SER D 131 -2.40 -35.81 -41.50
C SER D 131 -2.35 -34.48 -40.77
N CYS D 132 -1.24 -33.76 -40.97
CA CYS D 132 -1.07 -32.42 -40.43
C CYS D 132 -1.21 -31.40 -41.55
N ASP D 133 -2.30 -30.64 -41.53
CA ASP D 133 -2.47 -29.52 -42.45
C ASP D 133 -1.70 -28.35 -41.86
N ILE D 134 -0.44 -28.22 -42.26
CA ILE D 134 0.48 -27.27 -41.65
C ILE D 134 0.66 -26.07 -42.57
N THR D 135 0.45 -24.87 -42.03
CA THR D 135 0.53 -23.63 -42.79
C THR D 135 1.51 -22.70 -42.09
N ILE D 136 2.54 -22.28 -42.81
CA ILE D 136 3.58 -21.42 -42.26
C ILE D 136 3.45 -20.04 -42.90
N ASN D 137 3.20 -19.03 -42.06
CA ASN D 137 3.12 -17.64 -42.51
C ASN D 137 4.47 -16.98 -42.28
N GLY D 138 5.39 -17.23 -43.21
CA GLY D 138 6.71 -16.64 -43.13
C GLY D 138 7.80 -17.57 -43.61
N SER D 139 9.00 -17.05 -43.80
CA SER D 139 10.15 -17.85 -44.21
C SER D 139 11.09 -18.15 -43.04
N CYS D 140 10.66 -17.89 -41.81
CA CYS D 140 11.53 -18.09 -40.67
C CYS D 140 11.70 -19.56 -40.32
N VAL D 141 10.69 -20.37 -40.57
CA VAL D 141 10.73 -21.77 -40.16
C VAL D 141 11.63 -22.56 -41.11
N THR D 142 12.59 -23.29 -40.53
CA THR D 142 13.50 -24.15 -41.28
C THR D 142 13.03 -25.60 -41.29
N CYS D 143 12.55 -26.11 -40.17
CA CYS D 143 12.06 -27.48 -40.09
C CYS D 143 10.98 -27.58 -39.04
N VAL D 144 10.08 -28.55 -39.21
CA VAL D 144 9.03 -28.85 -38.25
C VAL D 144 9.01 -30.36 -38.03
N ASN D 145 9.11 -30.77 -36.76
CA ASN D 145 8.94 -32.15 -36.37
C ASN D 145 7.89 -32.20 -35.28
N LEU D 146 6.78 -32.88 -35.53
CA LEU D 146 5.68 -33.01 -34.57
C LEU D 146 5.53 -34.49 -34.21
N GLU D 147 6.05 -34.86 -33.04
CA GLU D 147 5.94 -36.22 -32.53
C GLU D 147 4.75 -36.26 -31.59
N THR D 148 3.62 -36.77 -32.06
CA THR D 148 2.41 -36.82 -31.26
C THR D 148 2.33 -38.12 -30.47
N ASP D 149 1.78 -38.03 -29.26
CA ASP D 149 1.76 -39.10 -28.28
C ASP D 149 3.14 -39.73 -28.07
N PRO D 150 4.11 -38.95 -27.58
CA PRO D 150 5.49 -39.45 -27.56
C PRO D 150 5.71 -40.48 -26.46
N THR D 151 6.51 -41.49 -26.77
CA THR D 151 6.87 -42.49 -25.77
C THR D 151 7.77 -41.89 -24.70
N LYS D 152 8.73 -41.07 -25.13
CA LYS D 152 9.73 -40.52 -24.17
C LYS D 152 9.54 -39.02 -23.93
N ILE D 153 9.38 -38.65 -22.65
CA ILE D 153 9.32 -37.26 -22.22
C ILE D 153 10.76 -36.73 -22.22
N ASN D 154 10.93 -35.45 -22.57
CA ASN D 154 12.25 -34.85 -22.60
C ASN D 154 12.84 -34.84 -21.20
N PRO D 155 14.06 -35.39 -21.01
CA PRO D 155 14.58 -35.60 -19.64
C PRO D 155 14.77 -34.33 -18.83
N HIS D 156 15.12 -33.21 -19.45
CA HIS D 156 15.29 -31.96 -18.74
C HIS D 156 14.05 -31.06 -18.82
N TYR D 157 12.87 -31.65 -18.93
CA TYR D 157 11.63 -30.92 -18.67
C TYR D 157 11.23 -31.17 -17.22
N LEU D 158 11.27 -30.12 -16.42
CA LEU D 158 10.92 -30.23 -15.01
C LEU D 158 9.41 -30.05 -14.87
N HIS D 159 8.72 -31.13 -14.50
CA HIS D 159 7.28 -31.05 -14.31
C HIS D 159 6.96 -30.17 -13.10
N PRO D 160 5.95 -29.32 -13.20
CA PRO D 160 5.57 -28.47 -12.05
C PRO D 160 5.07 -29.32 -10.89
N LYS D 161 5.31 -28.83 -9.69
CA LYS D 161 4.86 -29.53 -8.50
C LYS D 161 3.35 -29.41 -8.36
N ASN D 162 2.76 -30.40 -7.69
CA ASN D 162 1.31 -30.63 -7.54
C ASN D 162 0.64 -30.95 -8.87
N LYS D 163 1.42 -31.19 -9.92
CA LYS D 163 0.92 -31.63 -11.21
C LYS D 163 1.33 -33.09 -11.44
N TYR D 164 0.53 -33.79 -12.24
CA TYR D 164 0.76 -35.20 -12.52
C TYR D 164 0.89 -35.39 -14.02
N LEU D 165 2.01 -35.98 -14.44
CA LEU D 165 2.27 -36.23 -15.86
C LEU D 165 2.00 -37.69 -16.21
N TYR D 166 1.25 -37.90 -17.29
CA TYR D 166 1.06 -39.20 -17.89
C TYR D 166 1.45 -39.11 -19.35
N HIS D 167 2.17 -40.11 -19.85
CA HIS D 167 2.56 -40.12 -21.25
C HIS D 167 2.25 -41.48 -21.86
N ASN D 168 2.02 -41.48 -23.17
CA ASN D 168 1.75 -42.71 -23.88
C ASN D 168 3.00 -43.60 -23.89
N SER D 169 2.79 -44.89 -23.64
CA SER D 169 3.89 -45.85 -23.60
C SER D 169 3.78 -46.89 -24.71
N GLU D 170 2.94 -46.66 -25.71
CA GLU D 170 2.71 -47.61 -26.79
C GLU D 170 3.24 -47.05 -28.10
N TYR D 171 3.99 -47.87 -28.84
CA TYR D 171 4.45 -47.46 -30.16
C TYR D 171 3.30 -47.39 -31.16
N SER D 172 2.21 -48.13 -30.91
CA SER D 172 1.06 -48.13 -31.81
C SER D 172 0.30 -46.81 -31.80
N MET D 173 0.62 -45.90 -30.88
CA MET D 173 -0.08 -44.65 -30.73
C MET D 173 0.72 -43.41 -31.12
N ARG D 174 2.03 -43.53 -31.31
CA ARG D 174 2.85 -42.37 -31.59
C ARG D 174 2.90 -42.11 -33.09
N GLY D 175 2.64 -40.86 -33.47
CA GLY D 175 2.69 -40.45 -34.86
C GLY D 175 3.62 -39.28 -35.08
N SER D 176 4.49 -39.38 -36.07
CA SER D 176 5.50 -38.36 -36.35
C SER D 176 5.16 -37.64 -37.64
N TYR D 177 5.09 -36.31 -37.57
CA TYR D 177 4.87 -35.45 -38.72
C TYR D 177 6.14 -34.64 -38.95
N GLY D 178 6.71 -34.74 -40.15
CA GLY D 178 7.96 -34.06 -40.39
C GLY D 178 8.08 -33.38 -41.74
N VAL D 179 8.57 -32.15 -41.72
CA VAL D 179 8.91 -31.41 -42.93
C VAL D 179 10.17 -30.61 -42.67
N THR D 180 11.08 -30.61 -43.64
CA THR D 180 12.27 -29.76 -43.59
C THR D 180 12.34 -28.97 -44.89
N PHE D 181 12.50 -27.66 -44.77
CA PHE D 181 12.45 -26.77 -45.92
C PHE D 181 13.81 -26.50 -46.54
N ILE D 182 14.88 -26.76 -45.80
CA ILE D 182 16.24 -26.69 -46.31
C ILE D 182 16.85 -28.08 -46.25
N ASP D 183 17.99 -28.26 -46.92
CA ASP D 183 18.69 -29.54 -46.93
C ASP D 183 19.35 -29.70 -45.57
N GLU D 184 18.56 -30.18 -44.60
CA GLU D 184 18.98 -30.23 -43.21
C GLU D 184 19.07 -31.65 -42.65
N LEU D 185 18.62 -32.66 -43.41
CA LEU D 185 18.66 -34.08 -43.04
C LEU D 185 17.97 -34.34 -41.69
N ASN D 186 16.92 -33.56 -41.42
CA ASN D 186 16.17 -33.59 -40.16
C ASN D 186 17.12 -33.38 -38.97
N GLN D 187 17.73 -32.19 -38.95
CA GLN D 187 18.47 -31.71 -37.79
C GLN D 187 17.57 -31.00 -36.79
N CYS D 188 16.26 -31.28 -36.83
CA CYS D 188 15.36 -30.81 -35.78
C CYS D 188 15.69 -31.45 -34.44
N LEU D 189 16.38 -32.59 -34.46
CA LEU D 189 16.88 -33.25 -33.26
C LEU D 189 17.79 -32.31 -32.48
N LEU D 190 17.35 -31.87 -31.31
CA LEU D 190 18.10 -30.88 -30.55
C LEU D 190 19.35 -31.52 -29.95
N ASP D 191 20.32 -30.67 -29.64
CA ASP D 191 21.50 -31.16 -28.91
C ASP D 191 21.16 -31.43 -27.45
N ILE D 192 20.19 -30.69 -26.89
CA ILE D 192 19.53 -30.94 -25.60
C ILE D 192 20.52 -30.69 -24.44
N LYS D 193 21.73 -30.23 -24.75
CA LYS D 193 22.73 -30.03 -23.72
C LYS D 193 22.39 -28.84 -22.84
N GLU D 194 22.02 -27.72 -23.45
CA GLU D 194 21.66 -26.50 -22.73
C GLU D 194 20.16 -26.26 -22.70
N LEU D 195 19.37 -27.31 -22.93
CA LEU D 195 17.93 -27.15 -23.04
C LEU D 195 17.30 -26.94 -21.67
N SER D 196 16.41 -25.95 -21.60
CA SER D 196 15.59 -25.69 -20.42
C SER D 196 14.16 -25.47 -20.89
N TYR D 197 13.20 -25.65 -19.98
CA TYR D 197 11.79 -25.54 -20.32
C TYR D 197 11.11 -24.58 -19.36
N ASP D 198 10.25 -23.74 -19.91
CA ASP D 198 9.45 -22.79 -19.14
C ASP D 198 7.97 -23.05 -19.42
N ILE D 199 7.17 -23.09 -18.37
CA ILE D 199 5.74 -23.33 -18.51
C ILE D 199 5.05 -22.05 -18.98
N CYS D 200 4.11 -22.20 -19.91
CA CYS D 200 3.46 -21.07 -20.54
C CYS D 200 2.44 -20.43 -19.60
N TYR D 201 1.91 -19.28 -20.03
CA TYR D 201 0.91 -18.49 -19.26
C TYR D 201 -0.48 -18.72 -19.90
N ARG D 202 -1.55 -18.39 -19.17
CA ARG D 202 -2.98 -18.48 -19.59
C ARG D 202 -3.37 -19.94 -19.88
N GLU D 203 -2.81 -20.89 -19.12
CA GLU D 203 -3.16 -22.32 -19.35
C GLU D 203 -4.59 -22.58 -18.85
N TYR E 3 -42.50 -25.48 24.34
CA TYR E 3 -41.13 -25.17 23.90
C TYR E 3 -40.51 -26.34 23.17
N LYS E 4 -39.93 -26.06 22.00
CA LYS E 4 -39.28 -27.08 21.19
C LYS E 4 -37.92 -26.58 20.74
N ASN E 5 -36.93 -27.47 20.76
CA ASN E 5 -35.58 -27.12 20.36
C ASN E 5 -35.51 -26.91 18.85
N THR E 6 -34.91 -25.80 18.43
CA THR E 6 -34.81 -25.44 17.03
C THR E 6 -33.35 -25.36 16.61
N ILE E 7 -33.16 -25.13 15.32
CA ILE E 7 -31.85 -24.84 14.75
C ILE E 7 -31.65 -23.33 14.77
N CYS E 8 -30.45 -22.88 15.12
CA CYS E 8 -30.16 -21.46 15.19
C CYS E 8 -30.09 -20.86 13.79
N PRO E 9 -30.23 -19.53 13.68
CA PRO E 9 -29.96 -18.87 12.41
C PRO E 9 -28.50 -19.05 12.01
N PRO E 10 -28.22 -19.08 10.71
CA PRO E 10 -26.85 -19.37 10.27
C PRO E 10 -25.86 -18.26 10.65
N ARG E 11 -24.61 -18.68 10.82
CA ARG E 11 -23.53 -17.80 11.23
C ARG E 11 -22.45 -17.79 10.17
N GLN E 12 -21.57 -16.78 10.24
CA GLN E 12 -20.43 -16.75 9.34
C GLN E 12 -19.40 -17.81 9.73
N ASP E 13 -19.14 -17.96 11.04
CA ASP E 13 -18.18 -18.93 11.54
C ASP E 13 -18.85 -19.66 12.70
N TYR E 14 -18.73 -20.99 12.71
CA TYR E 14 -19.36 -21.85 13.71
C TYR E 14 -18.24 -22.46 14.55
N ARG E 15 -18.39 -22.45 15.88
CA ARG E 15 -17.37 -23.08 16.71
C ARG E 15 -17.81 -24.37 17.37
N TYR E 16 -19.07 -24.77 17.23
CA TYR E 16 -19.56 -26.01 17.83
C TYR E 16 -19.84 -27.00 16.71
N TRP E 17 -18.92 -27.93 16.52
CA TRP E 17 -18.94 -28.88 15.41
C TRP E 17 -19.34 -30.25 15.94
N TYR E 18 -20.14 -30.98 15.17
CA TYR E 18 -20.59 -32.31 15.56
C TYR E 18 -20.21 -33.30 14.47
N PHE E 19 -19.45 -34.32 14.83
CA PHE E 19 -18.95 -35.32 13.87
C PHE E 19 -20.11 -36.16 13.38
N VAL E 20 -20.61 -35.84 12.18
CA VAL E 20 -21.82 -36.46 11.68
C VAL E 20 -21.53 -37.67 10.78
N ALA E 21 -20.41 -37.67 10.05
CA ALA E 21 -20.20 -38.68 9.04
C ALA E 21 -18.72 -38.81 8.72
N GLU E 22 -18.28 -40.04 8.55
CA GLU E 22 -16.93 -40.37 8.09
C GLU E 22 -17.07 -40.95 6.70
N LEU E 23 -16.80 -40.13 5.68
CA LEU E 23 -16.98 -40.51 4.29
C LEU E 23 -15.63 -40.84 3.68
N THR E 24 -15.49 -42.04 3.15
CA THR E 24 -14.24 -42.50 2.54
C THR E 24 -14.53 -42.88 1.10
N ILE E 25 -13.79 -42.29 0.16
CA ILE E 25 -13.97 -42.54 -1.27
C ILE E 25 -12.63 -42.99 -1.83
N GLY E 26 -12.60 -44.18 -2.40
CA GLY E 26 -11.42 -44.66 -3.09
C GLY E 26 -11.49 -44.34 -4.58
N VAL E 27 -10.35 -43.93 -5.15
CA VAL E 27 -10.29 -43.52 -6.54
C VAL E 27 -9.15 -44.27 -7.22
N ASN E 28 -9.34 -44.55 -8.52
CA ASN E 28 -8.30 -45.23 -9.29
C ASN E 28 -7.19 -44.28 -9.72
N TYR E 29 -7.51 -43.01 -9.98
CA TYR E 29 -6.47 -42.06 -10.34
C TYR E 29 -5.67 -41.65 -9.11
N ASP E 30 -4.45 -41.20 -9.34
CA ASP E 30 -3.47 -41.02 -8.28
C ASP E 30 -3.64 -39.66 -7.60
N ILE E 31 -3.77 -39.70 -6.27
CA ILE E 31 -3.61 -38.53 -5.41
C ILE E 31 -2.48 -38.82 -4.43
N ASN E 32 -1.51 -37.91 -4.36
CA ASN E 32 -0.32 -38.19 -3.56
C ASN E 32 -0.58 -37.98 -2.07
N SER E 33 -0.90 -36.76 -1.67
CA SER E 33 -1.05 -36.45 -0.26
C SER E 33 -1.97 -35.25 -0.11
N THR E 34 -2.24 -34.88 1.15
CA THR E 34 -3.14 -33.78 1.45
C THR E 34 -2.53 -32.45 1.04
N ILE E 35 -3.34 -31.61 0.40
CA ILE E 35 -2.95 -30.28 -0.04
C ILE E 35 -3.73 -29.27 0.79
N ILE E 36 -3.01 -28.32 1.39
CA ILE E 36 -3.65 -27.32 2.24
C ILE E 36 -4.45 -26.35 1.38
N GLY E 37 -5.71 -26.12 1.76
CA GLY E 37 -6.58 -25.23 1.02
C GLY E 37 -7.21 -25.82 -0.21
N GLU E 38 -7.09 -27.14 -0.42
CA GLU E 38 -7.65 -27.76 -1.61
C GLU E 38 -9.17 -27.83 -1.57
N CYS E 39 -9.73 -28.24 -0.44
CA CYS E 39 -11.17 -28.49 -0.36
C CYS E 39 -11.94 -27.17 -0.25
N HIS E 40 -12.96 -27.02 -1.09
CA HIS E 40 -13.85 -25.87 -1.06
C HIS E 40 -15.26 -26.39 -0.90
N MET E 41 -15.89 -26.08 0.23
CA MET E 41 -17.22 -26.61 0.54
C MET E 41 -18.24 -25.49 0.55
N SER E 42 -19.47 -25.83 0.17
CA SER E 42 -20.59 -24.91 0.20
C SER E 42 -21.77 -25.60 0.85
N GLU E 43 -22.40 -24.93 1.81
CA GLU E 43 -23.47 -25.51 2.62
C GLU E 43 -24.77 -24.75 2.39
N SER E 44 -25.89 -25.48 2.50
CA SER E 44 -27.20 -24.87 2.32
C SER E 44 -28.22 -25.69 3.11
N TYR E 45 -29.01 -25.01 3.94
CA TYR E 45 -30.08 -25.64 4.70
C TYR E 45 -31.41 -25.10 4.19
N ILE E 46 -32.06 -25.87 3.31
CA ILE E 46 -33.31 -25.45 2.67
C ILE E 46 -34.36 -26.53 2.86
N ASP E 47 -35.46 -26.14 3.53
CA ASP E 47 -36.63 -26.98 3.80
C ASP E 47 -36.14 -28.25 4.52
N ARG E 48 -35.56 -28.01 5.71
CA ARG E 48 -35.06 -29.00 6.66
C ARG E 48 -34.12 -30.02 6.01
N ASN E 49 -33.40 -29.62 4.96
CA ASN E 49 -32.46 -30.47 4.25
C ASN E 49 -31.09 -29.81 4.27
N ALA E 50 -30.11 -30.52 4.80
CA ALA E 50 -28.76 -29.99 4.93
C ALA E 50 -27.91 -30.56 3.79
N ASN E 51 -27.50 -29.69 2.87
CA ASN E 51 -26.73 -30.09 1.70
C ASN E 51 -25.36 -29.45 1.80
N ILE E 52 -24.31 -30.25 1.56
CA ILE E 52 -22.94 -29.76 1.52
C ILE E 52 -22.32 -30.21 0.21
N VAL E 53 -21.69 -29.27 -0.51
CA VAL E 53 -21.05 -29.54 -1.78
C VAL E 53 -19.59 -29.16 -1.64
N LEU E 54 -18.71 -30.15 -1.56
CA LEU E 54 -17.29 -29.91 -1.37
C LEU E 54 -16.52 -30.44 -2.57
N THR E 55 -15.69 -29.58 -3.15
CA THR E 55 -14.88 -29.90 -4.32
C THR E 55 -13.43 -29.98 -3.90
N GLY E 56 -12.80 -31.13 -4.11
CA GLY E 56 -11.40 -31.29 -3.77
C GLY E 56 -10.81 -32.59 -4.25
N TYR E 57 -9.54 -32.54 -4.69
CA TYR E 57 -8.78 -33.70 -5.14
C TYR E 57 -9.47 -34.42 -6.30
N GLY E 58 -10.08 -33.65 -7.19
CA GLY E 58 -10.72 -34.20 -8.37
C GLY E 58 -12.10 -34.77 -8.15
N LEU E 59 -12.73 -34.49 -7.02
CA LEU E 59 -14.05 -35.03 -6.70
C LEU E 59 -14.94 -33.91 -6.20
N LYS E 60 -16.18 -33.88 -6.69
CA LYS E 60 -17.22 -33.01 -6.16
C LYS E 60 -18.25 -33.90 -5.47
N ILE E 61 -18.38 -33.75 -4.16
CA ILE E 61 -19.25 -34.58 -3.34
C ILE E 61 -20.42 -33.73 -2.89
N ASN E 62 -21.63 -34.14 -3.27
CA ASN E 62 -22.86 -33.41 -2.94
C ASN E 62 -23.63 -34.35 -2.02
N MET E 63 -23.53 -34.13 -0.72
CA MET E 63 -24.22 -34.93 0.29
C MET E 63 -25.37 -34.14 0.87
N THR E 64 -26.56 -34.73 0.87
CA THR E 64 -27.77 -34.10 1.36
C THR E 64 -28.39 -35.00 2.42
N ILE E 65 -28.63 -34.46 3.61
CA ILE E 65 -29.35 -35.15 4.67
C ILE E 65 -30.76 -34.60 4.70
N MET E 66 -31.74 -35.50 4.58
CA MET E 66 -33.13 -35.09 4.39
C MET E 66 -33.92 -35.21 5.70
N ASP E 67 -34.82 -34.24 5.90
CA ASP E 67 -35.75 -34.19 7.04
C ASP E 67 -34.95 -34.19 8.36
N THR E 68 -34.11 -33.18 8.52
CA THR E 68 -33.22 -33.09 9.66
C THR E 68 -33.26 -31.68 10.26
N ASP E 69 -32.88 -31.61 11.53
CA ASP E 69 -32.88 -30.35 12.27
C ASP E 69 -31.48 -29.80 12.49
N GLN E 70 -30.49 -30.30 11.75
CA GLN E 70 -29.10 -29.87 11.89
C GLN E 70 -28.56 -29.49 10.52
N ARG E 71 -27.86 -28.36 10.45
CA ARG E 71 -27.22 -27.92 9.24
C ARG E 71 -25.72 -28.16 9.34
N PHE E 72 -25.08 -28.39 8.20
CA PHE E 72 -23.64 -28.62 8.18
C PHE E 72 -22.90 -27.36 8.59
N VAL E 73 -21.75 -27.53 9.24
CA VAL E 73 -20.93 -26.42 9.67
C VAL E 73 -19.56 -26.43 9.00
N ALA E 74 -18.98 -27.60 8.78
CA ALA E 74 -17.59 -27.70 8.35
C ALA E 74 -17.35 -29.04 7.69
N ALA E 75 -16.19 -29.13 7.03
CA ALA E 75 -15.75 -30.39 6.44
C ALA E 75 -14.23 -30.42 6.46
N ALA E 76 -13.67 -31.63 6.42
CA ALA E 76 -12.23 -31.82 6.37
C ALA E 76 -11.93 -32.98 5.43
N GLU E 77 -11.07 -32.73 4.44
CA GLU E 77 -10.73 -33.71 3.42
C GLU E 77 -9.26 -34.05 3.54
N GLY E 78 -8.95 -35.33 3.60
CA GLY E 78 -7.58 -35.79 3.66
C GLY E 78 -7.34 -36.95 2.71
N VAL E 79 -6.10 -37.09 2.29
CA VAL E 79 -5.69 -38.12 1.33
C VAL E 79 -4.87 -39.15 2.07
N GLY E 80 -5.27 -40.42 1.96
CA GLY E 80 -4.53 -41.52 2.53
C GLY E 80 -3.71 -42.26 1.49
N LYS E 81 -3.02 -43.29 1.97
CA LYS E 81 -2.25 -44.14 1.08
C LYS E 81 -3.21 -45.02 0.26
N ASP E 82 -2.71 -45.49 -0.90
CA ASP E 82 -3.49 -46.25 -1.89
C ASP E 82 -4.69 -45.46 -2.40
N ASN E 83 -4.52 -44.14 -2.53
CA ASN E 83 -5.47 -43.22 -3.15
C ASN E 83 -6.81 -43.14 -2.42
N LYS E 84 -6.88 -43.58 -1.17
CA LYS E 84 -8.10 -43.43 -0.41
C LYS E 84 -8.27 -41.99 0.04
N LEU E 85 -9.47 -41.45 -0.16
CA LEU E 85 -9.78 -40.07 0.22
C LEU E 85 -10.77 -40.11 1.38
N SER E 86 -10.38 -39.52 2.50
CA SER E 86 -11.20 -39.51 3.71
C SER E 86 -11.79 -38.13 3.90
N VAL E 87 -13.11 -38.08 4.08
CA VAL E 87 -13.84 -36.84 4.28
C VAL E 87 -14.50 -36.89 5.64
N LEU E 88 -14.19 -35.92 6.49
CA LEU E 88 -14.83 -35.77 7.79
C LEU E 88 -15.79 -34.59 7.70
N LEU E 89 -17.05 -34.83 8.08
CA LEU E 89 -18.12 -33.86 7.93
C LEU E 89 -18.67 -33.50 9.29
N PHE E 90 -19.11 -32.24 9.43
CA PHE E 90 -19.53 -31.71 10.73
C PHE E 90 -20.81 -30.91 10.58
N THR E 91 -21.76 -31.12 11.49
CA THR E 91 -22.95 -30.28 11.62
C THR E 91 -23.01 -29.61 12.99
N THR E 92 -24.11 -28.90 13.25
CA THR E 92 -24.31 -28.11 14.46
C THR E 92 -24.36 -28.98 15.72
N GLN E 93 -25.40 -29.80 15.84
CA GLN E 93 -25.61 -30.65 17.00
C GLN E 93 -26.71 -31.65 16.67
N ARG E 94 -26.78 -32.71 17.47
CA ARG E 94 -27.74 -33.78 17.24
C ARG E 94 -28.97 -33.53 18.11
N LEU E 95 -29.95 -32.83 17.52
CA LEU E 95 -31.17 -32.54 18.26
C LEU E 95 -32.06 -33.77 18.40
N ASP E 96 -32.20 -34.54 17.33
CA ASP E 96 -33.02 -35.74 17.33
C ASP E 96 -32.17 -37.00 17.18
N LYS E 97 -32.54 -38.05 17.90
CA LYS E 97 -31.80 -39.31 17.88
C LYS E 97 -32.49 -40.32 16.96
N VAL E 98 -32.52 -39.97 15.67
CA VAL E 98 -33.14 -40.82 14.66
C VAL E 98 -32.24 -40.83 13.42
N HIS E 99 -32.33 -41.91 12.65
CA HIS E 99 -31.60 -42.03 11.41
C HIS E 99 -32.29 -41.25 10.30
N HIS E 100 -31.50 -40.63 9.43
CA HIS E 100 -32.02 -39.78 8.38
C HIS E 100 -31.61 -40.31 7.01
N ASN E 101 -32.53 -40.22 6.06
CA ASN E 101 -32.24 -40.61 4.68
C ASN E 101 -31.27 -39.62 4.06
N ILE E 102 -30.28 -40.15 3.33
CA ILE E 102 -29.21 -39.36 2.76
C ILE E 102 -29.17 -39.59 1.26
N SER E 103 -28.70 -38.58 0.52
CA SER E 103 -28.41 -38.71 -0.90
C SER E 103 -27.06 -38.05 -1.16
N VAL E 104 -26.07 -38.84 -1.56
CA VAL E 104 -24.72 -38.35 -1.76
C VAL E 104 -24.33 -38.52 -3.24
N THR E 105 -24.05 -37.42 -3.91
CA THR E 105 -23.70 -37.43 -5.32
C THR E 105 -22.22 -37.13 -5.47
N ILE E 106 -21.48 -38.06 -6.07
CA ILE E 106 -20.03 -38.01 -6.14
C ILE E 106 -19.65 -37.93 -7.62
N THR E 107 -19.39 -36.73 -8.11
CA THR E 107 -19.04 -36.53 -9.51
C THR E 107 -17.53 -36.39 -9.65
N CYS E 108 -16.93 -37.19 -10.53
CA CYS E 108 -15.51 -37.05 -10.85
C CYS E 108 -15.33 -35.87 -11.79
N MET E 109 -14.63 -34.84 -11.31
CA MET E 109 -14.48 -33.60 -12.06
C MET E 109 -13.11 -33.44 -12.71
N GLU E 110 -12.20 -34.38 -12.52
CA GLU E 110 -10.89 -34.16 -13.10
C GLU E 110 -10.35 -35.34 -13.91
N MET E 111 -10.60 -36.57 -13.46
CA MET E 111 -10.11 -37.75 -14.16
C MET E 111 -11.18 -38.82 -14.15
N ASN E 112 -11.19 -39.64 -15.21
CA ASN E 112 -12.15 -40.73 -15.41
C ASN E 112 -13.59 -40.21 -15.33
N CYS E 113 -13.90 -39.39 -16.31
CA CYS E 113 -14.95 -38.38 -16.24
C CYS E 113 -16.10 -38.80 -17.12
N GLY E 114 -17.32 -38.74 -16.60
CA GLY E 114 -18.46 -39.20 -17.38
C GLY E 114 -19.78 -38.92 -16.71
N THR E 115 -20.82 -39.59 -17.21
CA THR E 115 -22.18 -39.45 -16.71
C THR E 115 -22.41 -40.43 -15.57
N THR E 116 -23.68 -40.59 -15.16
CA THR E 116 -24.01 -41.39 -13.99
C THR E 116 -23.69 -42.86 -14.22
N LYS E 117 -22.95 -43.45 -13.29
CA LYS E 117 -22.46 -44.82 -13.40
C LYS E 117 -23.23 -45.81 -12.54
N TYR E 118 -23.58 -45.45 -11.30
CA TYR E 118 -24.25 -46.37 -10.40
C TYR E 118 -25.69 -45.95 -10.10
N ASN E 119 -25.88 -44.77 -9.49
CA ASN E 119 -27.20 -44.19 -9.17
C ASN E 119 -28.14 -45.20 -8.51
N SER E 120 -27.76 -45.66 -7.32
CA SER E 120 -28.51 -46.68 -6.62
C SER E 120 -28.65 -46.32 -5.14
N ASP E 121 -29.42 -47.15 -4.43
CA ASP E 121 -29.72 -46.94 -3.02
C ASP E 121 -28.94 -47.93 -2.17
N LEU E 122 -28.10 -47.40 -1.27
CA LEU E 122 -27.39 -48.23 -0.31
C LEU E 122 -28.16 -48.26 1.00
N PRO E 123 -28.69 -49.41 1.43
CA PRO E 123 -29.30 -49.47 2.75
C PRO E 123 -28.24 -49.40 3.83
N GLU E 124 -28.57 -48.75 4.95
CA GLU E 124 -27.64 -48.73 6.06
C GLU E 124 -27.58 -50.12 6.68
N SER E 125 -26.36 -50.57 6.94
CA SER E 125 -26.15 -51.94 7.37
C SER E 125 -26.53 -52.15 8.83
N ILE E 126 -26.39 -51.11 9.65
CA ILE E 126 -26.75 -51.17 11.05
C ILE E 126 -28.10 -50.49 11.22
N HIS E 127 -29.05 -51.23 11.80
CA HIS E 127 -30.44 -50.85 12.15
C HIS E 127 -31.37 -50.70 10.95
N LYS E 128 -30.82 -50.68 9.72
CA LYS E 128 -31.59 -50.66 8.46
C LYS E 128 -32.69 -49.61 8.42
N SER E 129 -32.43 -48.43 8.97
CA SER E 129 -33.46 -47.40 9.08
C SER E 129 -33.30 -46.26 8.08
N SER E 130 -32.23 -46.26 7.28
CA SER E 130 -31.99 -45.17 6.34
C SER E 130 -31.31 -45.74 5.10
N SER E 131 -31.35 -44.96 4.02
CA SER E 131 -30.75 -45.37 2.75
C SER E 131 -29.98 -44.20 2.16
N CYS E 132 -28.91 -44.54 1.44
CA CYS E 132 -28.11 -43.55 0.71
C CYS E 132 -28.39 -43.68 -0.78
N ASP E 133 -29.08 -42.68 -1.34
CA ASP E 133 -29.28 -42.59 -2.78
C ASP E 133 -28.01 -42.00 -3.37
N ILE E 134 -27.08 -42.86 -3.75
CA ILE E 134 -25.74 -42.43 -4.14
C ILE E 134 -25.62 -42.50 -5.65
N THR E 135 -25.19 -41.39 -6.26
CA THR E 135 -25.07 -41.26 -7.71
C THR E 135 -23.65 -40.83 -8.03
N ILE E 136 -22.96 -41.63 -8.84
CA ILE E 136 -21.56 -41.36 -9.21
C ILE E 136 -21.52 -40.97 -10.67
N ASN E 137 -21.06 -39.75 -10.95
CA ASN E 137 -20.90 -39.26 -12.32
C ASN E 137 -19.45 -39.47 -12.74
N GLY E 138 -19.15 -40.70 -13.13
CA GLY E 138 -17.82 -41.04 -13.59
C GLY E 138 -17.39 -42.43 -13.17
N SER E 139 -16.28 -42.91 -13.74
CA SER E 139 -15.73 -44.21 -13.39
C SER E 139 -14.53 -44.10 -12.45
N CYS E 140 -14.29 -42.92 -11.89
CA CYS E 140 -13.11 -42.73 -11.05
C CYS E 140 -13.27 -43.38 -9.69
N VAL E 141 -14.49 -43.45 -9.16
CA VAL E 141 -14.71 -43.94 -7.82
C VAL E 141 -14.60 -45.46 -7.80
N THR E 142 -13.76 -45.98 -6.90
CA THR E 142 -13.57 -47.41 -6.71
C THR E 142 -14.42 -47.95 -5.56
N CYS E 143 -14.51 -47.21 -4.45
CA CYS E 143 -15.31 -47.64 -3.31
C CYS E 143 -15.81 -46.43 -2.57
N VAL E 144 -16.94 -46.58 -1.88
CA VAL E 144 -17.52 -45.55 -1.02
C VAL E 144 -17.89 -46.19 0.30
N ASN E 145 -17.39 -45.64 1.40
CA ASN E 145 -17.80 -46.03 2.73
C ASN E 145 -18.23 -44.78 3.48
N LEU E 146 -19.49 -44.73 3.89
CA LEU E 146 -20.06 -43.58 4.61
C LEU E 146 -20.48 -44.05 6.00
N GLU E 147 -19.66 -43.75 6.99
CA GLU E 147 -19.95 -44.08 8.39
C GLU E 147 -20.56 -42.85 9.03
N THR E 148 -21.88 -42.83 9.17
CA THR E 148 -22.57 -41.69 9.73
C THR E 148 -22.70 -41.82 11.24
N ASP E 149 -22.62 -40.68 11.92
CA ASP E 149 -22.55 -40.60 13.38
C ASP E 149 -21.48 -41.52 13.97
N PRO E 150 -20.20 -41.31 13.63
CA PRO E 150 -19.18 -42.28 14.00
C PRO E 150 -18.84 -42.22 15.48
N THR E 151 -18.62 -43.40 16.07
CA THR E 151 -18.19 -43.46 17.45
C THR E 151 -16.78 -42.90 17.62
N LYS E 152 -15.89 -43.25 16.68
CA LYS E 152 -14.47 -42.86 16.82
C LYS E 152 -14.05 -41.80 15.80
N ILE E 153 -13.53 -40.67 16.30
CA ILE E 153 -12.96 -39.63 15.46
C ILE E 153 -11.58 -40.10 15.00
N ASN E 154 -11.20 -39.73 13.79
CA ASN E 154 -9.90 -40.14 13.26
C ASN E 154 -8.79 -39.52 14.10
N PRO E 155 -7.84 -40.32 14.61
CA PRO E 155 -6.88 -39.81 15.61
C PRO E 155 -5.97 -38.70 15.11
N HIS E 156 -5.60 -38.70 13.83
CA HIS E 156 -4.76 -37.65 13.27
C HIS E 156 -5.56 -36.57 12.55
N TYR E 157 -6.80 -36.32 12.97
CA TYR E 157 -7.52 -35.12 12.58
C TYR E 157 -7.31 -34.09 13.70
N LEU E 158 -6.60 -33.01 13.36
CA LEU E 158 -6.32 -31.94 14.33
C LEU E 158 -7.50 -30.98 14.31
N HIS E 159 -8.25 -30.94 15.40
CA HIS E 159 -9.36 -30.00 15.50
C HIS E 159 -8.85 -28.57 15.56
N PRO E 160 -9.48 -27.64 14.85
CA PRO E 160 -9.05 -26.23 14.90
C PRO E 160 -9.23 -25.66 16.30
N LYS E 161 -8.36 -24.73 16.66
CA LYS E 161 -8.45 -24.08 17.95
C LYS E 161 -9.64 -23.12 17.97
N ASN E 162 -10.16 -22.90 19.18
CA ASN E 162 -11.38 -22.16 19.49
C ASN E 162 -12.63 -22.85 18.94
N LYS E 163 -12.49 -24.08 18.46
CA LYS E 163 -13.62 -24.90 18.03
C LYS E 163 -13.82 -26.04 19.02
N TYR E 164 -15.05 -26.53 19.11
CA TYR E 164 -15.40 -27.59 20.04
C TYR E 164 -16.01 -28.76 19.26
N LEU E 165 -15.42 -29.93 19.43
CA LEU E 165 -15.88 -31.15 18.76
C LEU E 165 -16.72 -32.01 19.69
N TYR E 166 -17.88 -32.43 19.21
CA TYR E 166 -18.70 -33.42 19.87
C TYR E 166 -18.97 -34.55 18.89
N HIS E 167 -18.89 -35.79 19.35
CA HIS E 167 -19.16 -36.92 18.49
C HIS E 167 -20.09 -37.89 19.19
N ASN E 168 -20.86 -38.63 18.40
CA ASN E 168 -21.78 -39.62 18.93
C ASN E 168 -21.00 -40.76 19.59
N SER E 169 -21.46 -41.17 20.77
CA SER E 169 -20.82 -42.24 21.52
C SER E 169 -21.70 -43.47 21.66
N GLU E 170 -22.77 -43.57 20.88
CA GLU E 170 -23.73 -44.66 20.97
C GLU E 170 -23.66 -45.50 19.71
N TYR E 171 -23.60 -46.83 19.88
CA TYR E 171 -23.66 -47.73 18.73
C TYR E 171 -25.04 -47.74 18.10
N SER E 172 -26.08 -47.39 18.85
CA SER E 172 -27.44 -47.37 18.33
C SER E 172 -27.68 -46.26 17.33
N MET E 173 -26.72 -45.34 17.16
CA MET E 173 -26.89 -44.19 16.29
C MET E 173 -25.99 -44.22 15.05
N ARG E 174 -24.99 -45.10 15.00
CA ARG E 174 -24.05 -45.10 13.88
C ARG E 174 -24.58 -45.98 12.76
N GLY E 175 -24.58 -45.43 11.54
CA GLY E 175 -25.01 -46.16 10.37
C GLY E 175 -23.96 -46.16 9.28
N SER E 176 -23.67 -47.33 8.72
CA SER E 176 -22.62 -47.51 7.74
C SER E 176 -23.25 -47.79 6.38
N TYR E 177 -22.86 -47.00 5.37
CA TYR E 177 -23.28 -47.19 3.99
C TYR E 177 -22.05 -47.58 3.18
N GLY E 178 -22.12 -48.72 2.51
CA GLY E 178 -20.96 -49.18 1.79
C GLY E 178 -21.21 -49.78 0.43
N VAL E 179 -20.40 -49.36 -0.55
CA VAL E 179 -20.43 -49.95 -1.88
C VAL E 179 -18.99 -50.01 -2.39
N THR E 180 -18.63 -51.13 -3.02
CA THR E 180 -17.35 -51.28 -3.69
C THR E 180 -17.59 -51.75 -5.10
N PHE E 181 -17.00 -51.05 -6.08
CA PHE E 181 -17.28 -51.31 -7.48
C PHE E 181 -16.30 -52.30 -8.10
N ILE E 182 -15.15 -52.52 -7.46
CA ILE E 182 -14.19 -53.53 -7.88
C ILE E 182 -14.09 -54.56 -6.76
N ASP E 183 -13.47 -55.70 -7.06
CA ASP E 183 -13.27 -56.76 -6.07
C ASP E 183 -12.17 -56.29 -5.13
N GLU E 184 -12.57 -55.49 -4.14
CA GLU E 184 -11.63 -54.83 -3.25
C GLU E 184 -11.76 -55.27 -1.79
N LEU E 185 -12.78 -56.07 -1.45
CA LEU E 185 -13.02 -56.60 -0.10
C LEU E 185 -13.10 -55.49 0.94
N ASN E 186 -13.64 -54.33 0.53
CA ASN E 186 -13.74 -53.12 1.34
C ASN E 186 -12.36 -52.72 1.89
N GLN E 187 -11.47 -52.40 0.94
CA GLN E 187 -10.20 -51.77 1.26
C GLN E 187 -10.30 -50.26 1.34
N CYS E 188 -11.51 -49.73 1.57
CA CYS E 188 -11.68 -48.32 1.87
C CYS E 188 -11.01 -47.95 3.19
N LEU E 189 -10.80 -48.93 4.07
CA LEU E 189 -10.07 -48.76 5.31
C LEU E 189 -8.67 -48.24 5.01
N LEU E 190 -8.40 -46.99 5.41
CA LEU E 190 -7.13 -46.36 5.08
C LEU E 190 -6.01 -46.96 5.92
N ASP E 191 -4.79 -46.82 5.42
CA ASP E 191 -3.63 -47.22 6.21
C ASP E 191 -3.37 -46.22 7.34
N ILE E 192 -3.72 -44.95 7.13
CA ILE E 192 -3.80 -43.88 8.14
C ILE E 192 -2.39 -43.51 8.63
N LYS E 193 -1.35 -44.11 8.03
CA LYS E 193 0.01 -43.84 8.50
C LYS E 193 0.46 -42.44 8.11
N GLU E 194 0.22 -42.06 6.86
CA GLU E 194 0.61 -40.74 6.35
C GLU E 194 -0.58 -39.81 6.22
N LEU E 195 -1.67 -40.09 6.92
CA LEU E 195 -2.89 -39.32 6.77
C LEU E 195 -2.77 -37.97 7.46
N SER E 196 -3.18 -36.92 6.75
CA SER E 196 -3.30 -35.58 7.30
C SER E 196 -4.64 -35.01 6.87
N TYR E 197 -5.12 -34.00 7.60
CA TYR E 197 -6.43 -33.42 7.34
C TYR E 197 -6.30 -31.92 7.20
N ASP E 198 -7.01 -31.37 6.21
CA ASP E 198 -7.06 -29.93 5.97
C ASP E 198 -8.52 -29.47 6.03
N ILE E 199 -8.76 -28.38 6.73
CA ILE E 199 -10.10 -27.84 6.87
C ILE E 199 -10.49 -27.11 5.60
N CYS E 200 -11.73 -27.31 5.17
CA CYS E 200 -12.21 -26.77 3.90
C CYS E 200 -12.48 -25.27 4.00
N TYR E 201 -12.76 -24.66 2.85
CA TYR E 201 -13.05 -23.21 2.72
C TYR E 201 -14.57 -23.01 2.54
N ARG E 202 -15.07 -21.77 2.68
CA ARG E 202 -16.49 -21.37 2.53
C ARG E 202 -17.39 -22.08 3.54
N GLU E 203 -16.91 -22.31 4.76
CA GLU E 203 -17.73 -23.00 5.80
C GLU E 203 -18.79 -22.02 6.31
N TYR F 3 -33.46 24.70 36.49
CA TYR F 3 -32.40 23.88 35.93
C TYR F 3 -32.53 22.43 36.37
N LYS F 4 -32.46 21.50 35.41
CA LYS F 4 -32.56 20.08 35.69
C LYS F 4 -31.45 19.33 34.98
N ASN F 5 -30.87 18.35 35.66
CA ASN F 5 -29.77 17.58 35.09
C ASN F 5 -30.30 16.66 33.98
N THR F 6 -29.63 16.66 32.83
CA THR F 6 -30.04 15.89 31.68
C THR F 6 -28.96 14.88 31.31
N ILE F 7 -29.28 14.06 30.33
CA ILE F 7 -28.32 13.17 29.70
C ILE F 7 -27.69 13.89 28.52
N CYS F 8 -26.38 13.72 28.35
CA CYS F 8 -25.67 14.39 27.26
C CYS F 8 -26.03 13.76 25.92
N PRO F 9 -25.79 14.47 24.82
CA PRO F 9 -25.91 13.85 23.51
C PRO F 9 -24.89 12.73 23.36
N PRO F 10 -25.21 11.71 22.57
CA PRO F 10 -24.32 10.54 22.47
C PRO F 10 -22.99 10.88 21.82
N ARG F 11 -21.97 10.12 22.20
CA ARG F 11 -20.61 10.30 21.72
C ARG F 11 -20.14 9.03 21.03
N GLN F 12 -19.07 9.16 20.25
CA GLN F 12 -18.46 7.99 19.64
C GLN F 12 -17.74 7.14 20.67
N ASP F 13 -17.01 7.78 21.59
CA ASP F 13 -16.28 7.09 22.64
C ASP F 13 -16.58 7.80 23.95
N TYR F 14 -16.87 7.02 24.99
CA TYR F 14 -17.22 7.55 26.31
C TYR F 14 -16.10 7.18 27.27
N ARG F 15 -15.66 8.14 28.09
CA ARG F 15 -14.62 7.82 29.06
C ARG F 15 -15.10 7.78 30.50
N TYR F 16 -16.36 8.13 30.77
CA TYR F 16 -16.89 8.12 32.13
C TYR F 16 -17.91 6.99 32.22
N TRP F 17 -17.49 5.87 32.81
CA TRP F 17 -18.27 4.65 32.86
C TRP F 17 -18.79 4.47 34.29
N TYR F 18 -20.03 3.98 34.41
CA TYR F 18 -20.65 3.76 35.70
C TYR F 18 -21.09 2.30 35.79
N PHE F 19 -20.60 1.59 36.80
CA PHE F 19 -20.88 0.16 36.96
C PHE F 19 -22.34 -0.02 37.36
N VAL F 20 -23.18 -0.37 36.38
CA VAL F 20 -24.62 -0.40 36.60
C VAL F 20 -25.11 -1.80 36.99
N ALA F 21 -24.48 -2.86 36.49
CA ALA F 21 -25.05 -4.19 36.65
C ALA F 21 -23.96 -5.24 36.51
N GLU F 22 -24.03 -6.25 37.37
CA GLU F 22 -23.18 -7.44 37.28
C GLU F 22 -24.07 -8.60 36.88
N LEU F 23 -24.03 -8.96 35.60
CA LEU F 23 -24.89 -9.99 35.05
C LEU F 23 -24.09 -11.28 34.88
N THR F 24 -24.57 -12.35 35.49
CA THR F 24 -23.92 -13.64 35.43
C THR F 24 -24.90 -14.65 34.86
N ILE F 25 -24.49 -15.33 33.78
CA ILE F 25 -25.32 -16.32 33.10
C ILE F 25 -24.57 -17.64 33.06
N GLY F 26 -25.15 -18.67 33.65
CA GLY F 26 -24.59 -20.01 33.54
C GLY F 26 -25.18 -20.78 32.38
N VAL F 27 -24.34 -21.52 31.68
CA VAL F 27 -24.75 -22.25 30.49
C VAL F 27 -24.30 -23.70 30.62
N ASN F 28 -25.10 -24.60 30.04
CA ASN F 28 -24.75 -26.02 30.07
C ASN F 28 -23.71 -26.37 29.02
N TYR F 29 -23.71 -25.70 27.88
CA TYR F 29 -22.69 -25.97 26.87
C TYR F 29 -21.36 -25.34 27.29
N ASP F 30 -20.28 -25.90 26.74
CA ASP F 30 -18.94 -25.61 27.23
C ASP F 30 -18.38 -24.35 26.59
N ILE F 31 -17.93 -23.43 27.45
CA ILE F 31 -17.08 -22.31 27.05
C ILE F 31 -15.79 -22.41 27.85
N ASN F 32 -14.66 -22.39 27.16
CA ASN F 32 -13.38 -22.63 27.82
C ASN F 32 -12.90 -21.41 28.59
N SER F 33 -12.63 -20.31 27.90
CA SER F 33 -12.05 -19.13 28.54
C SER F 33 -12.41 -17.90 27.71
N THR F 34 -11.99 -16.74 28.20
CA THR F 34 -12.29 -15.47 27.55
C THR F 34 -11.56 -15.34 26.23
N ILE F 35 -12.26 -14.89 25.21
CA ILE F 35 -11.70 -14.66 23.88
C ILE F 35 -11.71 -13.16 23.63
N ILE F 36 -10.55 -12.62 23.22
CA ILE F 36 -10.43 -11.18 22.99
C ILE F 36 -11.19 -10.82 21.73
N GLY F 37 -12.03 -9.78 21.81
CA GLY F 37 -12.81 -9.34 20.69
C GLY F 37 -14.06 -10.13 20.41
N GLU F 38 -14.45 -11.04 21.32
CA GLU F 38 -15.62 -11.87 21.08
C GLU F 38 -16.92 -11.08 21.21
N CYS F 39 -17.04 -10.27 22.25
CA CYS F 39 -18.30 -9.60 22.54
C CYS F 39 -18.51 -8.41 21.61
N HIS F 40 -19.70 -8.34 21.01
CA HIS F 40 -20.08 -7.24 20.14
C HIS F 40 -21.38 -6.66 20.70
N MET F 41 -21.34 -5.42 21.17
CA MET F 41 -22.49 -4.81 21.82
C MET F 41 -23.01 -3.67 20.98
N SER F 42 -24.33 -3.46 21.05
CA SER F 42 -25.00 -2.35 20.39
C SER F 42 -25.93 -1.67 21.38
N GLU F 43 -25.86 -0.35 21.46
CA GLU F 43 -26.59 0.42 22.44
C GLU F 43 -27.57 1.36 21.75
N SER F 44 -28.68 1.63 22.43
CA SER F 44 -29.70 2.53 21.89
C SER F 44 -30.48 3.14 23.05
N TYR F 45 -30.59 4.46 23.05
CA TYR F 45 -31.36 5.19 24.06
C TYR F 45 -32.55 5.83 23.36
N ILE F 46 -33.71 5.18 23.45
CA ILE F 46 -34.92 5.64 22.76
C ILE F 46 -36.06 5.74 23.75
N ASP F 47 -36.60 6.96 23.89
CA ASP F 47 -37.73 7.30 24.78
C ASP F 47 -37.39 6.84 26.19
N ARG F 48 -36.31 7.45 26.71
CA ARG F 48 -35.78 7.27 28.07
C ARG F 48 -35.56 5.79 28.43
N ASN F 49 -35.28 4.95 27.44
CA ASN F 49 -35.05 3.52 27.64
C ASN F 49 -33.67 3.18 27.09
N ALA F 50 -32.81 2.63 27.94
CA ALA F 50 -31.46 2.29 27.57
C ALA F 50 -31.40 0.80 27.29
N ASN F 51 -31.18 0.44 26.02
CA ASN F 51 -31.15 -0.95 25.59
C ASN F 51 -29.74 -1.27 25.10
N ILE F 52 -29.19 -2.40 25.55
CA ILE F 52 -27.90 -2.87 25.09
C ILE F 52 -28.07 -4.31 24.61
N VAL F 53 -27.55 -4.60 23.42
CA VAL F 53 -27.64 -5.92 22.81
C VAL F 53 -26.22 -6.39 22.55
N LEU F 54 -25.75 -7.34 23.35
CA LEU F 54 -24.38 -7.82 23.23
C LEU F 54 -24.39 -9.30 22.88
N THR F 55 -23.67 -9.66 21.82
CA THR F 55 -23.58 -11.03 21.33
C THR F 55 -22.18 -11.55 21.60
N GLY F 56 -22.10 -12.64 22.35
CA GLY F 56 -20.80 -13.23 22.65
C GLY F 56 -20.91 -14.56 23.34
N TYR F 57 -20.01 -15.48 22.99
CA TYR F 57 -19.89 -16.82 23.60
C TYR F 57 -21.19 -17.60 23.47
N GLY F 58 -21.86 -17.45 22.33
CA GLY F 58 -23.08 -18.19 22.06
C GLY F 58 -24.33 -17.63 22.68
N LEU F 59 -24.30 -16.40 23.18
CA LEU F 59 -25.44 -15.80 23.85
C LEU F 59 -25.66 -14.39 23.31
N LYS F 60 -26.91 -14.05 23.02
CA LYS F 60 -27.30 -12.68 22.70
C LYS F 60 -28.15 -12.18 23.86
N ILE F 61 -27.65 -11.15 24.56
CA ILE F 61 -28.30 -10.62 25.75
C ILE F 61 -28.85 -9.24 25.40
N ASN F 62 -30.16 -9.08 25.52
CA ASN F 62 -30.85 -7.84 25.20
C ASN F 62 -31.40 -7.32 26.53
N MET F 63 -30.68 -6.40 27.15
CA MET F 63 -31.08 -5.82 28.42
C MET F 63 -31.57 -4.40 28.20
N THR F 64 -32.76 -4.10 28.70
CA THR F 64 -33.39 -2.79 28.56
C THR F 64 -33.74 -2.25 29.93
N ILE F 65 -33.26 -1.05 30.25
CA ILE F 65 -33.64 -0.36 31.48
C ILE F 65 -34.66 0.70 31.12
N MET F 66 -35.82 0.65 31.77
CA MET F 66 -36.95 1.48 31.39
C MET F 66 -37.10 2.68 32.31
N ASP F 67 -37.49 3.81 31.71
CA ASP F 67 -37.77 5.08 32.40
C ASP F 67 -36.54 5.52 33.19
N THR F 68 -35.44 5.73 32.46
CA THR F 68 -34.16 6.07 33.07
C THR F 68 -33.52 7.24 32.34
N ASP F 69 -32.62 7.92 33.05
CA ASP F 69 -31.92 9.09 32.53
C ASP F 69 -30.47 8.79 32.18
N GLN F 70 -30.09 7.52 32.09
CA GLN F 70 -28.73 7.12 31.79
C GLN F 70 -28.74 6.13 30.62
N ARG F 71 -27.84 6.34 29.68
CA ARG F 71 -27.67 5.43 28.55
C ARG F 71 -26.41 4.60 28.76
N PHE F 72 -26.44 3.38 28.22
CA PHE F 72 -25.30 2.49 28.34
C PHE F 72 -24.11 3.06 27.58
N VAL F 73 -22.90 2.78 28.08
CA VAL F 73 -21.68 3.24 27.45
C VAL F 73 -20.80 2.09 26.99
N ALA F 74 -20.76 0.99 27.76
CA ALA F 74 -19.79 -0.06 27.53
C ALA F 74 -20.27 -1.36 28.15
N ALA F 75 -19.60 -2.45 27.78
CA ALA F 75 -19.86 -3.75 28.39
C ALA F 75 -18.56 -4.54 28.38
N ALA F 76 -18.47 -5.51 29.29
CA ALA F 76 -17.33 -6.40 29.37
C ALA F 76 -17.82 -7.81 29.68
N GLU F 77 -17.44 -8.77 28.84
CA GLU F 77 -17.88 -10.16 28.97
C GLU F 77 -16.68 -11.04 29.26
N GLY F 78 -16.79 -11.84 30.30
CA GLY F 78 -15.73 -12.78 30.65
C GLY F 78 -16.29 -14.15 30.95
N VAL F 79 -15.45 -15.16 30.77
CA VAL F 79 -15.83 -16.56 30.97
C VAL F 79 -15.12 -17.07 32.21
N GLY F 80 -15.90 -17.60 33.15
CA GLY F 80 -15.36 -18.21 34.35
C GLY F 80 -15.32 -19.73 34.26
N LYS F 81 -14.85 -20.34 35.34
CA LYS F 81 -14.83 -21.78 35.43
C LYS F 81 -16.26 -22.30 35.64
N ASP F 82 -16.48 -23.57 35.28
CA ASP F 82 -17.80 -24.23 35.29
C ASP F 82 -18.80 -23.50 34.39
N ASN F 83 -18.31 -22.97 33.27
CA ASN F 83 -19.10 -22.38 32.19
C ASN F 83 -19.92 -21.17 32.63
N LYS F 84 -19.57 -20.53 33.75
CA LYS F 84 -20.24 -19.31 34.14
C LYS F 84 -19.75 -18.15 33.29
N LEU F 85 -20.69 -17.35 32.79
CA LEU F 85 -20.39 -16.20 31.95
C LEU F 85 -20.73 -14.94 32.71
N SER F 86 -19.74 -14.09 32.95
CA SER F 86 -19.92 -12.87 33.71
C SER F 86 -19.93 -11.68 32.77
N VAL F 87 -20.95 -10.84 32.88
CA VAL F 87 -21.12 -9.66 32.05
C VAL F 87 -21.10 -8.44 32.97
N LEU F 88 -20.18 -7.52 32.72
CA LEU F 88 -20.13 -6.25 33.42
C LEU F 88 -20.64 -5.17 32.48
N LEU F 89 -21.61 -4.39 32.94
CA LEU F 89 -22.29 -3.40 32.12
C LEU F 89 -22.07 -2.01 32.69
N PHE F 90 -21.99 -1.02 31.80
CA PHE F 90 -21.64 0.34 32.21
C PHE F 90 -22.55 1.35 31.53
N THR F 91 -23.03 2.33 32.29
CA THR F 91 -23.75 3.50 31.76
C THR F 91 -22.99 4.79 32.07
N THR F 92 -23.61 5.92 31.71
CA THR F 92 -23.01 7.25 31.85
C THR F 92 -22.78 7.64 33.30
N GLN F 93 -23.86 7.81 34.06
CA GLN F 93 -23.80 8.24 35.46
C GLN F 93 -25.18 8.05 36.07
N ARG F 94 -25.22 8.03 37.40
CA ARG F 94 -26.46 7.81 38.14
C ARG F 94 -27.06 9.16 38.51
N LEU F 95 -27.93 9.67 37.63
CA LEU F 95 -28.56 10.95 37.90
C LEU F 95 -29.63 10.84 38.98
N ASP F 96 -30.44 9.79 38.93
CA ASP F 96 -31.50 9.57 39.90
C ASP F 96 -31.23 8.35 40.76
N LYS F 97 -31.55 8.46 42.04
CA LYS F 97 -31.32 7.38 43.00
C LYS F 97 -32.59 6.58 43.24
N VAL F 98 -33.08 5.93 42.18
CA VAL F 98 -34.29 5.13 42.24
C VAL F 98 -34.07 3.85 41.44
N HIS F 99 -34.80 2.81 41.82
CA HIS F 99 -34.73 1.53 41.11
C HIS F 99 -35.56 1.59 39.84
N HIS F 100 -35.08 0.94 38.79
CA HIS F 100 -35.71 0.97 37.49
C HIS F 100 -36.12 -0.42 37.06
N ASN F 101 -37.28 -0.53 36.42
CA ASN F 101 -37.74 -1.79 35.87
C ASN F 101 -36.89 -2.17 34.67
N ILE F 102 -36.52 -3.45 34.61
CA ILE F 102 -35.60 -3.97 33.60
C ILE F 102 -36.29 -5.10 32.84
N SER F 103 -35.90 -5.28 31.58
CA SER F 103 -36.30 -6.45 30.79
C SER F 103 -35.07 -6.96 30.07
N VAL F 104 -34.63 -8.17 30.41
CA VAL F 104 -33.42 -8.76 29.86
C VAL F 104 -33.77 -10.02 29.07
N THR F 105 -33.49 -10.00 27.78
CA THR F 105 -33.80 -11.12 26.89
C THR F 105 -32.51 -11.84 26.51
N ILE F 106 -32.42 -13.12 26.86
CA ILE F 106 -31.20 -13.90 26.72
C ILE F 106 -31.49 -15.03 25.74
N THR F 107 -31.12 -14.85 24.48
CA THR F 107 -31.36 -15.85 23.45
C THR F 107 -30.09 -16.65 23.21
N CYS F 108 -30.21 -17.98 23.26
CA CYS F 108 -29.09 -18.85 22.92
C CYS F 108 -28.97 -18.92 21.40
N MET F 109 -27.87 -18.43 20.86
CA MET F 109 -27.68 -18.33 19.42
C MET F 109 -26.75 -19.38 18.86
N GLU F 110 -26.18 -20.24 19.68
CA GLU F 110 -25.24 -21.20 19.10
C GLU F 110 -25.48 -22.64 19.52
N MET F 111 -25.88 -22.88 20.77
CA MET F 111 -26.12 -24.23 21.25
C MET F 111 -27.36 -24.25 22.13
N ASN F 112 -28.06 -25.38 22.12
CA ASN F 112 -29.30 -25.60 22.87
C ASN F 112 -30.32 -24.51 22.57
N CYS F 113 -30.77 -24.55 21.32
CA CYS F 113 -31.32 -23.41 20.61
C CYS F 113 -32.82 -23.62 20.43
N GLY F 114 -33.62 -22.61 20.75
CA GLY F 114 -35.04 -22.78 20.65
C GLY F 114 -35.80 -21.48 20.89
N THR F 115 -37.09 -21.63 21.15
CA THR F 115 -38.00 -20.52 21.39
C THR F 115 -38.00 -20.16 22.88
N THR F 116 -38.96 -19.33 23.29
CA THR F 116 -38.98 -18.82 24.65
C THR F 116 -39.25 -19.93 25.66
N LYS F 117 -38.40 -20.02 26.68
CA LYS F 117 -38.45 -21.09 27.66
C LYS F 117 -39.02 -20.65 29.00
N TYR F 118 -38.69 -19.46 29.49
CA TYR F 118 -39.15 -19.01 30.80
C TYR F 118 -40.12 -17.84 30.71
N ASN F 119 -39.68 -16.70 30.16
CA ASN F 119 -40.48 -15.48 29.94
C ASN F 119 -41.30 -15.10 31.17
N SER F 120 -40.60 -14.77 32.26
CA SER F 120 -41.25 -14.46 33.53
C SER F 120 -40.63 -13.23 34.16
N ASP F 121 -41.23 -12.80 35.27
CA ASP F 121 -40.82 -11.59 35.98
C ASP F 121 -40.08 -11.98 37.26
N LEU F 122 -38.83 -11.54 37.38
CA LEU F 122 -38.06 -11.73 38.60
C LEU F 122 -38.15 -10.48 39.46
N PRO F 123 -38.78 -10.55 40.63
CA PRO F 123 -38.75 -9.39 41.53
C PRO F 123 -37.36 -9.20 42.10
N GLU F 124 -36.98 -7.94 42.30
CA GLU F 124 -35.69 -7.69 42.94
C GLU F 124 -35.80 -8.05 44.41
N SER F 125 -34.78 -8.77 44.90
CA SER F 125 -34.84 -9.33 46.23
C SER F 125 -34.59 -8.29 47.30
N ILE F 126 -33.82 -7.26 46.99
CA ILE F 126 -33.53 -6.18 47.92
C ILE F 126 -34.41 -4.99 47.54
N HIS F 127 -35.20 -4.51 48.50
CA HIS F 127 -36.10 -3.36 48.46
C HIS F 127 -37.37 -3.58 47.63
N LYS F 128 -37.42 -4.66 46.84
CA LYS F 128 -38.61 -5.09 46.06
C LYS F 128 -39.25 -3.95 45.26
N SER F 129 -38.43 -3.09 44.66
CA SER F 129 -38.95 -1.93 43.95
C SER F 129 -38.90 -2.05 42.43
N SER F 130 -38.34 -3.14 41.90
CA SER F 130 -38.20 -3.30 40.46
C SER F 130 -38.32 -4.77 40.12
N SER F 131 -38.58 -5.04 38.83
CA SER F 131 -38.74 -6.41 38.36
C SER F 131 -37.99 -6.58 37.05
N CYS F 132 -37.49 -7.80 36.83
CA CYS F 132 -36.81 -8.15 35.58
C CYS F 132 -37.74 -9.05 34.76
N ASP F 133 -38.27 -8.53 33.67
CA ASP F 133 -39.03 -9.33 32.71
C ASP F 133 -38.02 -10.05 31.83
N ILE F 134 -37.64 -11.25 32.25
CA ILE F 134 -36.54 -11.98 31.63
C ILE F 134 -37.11 -13.08 30.73
N THR F 135 -36.67 -13.11 29.48
CA THR F 135 -37.14 -14.05 28.48
C THR F 135 -35.95 -14.77 27.89
N ILE F 136 -35.94 -16.10 27.99
CA ILE F 136 -34.84 -16.92 27.51
C ILE F 136 -35.31 -17.71 26.29
N ASN F 137 -34.67 -17.47 25.15
CA ASN F 137 -34.98 -18.19 23.91
C ASN F 137 -33.98 -19.33 23.77
N GLY F 138 -34.27 -20.41 24.49
CA GLY F 138 -33.43 -21.60 24.43
C GLY F 138 -33.31 -22.31 25.76
N SER F 139 -32.75 -23.51 25.74
CA SER F 139 -32.53 -24.28 26.97
C SER F 139 -31.07 -24.23 27.42
N CYS F 140 -30.27 -23.35 26.84
CA CYS F 140 -28.85 -23.32 27.17
C CYS F 140 -28.59 -22.68 28.53
N VAL F 141 -29.42 -21.74 28.94
CA VAL F 141 -29.19 -21.00 30.17
C VAL F 141 -29.55 -21.87 31.37
N THR F 142 -28.61 -22.00 32.31
CA THR F 142 -28.79 -22.74 33.54
C THR F 142 -29.20 -21.84 34.71
N CYS F 143 -28.57 -20.66 34.82
CA CYS F 143 -28.89 -19.72 35.89
C CYS F 143 -28.63 -18.31 35.41
N VAL F 144 -29.35 -17.36 35.99
CA VAL F 144 -29.16 -15.93 35.73
C VAL F 144 -29.10 -15.21 37.07
N ASN F 145 -28.04 -14.45 37.29
CA ASN F 145 -27.93 -13.56 38.45
C ASN F 145 -27.59 -12.18 37.93
N LEU F 146 -28.48 -11.21 38.19
CA LEU F 146 -28.30 -9.83 37.75
C LEU F 146 -28.21 -8.94 38.98
N GLU F 147 -26.99 -8.55 39.35
CA GLU F 147 -26.74 -7.68 40.48
C GLU F 147 -26.61 -6.26 39.93
N THR F 148 -27.67 -5.46 40.05
CA THR F 148 -27.68 -4.11 39.52
C THR F 148 -27.18 -3.13 40.56
N ASP F 149 -26.48 -2.10 40.09
CA ASP F 149 -25.76 -1.13 40.92
C ASP F 149 -24.87 -1.80 41.98
N PRO F 150 -23.88 -2.58 41.56
CA PRO F 150 -23.14 -3.41 42.52
C PRO F 150 -22.20 -2.57 43.38
N THR F 151 -22.10 -2.94 44.65
CA THR F 151 -21.17 -2.29 45.55
C THR F 151 -19.73 -2.62 45.17
N LYS F 152 -19.47 -3.89 44.84
CA LYS F 152 -18.08 -4.32 44.57
C LYS F 152 -17.85 -4.64 43.09
N ILE F 153 -16.85 -3.98 42.50
CA ILE F 153 -16.41 -4.26 41.13
C ILE F 153 -15.58 -5.54 41.18
N ASN F 154 -15.66 -6.35 40.12
CA ASN F 154 -14.90 -7.59 40.08
C ASN F 154 -13.41 -7.29 40.07
N PRO F 155 -12.64 -7.88 40.99
CA PRO F 155 -11.23 -7.45 41.17
C PRO F 155 -10.34 -7.66 39.96
N HIS F 156 -10.57 -8.69 39.16
CA HIS F 156 -9.78 -8.93 37.96
C HIS F 156 -10.44 -8.40 36.69
N TYR F 157 -11.23 -7.35 36.80
CA TYR F 157 -11.65 -6.56 35.64
C TYR F 157 -10.68 -5.40 35.51
N LEU F 158 -9.90 -5.40 34.44
CA LEU F 158 -8.92 -4.34 34.19
C LEU F 158 -9.63 -3.21 33.45
N HIS F 159 -9.80 -2.07 34.13
CA HIS F 159 -10.42 -0.92 33.49
C HIS F 159 -9.52 -0.37 32.39
N PRO F 160 -10.08 -0.01 31.23
CA PRO F 160 -9.26 0.56 30.16
C PRO F 160 -8.65 1.89 30.56
N LYS F 161 -7.47 2.16 30.03
CA LYS F 161 -6.81 3.41 30.33
C LYS F 161 -7.51 4.57 29.63
N ASN F 162 -7.36 5.76 30.22
CA ASN F 162 -8.05 7.00 29.87
C ASN F 162 -9.56 6.92 30.11
N LYS F 163 -10.03 5.87 30.77
CA LYS F 163 -11.41 5.73 31.20
C LYS F 163 -11.50 5.86 32.71
N TYR F 164 -12.66 6.30 33.19
CA TYR F 164 -12.89 6.54 34.60
C TYR F 164 -14.09 5.72 35.06
N LEU F 165 -13.88 4.87 36.06
CA LEU F 165 -14.92 4.02 36.61
C LEU F 165 -15.48 4.61 37.89
N TYR F 166 -16.81 4.66 37.97
CA TYR F 166 -17.53 5.00 39.19
C TYR F 166 -18.52 3.88 39.47
N HIS F 167 -18.63 3.48 40.72
CA HIS F 167 -19.57 2.43 41.09
C HIS F 167 -20.36 2.87 42.32
N ASN F 168 -21.57 2.34 42.43
CA ASN F 168 -22.43 2.65 43.57
C ASN F 168 -21.83 2.06 44.83
N SER F 169 -21.84 2.85 45.91
CA SER F 169 -21.29 2.42 47.19
C SER F 169 -22.35 2.31 48.27
N GLU F 170 -23.63 2.31 47.89
CA GLU F 170 -24.73 2.28 48.85
C GLU F 170 -25.48 0.96 48.73
N TYR F 171 -25.75 0.33 49.87
CA TYR F 171 -26.57 -0.89 49.86
C TYR F 171 -28.02 -0.58 49.52
N SER F 172 -28.48 0.65 49.76
CA SER F 172 -29.85 1.03 49.46
C SER F 172 -30.15 1.09 47.97
N MET F 173 -29.13 0.98 47.12
CA MET F 173 -29.29 1.11 45.68
C MET F 173 -29.06 -0.19 44.91
N ARG F 174 -28.51 -1.22 45.53
CA ARG F 174 -28.19 -2.45 44.81
C ARG F 174 -29.38 -3.39 44.83
N GLY F 175 -29.74 -3.89 43.65
CA GLY F 175 -30.83 -4.84 43.50
C GLY F 175 -30.40 -6.10 42.80
N SER F 176 -30.75 -7.25 43.37
CA SER F 176 -30.33 -8.55 42.85
C SER F 176 -31.53 -9.28 42.25
N TYR F 177 -31.40 -9.69 41.01
CA TYR F 177 -32.41 -10.50 40.31
C TYR F 177 -31.83 -11.88 40.07
N GLY F 178 -32.51 -12.90 40.56
CA GLY F 178 -31.98 -14.24 40.43
C GLY F 178 -32.96 -15.33 40.06
N VAL F 179 -32.57 -16.16 39.11
CA VAL F 179 -33.33 -17.35 38.75
C VAL F 179 -32.35 -18.47 38.44
N THR F 180 -32.65 -19.66 38.92
CA THR F 180 -31.89 -20.86 38.57
C THR F 180 -32.85 -21.93 38.08
N PHE F 181 -32.55 -22.49 36.91
CA PHE F 181 -33.46 -23.42 36.25
C PHE F 181 -33.20 -24.87 36.62
N ILE F 182 -32.02 -25.17 37.15
CA ILE F 182 -31.68 -26.49 37.65
C ILE F 182 -31.42 -26.37 39.15
N ASP F 183 -31.36 -27.52 39.83
CA ASP F 183 -31.10 -27.54 41.26
C ASP F 183 -29.61 -27.24 41.46
N GLU F 184 -29.29 -25.95 41.45
CA GLU F 184 -27.91 -25.49 41.44
C GLU F 184 -27.52 -24.71 42.70
N LEU F 185 -28.48 -24.39 43.56
CA LEU F 185 -28.28 -23.65 44.82
C LEU F 185 -27.56 -22.32 44.61
N ASN F 186 -27.85 -21.69 43.46
CA ASN F 186 -27.21 -20.45 43.01
C ASN F 186 -25.68 -20.59 43.00
N GLN F 187 -25.23 -21.50 42.13
CA GLN F 187 -23.83 -21.62 41.80
C GLN F 187 -23.42 -20.70 40.66
N CYS F 188 -24.20 -19.63 40.43
CA CYS F 188 -23.78 -18.58 39.51
C CYS F 188 -22.54 -17.86 40.02
N LEU F 189 -22.28 -17.92 41.32
CA LEU F 189 -21.07 -17.40 41.93
C LEU F 189 -19.85 -18.04 41.28
N LEU F 190 -19.07 -17.25 40.55
CA LEU F 190 -17.95 -17.79 39.81
C LEU F 190 -16.80 -18.15 40.77
N ASP F 191 -15.94 -19.05 40.30
CA ASP F 191 -14.74 -19.35 41.07
C ASP F 191 -13.73 -18.21 40.98
N ILE F 192 -13.73 -17.47 39.86
CA ILE F 192 -13.04 -16.18 39.64
C ILE F 192 -11.52 -16.40 39.61
N LYS F 193 -11.07 -17.65 39.68
CA LYS F 193 -9.64 -17.93 39.72
C LYS F 193 -8.99 -17.66 38.36
N GLU F 194 -9.62 -18.15 37.28
CA GLU F 194 -9.10 -17.97 35.94
C GLU F 194 -9.89 -16.93 35.15
N LEU F 195 -10.61 -16.05 35.85
CA LEU F 195 -11.48 -15.09 35.19
C LEU F 195 -10.67 -13.97 34.56
N SER F 196 -11.00 -13.66 33.30
CA SER F 196 -10.47 -12.50 32.59
C SER F 196 -11.63 -11.78 31.92
N TYR F 197 -11.41 -10.51 31.60
CA TYR F 197 -12.45 -9.68 31.02
C TYR F 197 -11.96 -9.02 29.75
N ASP F 198 -12.81 -9.01 28.73
CA ASP F 198 -12.52 -8.36 27.46
C ASP F 198 -13.60 -7.32 27.19
N ILE F 199 -13.17 -6.13 26.76
CA ILE F 199 -14.10 -5.04 26.48
C ILE F 199 -14.75 -5.28 25.12
N CYS F 200 -16.05 -5.02 25.06
CA CYS F 200 -16.84 -5.32 23.86
C CYS F 200 -16.57 -4.30 22.76
N TYR F 201 -17.04 -4.62 21.56
CA TYR F 201 -16.84 -3.80 20.37
C TYR F 201 -18.13 -3.03 20.09
N ARG F 202 -18.06 -1.89 19.39
CA ARG F 202 -19.15 -0.97 18.92
C ARG F 202 -19.73 -0.22 20.10
N GLU F 203 -18.88 0.24 20.98
CA GLU F 203 -19.35 0.90 22.19
C GLU F 203 -19.59 2.38 21.93
N VAL G 1 -2.38 50.72 37.15
CA VAL G 1 -1.50 50.26 38.21
C VAL G 1 -0.81 51.46 38.86
N ILE G 2 -0.86 51.53 40.18
CA ILE G 2 -0.30 52.63 40.95
C ILE G 2 1.01 52.16 41.58
N HIS G 3 2.12 52.76 41.16
CA HIS G 3 3.43 52.47 41.75
C HIS G 3 3.61 53.41 42.94
N VAL G 4 3.08 52.99 44.08
CA VAL G 4 3.25 53.75 45.31
C VAL G 4 4.59 53.39 45.94
N THR G 5 5.41 54.41 46.21
CA THR G 5 6.71 54.24 46.83
C THR G 5 6.70 54.95 48.19
N LYS G 6 7.39 54.35 49.16
CA LYS G 6 7.30 54.82 50.53
C LYS G 6 8.47 54.29 51.33
N GLU G 7 8.93 55.08 52.28
CA GLU G 7 10.17 54.81 53.00
C GLU G 7 9.97 53.71 54.05
N VAL G 8 11.09 53.07 54.40
CA VAL G 8 11.08 51.88 55.24
C VAL G 8 10.65 52.24 56.66
N LYS G 9 9.87 51.34 57.29
CA LYS G 9 9.32 51.48 58.64
C LYS G 9 8.43 52.72 58.74
N GLU G 10 7.32 52.65 58.00
CA GLU G 10 6.36 53.74 57.93
C GLU G 10 4.98 53.15 57.65
N VAL G 11 3.94 53.87 58.07
CA VAL G 11 2.59 53.45 57.74
C VAL G 11 2.35 53.61 56.24
N ALA G 12 1.78 52.57 55.62
CA ALA G 12 1.75 52.44 54.17
C ALA G 12 0.35 52.07 53.68
N THR G 13 -0.37 53.07 53.18
CA THR G 13 -1.68 52.82 52.59
C THR G 13 -1.56 52.26 51.19
N LEU G 14 -2.37 51.25 50.88
CA LEU G 14 -2.44 50.65 49.56
C LEU G 14 -3.87 50.74 49.05
N SER G 15 -4.09 51.63 48.09
CA SER G 15 -5.44 51.90 47.61
C SER G 15 -5.93 50.78 46.69
N CYS G 16 -7.14 50.29 46.94
CA CYS G 16 -7.79 49.34 46.05
C CYS G 16 -8.49 50.02 44.88
N GLY G 17 -8.88 51.29 45.03
CA GLY G 17 -9.54 52.01 43.97
C GLY G 17 -10.99 51.65 43.73
N HIS G 18 -11.58 50.87 44.62
CA HIS G 18 -12.98 50.49 44.52
C HIS G 18 -13.66 50.83 45.84
N ASN G 19 -14.80 51.51 45.76
CA ASN G 19 -15.55 51.91 46.95
C ASN G 19 -16.76 51.01 47.10
N VAL G 20 -16.87 50.36 48.26
CA VAL G 20 -18.02 49.53 48.58
C VAL G 20 -18.73 50.13 49.80
N SER G 21 -20.05 49.98 49.82
CA SER G 21 -20.85 50.47 50.93
C SER G 21 -20.91 49.43 52.04
N VAL G 22 -21.23 49.89 53.25
CA VAL G 22 -21.22 48.99 54.40
C VAL G 22 -22.43 48.07 54.39
N GLU G 23 -23.53 48.46 53.74
CA GLU G 23 -24.61 47.49 53.52
C GLU G 23 -24.19 46.43 52.51
N GLU G 24 -23.47 46.84 51.46
CA GLU G 24 -22.99 45.90 50.46
C GLU G 24 -21.78 45.10 50.92
N LEU G 25 -21.12 45.54 52.00
CA LEU G 25 -19.89 44.87 52.45
C LEU G 25 -20.16 43.46 52.96
N ALA G 26 -21.35 43.22 53.52
CA ALA G 26 -21.70 41.88 53.97
C ALA G 26 -21.89 40.93 52.79
N GLN G 27 -22.31 41.44 51.63
CA GLN G 27 -22.51 40.62 50.45
C GLN G 27 -21.32 40.62 49.51
N THR G 28 -20.23 41.31 49.87
CA THR G 28 -19.08 41.48 48.99
C THR G 28 -17.84 40.92 49.67
N ARG G 29 -17.10 40.06 48.95
CA ARG G 29 -15.88 39.47 49.45
C ARG G 29 -14.68 40.24 48.91
N ILE G 30 -13.87 40.78 49.82
CA ILE G 30 -12.68 41.54 49.49
C ILE G 30 -11.48 40.81 50.05
N TYR G 31 -10.45 40.60 49.24
CA TYR G 31 -9.21 40.06 49.79
C TYR G 31 -8.02 40.64 49.02
N TRP G 32 -6.93 40.85 49.75
CA TRP G 32 -5.67 41.32 49.20
C TRP G 32 -4.67 40.16 49.16
N GLN G 33 -3.83 40.14 48.13
CA GLN G 33 -2.80 39.12 48.01
C GLN G 33 -1.65 39.66 47.18
N LYS G 34 -0.42 39.37 47.61
CA LYS G 34 0.79 39.76 46.89
C LYS G 34 1.51 38.52 46.39
N GLU G 35 1.90 38.54 45.11
CA GLU G 35 2.60 37.45 44.42
C GLU G 35 1.89 36.10 44.61
N LYS G 36 0.56 36.13 44.49
CA LYS G 36 -0.36 35.00 44.62
C LYS G 36 -0.37 34.43 46.04
N LYS G 37 0.21 35.13 47.00
CA LYS G 37 0.23 34.71 48.40
C LYS G 37 -0.69 35.62 49.19
N MET G 38 -1.61 35.03 49.93
CA MET G 38 -2.77 35.76 50.41
C MET G 38 -2.38 36.61 51.62
N VAL G 39 -3.05 37.76 51.78
CA VAL G 39 -2.64 38.77 52.76
C VAL G 39 -3.71 38.97 53.82
N LEU G 40 -4.91 39.39 53.41
CA LEU G 40 -6.05 39.50 54.31
C LEU G 40 -7.29 39.19 53.49
N THR G 41 -8.34 38.72 54.17
CA THR G 41 -9.66 38.51 53.58
C THR G 41 -10.72 39.25 54.38
N MET G 42 -11.70 39.81 53.70
CA MET G 42 -12.90 40.35 54.34
C MET G 42 -14.09 39.62 53.74
N MET G 43 -14.31 38.39 54.22
CA MET G 43 -15.38 37.55 53.71
C MET G 43 -16.64 37.72 54.56
N SER G 44 -17.69 38.27 53.94
CA SER G 44 -18.99 38.57 54.56
C SER G 44 -18.84 39.31 55.88
N GLY G 45 -18.04 40.39 55.85
CA GLY G 45 -17.85 41.23 57.01
C GLY G 45 -16.93 40.68 58.07
N ASP G 46 -16.25 39.56 57.82
CA ASP G 46 -15.30 38.98 58.76
C ASP G 46 -13.88 39.32 58.31
N MET G 47 -13.15 40.09 59.13
CA MET G 47 -11.82 40.57 58.74
C MET G 47 -10.76 39.56 59.19
N ASN G 48 -10.76 38.43 58.49
CA ASN G 48 -9.74 37.41 58.72
C ASN G 48 -8.41 37.89 58.16
N ILE G 49 -7.32 37.35 58.69
CA ILE G 49 -6.00 37.94 58.45
C ILE G 49 -4.94 36.85 58.56
N TRP G 50 -3.89 36.97 57.75
CA TRP G 50 -2.85 35.95 57.65
C TRP G 50 -1.75 36.16 58.67
N PRO G 51 -1.10 35.07 59.12
CA PRO G 51 -0.07 35.19 60.17
C PRO G 51 1.13 36.03 59.78
N GLU G 52 1.44 36.17 58.49
CA GLU G 52 2.51 37.08 58.08
C GLU G 52 2.12 38.53 58.32
N TYR G 53 0.82 38.84 58.21
CA TYR G 53 0.36 40.23 58.26
C TYR G 53 -0.73 40.46 59.32
N LYS G 54 -0.70 39.74 60.44
CA LYS G 54 -1.73 39.92 61.46
C LYS G 54 -1.66 41.31 62.10
N ASN G 55 -0.50 41.71 62.60
CA ASN G 55 -0.42 42.81 63.53
C ASN G 55 0.03 44.13 62.91
N ARG G 56 0.27 44.17 61.60
CA ARG G 56 0.77 45.38 60.97
C ARG G 56 -0.12 45.93 59.86
N THR G 57 -1.32 45.38 59.67
CA THR G 57 -2.24 45.91 58.67
C THR G 57 -3.54 46.34 59.33
N ILE G 58 -4.08 47.47 58.88
CA ILE G 58 -5.37 47.97 59.32
C ILE G 58 -6.21 48.26 58.08
N PHE G 59 -7.37 47.62 57.98
CA PHE G 59 -8.28 47.85 56.88
C PHE G 59 -9.09 49.12 57.10
N ASP G 60 -8.96 50.08 56.18
CA ASP G 60 -9.80 51.27 56.16
C ASP G 60 -10.73 51.11 54.96
N ILE G 61 -11.99 50.78 55.24
CA ILE G 61 -12.93 50.43 54.18
C ILE G 61 -13.32 51.69 53.39
N THR G 62 -13.51 52.81 54.08
CA THR G 62 -14.03 54.01 53.43
C THR G 62 -13.00 54.63 52.49
N ASN G 63 -11.73 54.62 52.86
CA ASN G 63 -10.68 55.27 52.06
C ASN G 63 -10.21 54.31 50.95
N ASN G 64 -11.10 54.11 49.99
CA ASN G 64 -10.88 53.29 48.79
C ASN G 64 -10.49 51.86 49.15
N LEU G 65 -11.06 51.34 50.25
CA LEU G 65 -11.05 49.91 50.59
C LEU G 65 -9.61 49.41 50.78
N SER G 66 -8.84 50.18 51.55
CA SER G 66 -7.38 50.08 51.58
C SER G 66 -6.87 49.25 52.77
N ILE G 67 -5.61 48.85 52.67
CA ILE G 67 -4.84 48.33 53.79
C ILE G 67 -3.78 49.37 54.13
N VAL G 68 -3.49 49.52 55.42
CA VAL G 68 -2.40 50.38 55.89
C VAL G 68 -1.33 49.48 56.50
N ILE G 69 -0.15 49.43 55.88
CA ILE G 69 0.92 48.53 56.29
C ILE G 69 1.77 49.28 57.31
N LEU G 70 1.83 48.76 58.53
CA LEU G 70 2.60 49.38 59.60
C LEU G 70 3.98 48.75 59.66
N ALA G 71 5.00 49.58 59.91
CA ALA G 71 6.40 49.18 60.01
C ALA G 71 6.84 48.41 58.77
N LEU G 72 6.72 49.07 57.62
CA LEU G 72 6.94 48.42 56.33
C LEU G 72 8.40 48.01 56.16
N ARG G 73 8.59 46.85 55.56
CA ARG G 73 9.87 46.18 55.42
C ARG G 73 10.07 45.81 53.96
N PRO G 74 11.32 45.58 53.54
CA PRO G 74 11.56 45.14 52.14
C PRO G 74 10.93 43.79 51.80
N SER G 75 10.60 42.96 52.79
CA SER G 75 9.85 41.74 52.51
C SER G 75 8.44 42.05 52.02
N ASP G 76 7.88 43.18 52.44
CA ASP G 76 6.56 43.59 51.98
C ASP G 76 6.57 44.21 50.59
N GLU G 77 7.74 44.45 50.01
CA GLU G 77 7.81 44.99 48.65
C GLU G 77 7.33 43.95 47.65
N GLY G 78 6.56 44.40 46.68
CA GLY G 78 6.02 43.53 45.66
C GLY G 78 4.75 44.13 45.08
N THR G 79 4.05 43.31 44.31
CA THR G 79 2.80 43.72 43.67
C THR G 79 1.62 43.16 44.43
N TYR G 80 0.82 44.04 45.01
CA TYR G 80 -0.41 43.65 45.70
C TYR G 80 -1.59 43.81 44.75
N GLU G 81 -2.36 42.76 44.57
CA GLU G 81 -3.60 42.81 43.81
C GLU G 81 -4.78 42.75 44.79
N CYS G 82 -5.77 43.59 44.56
CA CYS G 82 -6.93 43.69 45.44
C CYS G 82 -8.13 43.14 44.69
N VAL G 83 -8.75 42.10 45.26
CA VAL G 83 -9.78 41.32 44.59
C VAL G 83 -11.10 41.51 45.32
N VAL G 84 -12.13 41.93 44.59
CA VAL G 84 -13.45 42.20 45.14
C VAL G 84 -14.48 41.42 44.34
N LEU G 85 -15.32 40.65 45.03
CA LEU G 85 -16.35 39.84 44.40
C LEU G 85 -17.71 40.17 45.02
N LYS G 86 -18.76 40.10 44.20
CA LYS G 86 -20.12 40.34 44.65
C LYS G 86 -21.00 39.15 44.31
N TYR G 87 -21.95 38.87 45.20
CA TYR G 87 -22.82 37.70 45.10
C TYR G 87 -23.95 37.98 44.13
N GLU G 88 -23.94 37.29 42.98
CA GLU G 88 -25.00 37.43 41.98
C GLU G 88 -25.38 36.06 41.46
N LYS G 89 -26.66 35.71 41.59
CA LYS G 89 -27.24 34.46 41.08
C LYS G 89 -26.53 33.22 41.62
N ASP G 90 -26.34 33.21 42.95
CA ASP G 90 -25.65 32.13 43.68
C ASP G 90 -24.24 31.91 43.12
N ALA G 91 -23.56 33.01 42.83
CA ALA G 91 -22.20 32.98 42.31
C ALA G 91 -21.52 34.28 42.67
N PHE G 92 -20.26 34.19 43.10
CA PHE G 92 -19.49 35.38 43.43
C PHE G 92 -18.88 35.94 42.15
N LYS G 93 -19.33 37.11 41.72
CA LYS G 93 -18.87 37.74 40.49
C LYS G 93 -17.72 38.69 40.80
N ARG G 94 -16.54 38.41 40.23
CA ARG G 94 -15.39 39.26 40.46
C ARG G 94 -15.56 40.59 39.73
N GLU G 95 -15.37 41.70 40.46
CA GLU G 95 -15.58 43.03 39.91
C GLU G 95 -14.37 43.96 40.01
N HIS G 96 -13.32 43.56 40.73
CA HIS G 96 -12.15 44.42 40.89
C HIS G 96 -10.90 43.56 41.00
N LEU G 97 -9.89 43.84 40.19
CA LEU G 97 -8.58 43.19 40.30
C LEU G 97 -7.50 44.25 40.11
N ALA G 98 -7.60 45.34 40.87
CA ALA G 98 -6.61 46.41 40.78
C ALA G 98 -5.30 45.95 41.42
N GLU G 99 -4.19 46.19 40.71
CA GLU G 99 -2.87 45.83 41.19
C GLU G 99 -2.08 47.10 41.51
N VAL G 100 -1.51 47.15 42.71
CA VAL G 100 -0.59 48.22 43.10
C VAL G 100 0.74 47.58 43.50
N THR G 101 1.83 48.30 43.22
CA THR G 101 3.18 47.83 43.51
C THR G 101 3.81 48.74 44.56
N LEU G 102 4.33 48.13 45.63
CA LEU G 102 5.00 48.86 46.70
C LEU G 102 6.51 48.64 46.59
N SER G 103 7.26 49.74 46.57
CA SER G 103 8.71 49.70 46.54
C SER G 103 9.28 50.25 47.84
N VAL G 104 10.35 49.63 48.31
CA VAL G 104 10.95 49.96 49.60
C VAL G 104 12.31 50.60 49.35
N LYS G 105 12.46 51.84 49.80
CA LYS G 105 13.74 52.53 49.75
C LYS G 105 14.36 52.54 51.14
N ALA G 106 15.59 52.05 51.24
CA ALA G 106 16.30 51.98 52.51
C ALA G 106 17.71 52.54 52.38
N VAL H 1 -29.81 -2.93 55.33
CA VAL H 1 -28.83 -3.75 56.04
C VAL H 1 -28.88 -3.43 57.53
N ILE H 2 -28.98 -4.46 58.36
CA ILE H 2 -29.09 -4.31 59.80
C ILE H 2 -27.74 -4.65 60.42
N HIS H 3 -27.11 -3.66 61.04
CA HIS H 3 -25.85 -3.87 61.77
C HIS H 3 -26.20 -4.27 63.19
N VAL H 4 -26.45 -5.56 63.38
CA VAL H 4 -26.72 -6.09 64.71
C VAL H 4 -25.40 -6.37 65.42
N THR H 5 -25.25 -5.79 66.61
CA THR H 5 -24.06 -5.97 67.44
C THR H 5 -24.45 -6.69 68.73
N LYS H 6 -23.58 -7.56 69.20
CA LYS H 6 -23.93 -8.43 70.31
C LYS H 6 -22.65 -8.97 70.94
N GLU H 7 -22.69 -9.18 72.26
CA GLU H 7 -21.51 -9.51 73.03
C GLU H 7 -21.12 -10.97 72.85
N VAL H 8 -19.83 -11.24 73.10
CA VAL H 8 -19.22 -12.54 72.81
C VAL H 8 -19.80 -13.61 73.73
N LYS H 9 -19.99 -14.82 73.17
CA LYS H 9 -20.56 -15.99 73.87
C LYS H 9 -21.98 -15.70 74.37
N GLU H 10 -22.87 -15.49 73.40
CA GLU H 10 -24.25 -15.16 73.68
C GLU H 10 -25.11 -15.67 72.54
N VAL H 11 -26.39 -15.95 72.83
CA VAL H 11 -27.32 -16.34 71.77
C VAL H 11 -27.57 -15.13 70.87
N ALA H 12 -27.51 -15.36 69.55
CA ALA H 12 -27.43 -14.28 68.57
C ALA H 12 -28.42 -14.51 67.43
N THR H 13 -29.56 -13.83 67.48
CA THR H 13 -30.54 -13.90 66.41
C THR H 13 -30.12 -13.02 65.23
N LEU H 14 -30.27 -13.57 64.02
CA LEU H 14 -29.99 -12.85 62.78
C LEU H 14 -31.26 -12.84 61.93
N SER H 15 -31.90 -11.69 61.84
CA SER H 15 -33.18 -11.58 61.16
C SER H 15 -32.99 -11.57 59.65
N CYS H 16 -33.77 -12.41 58.96
CA CYS H 16 -33.80 -12.40 57.50
C CYS H 16 -34.74 -11.34 56.95
N GLY H 17 -35.74 -10.92 57.73
CA GLY H 17 -36.66 -9.89 57.28
C GLY H 17 -37.71 -10.34 56.29
N HIS H 18 -37.82 -11.64 56.05
CA HIS H 18 -38.80 -12.20 55.13
C HIS H 18 -39.58 -13.27 55.87
N ASN H 19 -40.91 -13.20 55.79
CA ASN H 19 -41.77 -14.17 56.47
C ASN H 19 -42.33 -15.14 55.44
N VAL H 20 -42.10 -16.44 55.66
CA VAL H 20 -42.65 -17.49 54.81
C VAL H 20 -43.57 -18.35 55.65
N SER H 21 -44.62 -18.86 55.01
CA SER H 21 -45.57 -19.73 55.67
C SER H 21 -45.09 -21.19 55.61
N VAL H 22 -45.63 -22.00 56.53
CA VAL H 22 -45.17 -23.38 56.62
C VAL H 22 -45.70 -24.23 55.48
N GLU H 23 -46.83 -23.86 54.87
CA GLU H 23 -47.24 -24.52 53.63
C GLU H 23 -46.30 -24.14 52.50
N GLU H 24 -45.90 -22.86 52.44
CA GLU H 24 -44.98 -22.40 51.40
C GLU H 24 -43.54 -22.82 51.66
N LEU H 25 -43.22 -23.25 52.88
CA LEU H 25 -41.84 -23.57 53.24
C LEU H 25 -41.33 -24.80 52.49
N ALA H 26 -42.23 -25.72 52.15
CA ALA H 26 -41.82 -26.89 51.37
C ALA H 26 -41.46 -26.52 49.94
N GLN H 27 -42.07 -25.47 49.40
CA GLN H 27 -41.80 -25.01 48.05
C GLN H 27 -40.77 -23.89 48.00
N THR H 28 -40.22 -23.48 49.14
CA THR H 28 -39.31 -22.34 49.20
C THR H 28 -37.97 -22.78 49.76
N ARG H 29 -36.89 -22.43 49.07
CA ARG H 29 -35.54 -22.77 49.49
C ARG H 29 -34.92 -21.57 50.20
N ILE H 30 -34.53 -21.76 51.46
CA ILE H 30 -33.91 -20.71 52.27
C ILE H 30 -32.51 -21.19 52.63
N TYR H 31 -31.51 -20.32 52.44
CA TYR H 31 -30.19 -20.65 52.94
C TYR H 31 -29.47 -19.39 53.36
N TRP H 32 -28.66 -19.51 54.41
CA TRP H 32 -27.83 -18.43 54.93
C TRP H 32 -26.37 -18.70 54.55
N GLN H 33 -25.64 -17.63 54.27
CA GLN H 33 -24.22 -17.75 53.96
C GLN H 33 -23.50 -16.45 54.30
N LYS H 34 -22.31 -16.57 54.90
CA LYS H 34 -21.48 -15.42 55.23
C LYS H 34 -20.21 -15.46 54.40
N GLU H 35 -19.87 -14.30 53.80
CA GLU H 35 -18.70 -14.11 52.94
C GLU H 35 -18.59 -15.18 51.87
N LYS H 36 -19.73 -15.48 51.24
CA LYS H 36 -19.92 -16.45 50.17
C LYS H 36 -19.65 -17.88 50.64
N LYS H 37 -19.54 -18.11 51.95
CA LYS H 37 -19.32 -19.43 52.51
C LYS H 37 -20.60 -19.86 53.22
N MET H 38 -21.08 -21.05 52.87
CA MET H 38 -22.46 -21.40 53.16
C MET H 38 -22.59 -21.81 54.64
N VAL H 39 -23.77 -21.53 55.22
CA VAL H 39 -23.96 -21.66 56.67
C VAL H 39 -24.99 -22.73 56.99
N LEU H 40 -26.22 -22.55 56.51
CA LEU H 40 -27.27 -23.56 56.65
C LEU H 40 -28.16 -23.47 55.41
N THR H 41 -28.81 -24.58 55.07
CA THR H 41 -29.81 -24.62 54.01
C THR H 41 -31.10 -25.21 54.53
N MET H 42 -32.23 -24.67 54.08
CA MET H 42 -33.54 -25.27 54.33
C MET H 42 -34.17 -25.55 52.95
N MET H 43 -33.72 -26.63 52.34
CA MET H 43 -34.17 -27.00 51.00
C MET H 43 -35.34 -27.96 51.10
N SER H 44 -36.51 -27.51 50.64
CA SER H 44 -37.78 -28.26 50.67
C SER H 44 -38.08 -28.87 52.04
N GLY H 45 -37.95 -28.04 53.08
CA GLY H 45 -38.25 -28.47 54.43
C GLY H 45 -37.20 -29.32 55.10
N ASP H 46 -36.02 -29.48 54.48
CA ASP H 46 -34.92 -30.23 55.07
C ASP H 46 -33.89 -29.26 55.62
N MET H 47 -33.69 -29.28 56.94
CA MET H 47 -32.82 -28.32 57.60
C MET H 47 -31.39 -28.87 57.65
N ASN H 48 -30.77 -28.90 56.46
CA ASN H 48 -29.37 -29.31 56.35
C ASN H 48 -28.48 -28.19 56.90
N ILE H 49 -27.27 -28.56 57.32
CA ILE H 49 -26.47 -27.66 58.13
C ILE H 49 -25.00 -27.99 57.92
N TRP H 50 -24.16 -26.95 57.96
CA TRP H 50 -22.74 -27.08 57.64
C TRP H 50 -21.91 -27.44 58.89
N PRO H 51 -20.80 -28.17 58.70
CA PRO H 51 -20.00 -28.63 59.86
C PRO H 51 -19.41 -27.50 60.70
N GLU H 52 -19.22 -26.31 60.14
CA GLU H 52 -18.77 -25.19 60.95
C GLU H 52 -19.88 -24.73 61.90
N TYR H 53 -21.14 -24.87 61.50
CA TYR H 53 -22.25 -24.34 62.27
C TYR H 53 -23.32 -25.39 62.59
N LYS H 54 -22.94 -26.65 62.80
CA LYS H 54 -23.92 -27.69 63.12
C LYS H 54 -24.60 -27.46 64.46
N ASN H 55 -23.83 -27.27 65.52
CA ASN H 55 -24.35 -27.42 66.87
C ASN H 55 -24.65 -26.09 67.56
N ARG H 56 -24.46 -24.96 66.89
CA ARG H 56 -24.66 -23.68 67.55
C ARG H 56 -25.68 -22.78 66.86
N THR H 57 -26.42 -23.28 65.87
CA THR H 57 -27.47 -22.50 65.21
C THR H 57 -28.81 -23.20 65.35
N ILE H 58 -29.85 -22.42 65.61
CA ILE H 58 -31.22 -22.92 65.66
C ILE H 58 -32.07 -22.04 64.75
N PHE H 59 -32.71 -22.66 63.76
CA PHE H 59 -33.60 -21.93 62.86
C PHE H 59 -34.96 -21.71 63.50
N ASP H 60 -35.33 -20.44 63.65
CA ASP H 60 -36.67 -20.05 64.07
C ASP H 60 -37.36 -19.47 62.85
N ILE H 61 -38.26 -20.25 62.26
CA ILE H 61 -38.87 -19.88 60.98
C ILE H 61 -39.84 -18.72 61.18
N THR H 62 -40.61 -18.74 62.27
CA THR H 62 -41.67 -17.75 62.46
C THR H 62 -41.12 -16.36 62.74
N ASN H 63 -40.02 -16.28 63.50
CA ASN H 63 -39.47 -14.98 63.89
C ASN H 63 -38.55 -14.45 62.79
N ASN H 64 -39.20 -14.06 61.68
CA ASN H 64 -38.55 -13.48 60.50
C ASN H 64 -37.47 -14.39 59.92
N LEU H 65 -37.70 -15.71 60.00
CA LEU H 65 -36.94 -16.72 59.26
C LEU H 65 -35.46 -16.68 59.65
N SER H 66 -35.21 -16.66 60.95
CA SER H 66 -33.93 -16.29 61.52
C SER H 66 -33.08 -17.50 61.91
N ILE H 67 -31.80 -17.24 62.12
CA ILE H 67 -30.88 -18.16 62.78
C ILE H 67 -30.52 -17.56 64.14
N VAL H 68 -30.38 -18.42 65.15
CA VAL H 68 -29.91 -18.00 66.46
C VAL H 68 -28.54 -18.64 66.68
N ILE H 69 -27.50 -17.80 66.79
CA ILE H 69 -26.13 -18.27 66.88
C ILE H 69 -25.81 -18.41 68.36
N LEU H 70 -25.51 -19.64 68.78
CA LEU H 70 -25.19 -19.93 70.17
C LEU H 70 -23.68 -19.88 70.38
N ALA H 71 -23.26 -19.33 71.52
CA ALA H 71 -21.86 -19.18 71.91
C ALA H 71 -21.06 -18.46 70.82
N LEU H 72 -21.49 -17.24 70.52
CA LEU H 72 -20.95 -16.50 69.40
C LEU H 72 -19.49 -16.12 69.64
N ARG H 73 -18.71 -16.19 68.57
CA ARG H 73 -17.26 -16.04 68.57
C ARG H 73 -16.88 -15.00 67.53
N PRO H 74 -15.68 -14.40 67.65
CA PRO H 74 -15.23 -13.45 66.61
C PRO H 74 -15.05 -14.07 65.24
N SER H 75 -14.91 -15.39 65.13
CA SER H 75 -14.90 -16.04 63.83
C SER H 75 -16.25 -15.93 63.14
N ASP H 76 -17.34 -15.84 63.92
CA ASP H 76 -18.67 -15.68 63.35
C ASP H 76 -18.96 -14.25 62.92
N GLU H 77 -18.08 -13.29 63.23
CA GLU H 77 -18.29 -11.92 62.80
C GLU H 77 -18.13 -11.80 61.29
N GLY H 78 -19.01 -11.04 60.67
CA GLY H 78 -19.00 -10.86 59.24
C GLY H 78 -20.38 -10.48 58.75
N THR H 79 -20.54 -10.51 57.43
CA THR H 79 -21.81 -10.16 56.79
C THR H 79 -22.52 -11.43 56.37
N TYR H 80 -23.69 -11.69 56.97
CA TYR H 80 -24.53 -12.81 56.62
C TYR H 80 -25.60 -12.34 55.64
N GLU H 81 -25.70 -12.99 54.49
CA GLU H 81 -26.78 -12.74 53.54
C GLU H 81 -27.75 -13.91 53.59
N CYS H 82 -29.04 -13.60 53.60
CA CYS H 82 -30.09 -14.60 53.69
C CYS H 82 -30.81 -14.67 52.36
N VAL H 83 -30.80 -15.86 51.75
CA VAL H 83 -31.26 -16.05 50.38
C VAL H 83 -32.49 -16.95 50.38
N VAL H 84 -33.57 -16.46 49.79
CA VAL H 84 -34.86 -17.16 49.75
C VAL H 84 -35.31 -17.25 48.30
N LEU H 85 -35.63 -18.46 47.85
CA LEU H 85 -36.07 -18.70 46.48
C LEU H 85 -37.40 -19.44 46.50
N LYS H 86 -38.24 -19.15 45.50
CA LYS H 86 -39.54 -19.80 45.36
C LYS H 86 -39.66 -20.44 43.98
N TYR H 87 -40.33 -21.58 43.94
CA TYR H 87 -40.44 -22.38 42.72
C TYR H 87 -41.55 -21.82 41.83
N GLU H 88 -41.17 -21.26 40.67
CA GLU H 88 -42.12 -20.71 39.71
C GLU H 88 -41.70 -21.14 38.31
N LYS H 89 -42.62 -21.82 37.62
CA LYS H 89 -42.45 -22.24 36.22
C LYS H 89 -41.20 -23.10 36.03
N ASP H 90 -41.05 -24.11 36.90
CA ASP H 90 -39.90 -25.03 36.90
C ASP H 90 -38.59 -24.27 37.02
N ALA H 91 -38.58 -23.25 37.87
CA ALA H 91 -37.40 -22.44 38.12
C ALA H 91 -37.51 -21.84 39.51
N PHE H 92 -36.40 -21.83 40.24
CA PHE H 92 -36.37 -21.23 41.56
C PHE H 92 -36.13 -19.73 41.41
N LYS H 93 -37.13 -18.93 41.76
CA LYS H 93 -37.04 -17.47 41.62
C LYS H 93 -36.57 -16.87 42.94
N ARG H 94 -35.41 -16.20 42.91
CA ARG H 94 -34.88 -15.57 44.10
C ARG H 94 -35.73 -14.36 44.48
N GLU H 95 -36.14 -14.30 45.74
CA GLU H 95 -37.02 -13.23 46.22
C GLU H 95 -36.48 -12.46 47.42
N HIS H 96 -35.39 -12.90 48.04
CA HIS H 96 -34.85 -12.22 49.21
C HIS H 96 -33.33 -12.37 49.23
N LEU H 97 -32.61 -11.26 49.35
CA LEU H 97 -31.17 -11.29 49.54
C LEU H 97 -30.80 -10.24 50.60
N ALA H 98 -31.47 -10.31 51.75
CA ALA H 98 -31.18 -9.38 52.84
C ALA H 98 -29.84 -9.71 53.48
N GLU H 99 -29.01 -8.69 53.67
CA GLU H 99 -27.70 -8.84 54.29
C GLU H 99 -27.71 -8.20 55.67
N VAL H 100 -27.26 -8.95 56.68
CA VAL H 100 -27.05 -8.41 58.02
C VAL H 100 -25.59 -8.65 58.39
N THR H 101 -25.04 -7.73 59.18
CA THR H 101 -23.65 -7.79 59.61
C THR H 101 -23.60 -7.94 61.12
N LEU H 102 -22.86 -8.94 61.58
CA LEU H 102 -22.68 -9.21 63.01
C LEU H 102 -21.29 -8.78 63.44
N SER H 103 -21.22 -7.96 64.48
CA SER H 103 -19.97 -7.49 65.05
C SER H 103 -19.80 -8.07 66.45
N VAL H 104 -18.57 -8.43 66.79
CA VAL H 104 -18.24 -9.10 68.04
C VAL H 104 -17.42 -8.14 68.89
N LYS H 105 -17.95 -7.80 70.07
CA LYS H 105 -17.22 -7.01 71.05
C LYS H 105 -16.72 -7.93 72.16
N ALA H 106 -15.42 -7.87 72.41
CA ALA H 106 -14.80 -8.70 73.44
C ALA H 106 -13.89 -7.87 74.34
N VAL I 1 -25.57 -54.42 19.30
CA VAL I 1 -24.33 -55.10 19.63
C VAL I 1 -24.59 -56.15 20.72
N ILE I 2 -24.12 -57.37 20.49
CA ILE I 2 -24.33 -58.47 21.42
C ILE I 2 -23.02 -58.73 22.16
N HIS I 3 -23.04 -58.50 23.48
CA HIS I 3 -21.89 -58.81 24.33
C HIS I 3 -22.00 -60.26 24.78
N VAL I 4 -21.53 -61.15 23.93
CA VAL I 4 -21.50 -62.57 24.26
C VAL I 4 -20.26 -62.86 25.09
N THR I 5 -20.47 -63.46 26.26
CA THR I 5 -19.39 -63.85 27.16
C THR I 5 -19.37 -65.36 27.31
N LYS I 6 -18.17 -65.92 27.40
CA LYS I 6 -18.02 -67.37 27.35
C LYS I 6 -16.67 -67.76 27.92
N GLU I 7 -16.63 -68.93 28.57
CA GLU I 7 -15.47 -69.35 29.34
C GLU I 7 -14.35 -69.85 28.43
N VAL I 8 -13.13 -69.79 28.97
CA VAL I 8 -11.91 -70.05 28.20
C VAL I 8 -11.84 -71.51 27.79
N LYS I 9 -11.35 -71.77 26.58
CA LYS I 9 -11.21 -73.10 25.97
C LYS I 9 -12.58 -73.80 25.85
N GLU I 10 -13.41 -73.19 25.01
CA GLU I 10 -14.76 -73.67 24.79
C GLU I 10 -15.19 -73.30 23.37
N VAL I 11 -16.12 -74.06 22.81
CA VAL I 11 -16.67 -73.71 21.50
C VAL I 11 -17.51 -72.45 21.65
N ALA I 12 -17.31 -71.50 20.72
CA ALA I 12 -17.80 -70.14 20.87
C ALA I 12 -18.48 -69.66 19.59
N THR I 13 -19.81 -69.69 19.58
CA THR I 13 -20.56 -69.18 18.45
C THR I 13 -20.66 -67.66 18.50
N LEU I 14 -20.47 -67.03 17.34
CA LEU I 14 -20.58 -65.59 17.18
C LEU I 14 -21.63 -65.29 16.12
N SER I 15 -22.80 -64.82 16.55
CA SER I 15 -23.92 -64.62 15.64
C SER I 15 -23.73 -63.36 14.80
N CYS I 16 -23.91 -63.49 13.49
CA CYS I 16 -23.92 -62.34 12.60
C CYS I 16 -25.26 -61.64 12.56
N GLY I 17 -26.35 -62.35 12.87
CA GLY I 17 -27.67 -61.75 12.88
C GLY I 17 -28.28 -61.51 11.51
N HIS I 18 -27.68 -62.03 10.45
CA HIS I 18 -28.18 -61.90 9.10
C HIS I 18 -28.28 -63.29 8.50
N ASN I 19 -29.44 -63.61 7.92
CA ASN I 19 -29.66 -64.92 7.31
C ASN I 19 -29.58 -64.79 5.79
N VAL I 20 -28.70 -65.57 5.17
CA VAL I 20 -28.58 -65.61 3.72
C VAL I 20 -28.91 -67.02 3.25
N SER I 21 -29.51 -67.10 2.06
CA SER I 21 -29.86 -68.37 1.47
C SER I 21 -28.68 -68.94 0.68
N VAL I 22 -28.71 -70.25 0.47
CA VAL I 22 -27.58 -70.91 -0.19
C VAL I 22 -27.55 -70.61 -1.69
N GLU I 23 -28.70 -70.29 -2.30
CA GLU I 23 -28.65 -69.77 -3.67
C GLU I 23 -28.04 -68.38 -3.70
N GLU I 24 -28.38 -67.55 -2.71
CA GLU I 24 -27.83 -66.20 -2.64
C GLU I 24 -26.40 -66.18 -2.13
N LEU I 25 -25.93 -67.27 -1.52
CA LEU I 25 -24.60 -67.29 -0.91
C LEU I 25 -23.49 -67.18 -1.96
N ALA I 26 -23.74 -67.68 -3.17
CA ALA I 26 -22.75 -67.54 -4.24
C ALA I 26 -22.62 -66.10 -4.70
N GLN I 27 -23.68 -65.31 -4.60
CA GLN I 27 -23.66 -63.91 -5.00
C GLN I 27 -23.40 -62.96 -3.84
N THR I 28 -23.18 -63.48 -2.63
CA THR I 28 -23.04 -62.66 -1.44
C THR I 28 -21.68 -62.92 -0.80
N ARG I 29 -20.93 -61.85 -0.52
CA ARG I 29 -19.62 -61.94 0.11
C ARG I 29 -19.76 -61.68 1.61
N ILE I 30 -19.36 -62.65 2.41
CA ILE I 30 -19.41 -62.57 3.87
C ILE I 30 -17.99 -62.67 4.39
N TYR I 31 -17.61 -61.76 5.28
CA TYR I 31 -16.33 -61.91 5.94
C TYR I 31 -16.41 -61.36 7.37
N TRP I 32 -15.68 -62.01 8.27
CA TRP I 32 -15.57 -61.60 9.66
C TRP I 32 -14.20 -60.99 9.90
N GLN I 33 -14.14 -59.98 10.75
CA GLN I 33 -12.87 -59.35 11.11
C GLN I 33 -12.98 -58.72 12.49
N LYS I 34 -11.93 -58.88 13.29
CA LYS I 34 -11.85 -58.29 14.63
C LYS I 34 -10.74 -57.26 14.66
N GLU I 35 -11.06 -56.08 15.21
CA GLU I 35 -10.15 -54.92 15.33
C GLU I 35 -9.46 -54.60 14.02
N LYS I 36 -10.25 -54.61 12.93
CA LYS I 36 -9.86 -54.34 11.55
C LYS I 36 -8.87 -55.37 11.02
N LYS I 37 -8.69 -56.49 11.70
CA LYS I 37 -7.81 -57.56 11.26
C LYS I 37 -8.67 -58.74 10.85
N MET I 38 -8.43 -59.25 9.64
CA MET I 38 -9.42 -60.08 8.98
C MET I 38 -9.34 -61.51 9.55
N VAL I 39 -10.49 -62.20 9.57
CA VAL I 39 -10.62 -63.46 10.28
C VAL I 39 -10.92 -64.60 9.31
N LEU I 40 -12.05 -64.51 8.60
CA LEU I 40 -12.39 -65.47 7.56
C LEU I 40 -13.16 -64.72 6.48
N THR I 41 -13.11 -65.22 5.25
CA THR I 41 -13.90 -64.71 4.14
C THR I 41 -14.70 -65.84 3.51
N MET I 42 -15.92 -65.55 3.09
CA MET I 42 -16.71 -66.47 2.27
C MET I 42 -17.06 -65.72 0.97
N MET I 43 -16.07 -65.65 0.08
CA MET I 43 -16.23 -64.93 -1.17
C MET I 43 -16.69 -65.87 -2.28
N SER I 44 -17.92 -65.64 -2.76
CA SER I 44 -18.59 -66.44 -3.80
C SER I 44 -18.54 -67.94 -3.49
N GLY I 45 -18.92 -68.29 -2.27
CA GLY I 45 -18.97 -69.68 -1.86
C GLY I 45 -17.64 -70.33 -1.55
N ASP I 46 -16.55 -69.56 -1.52
CA ASP I 46 -15.23 -70.09 -1.18
C ASP I 46 -14.89 -69.69 0.25
N MET I 47 -14.74 -70.69 1.13
CA MET I 47 -14.53 -70.43 2.56
C MET I 47 -13.03 -70.31 2.84
N ASN I 48 -12.47 -69.20 2.37
CA ASN I 48 -11.08 -68.90 2.65
C ASN I 48 -10.94 -68.46 4.10
N ILE I 49 -9.73 -68.62 4.65
CA ILE I 49 -9.56 -68.55 6.10
C ILE I 49 -8.13 -68.09 6.40
N TRP I 50 -7.98 -67.32 7.48
CA TRP I 50 -6.70 -66.70 7.83
C TRP I 50 -5.85 -67.61 8.69
N PRO I 51 -4.51 -67.51 8.59
CA PRO I 51 -3.62 -68.42 9.34
C PRO I 51 -3.75 -68.32 10.85
N GLU I 52 -4.21 -67.18 11.39
CA GLU I 52 -4.46 -67.09 12.82
C GLU I 52 -5.65 -67.96 13.22
N TYR I 53 -6.63 -68.11 12.32
CA TYR I 53 -7.88 -68.79 12.65
C TYR I 53 -8.22 -69.93 11.69
N LYS I 54 -7.22 -70.63 11.15
CA LYS I 54 -7.50 -71.73 10.22
C LYS I 54 -8.24 -72.88 10.89
N ASN I 55 -7.71 -73.39 11.99
CA ASN I 55 -8.11 -74.70 12.50
C ASN I 55 -9.09 -74.65 13.65
N ARG I 56 -9.51 -73.46 14.09
CA ARG I 56 -10.39 -73.38 15.25
C ARG I 56 -11.71 -72.67 14.97
N THR I 57 -12.04 -72.38 13.72
CA THR I 57 -13.33 -71.78 13.38
C THR I 57 -14.08 -72.67 12.40
N ILE I 58 -15.39 -72.79 12.62
CA ILE I 58 -16.29 -73.51 11.73
C ILE I 58 -17.45 -72.60 11.38
N PHE I 59 -17.64 -72.34 10.10
CA PHE I 59 -18.75 -71.52 9.64
C PHE I 59 -20.04 -72.33 9.58
N ASP I 60 -21.04 -71.90 10.34
CA ASP I 60 -22.38 -72.44 10.27
C ASP I 60 -23.25 -71.38 9.61
N ILE I 61 -23.57 -71.60 8.33
CA ILE I 61 -24.26 -70.59 7.54
C ILE I 61 -25.70 -70.44 8.00
N THR I 62 -26.36 -71.55 8.31
CA THR I 62 -27.80 -71.53 8.61
C THR I 62 -28.08 -70.84 9.94
N ASN I 63 -27.23 -71.06 10.95
CA ASN I 63 -27.46 -70.53 12.29
C ASN I 63 -26.95 -69.08 12.37
N ASN I 64 -27.67 -68.20 11.67
CA ASN I 64 -27.41 -66.76 11.63
C ASN I 64 -26.01 -66.44 11.14
N LEU I 65 -25.49 -67.26 10.22
CA LEU I 65 -24.28 -66.97 9.43
C LEU I 65 -23.06 -66.80 10.34
N SER I 66 -22.90 -67.75 11.26
CA SER I 66 -22.03 -67.61 12.41
C SER I 66 -20.67 -68.28 12.21
N ILE I 67 -19.74 -67.91 13.08
CA ILE I 67 -18.48 -68.64 13.27
C ILE I 67 -18.54 -69.30 14.65
N VAL I 68 -17.98 -70.49 14.76
CA VAL I 68 -17.83 -71.17 16.04
C VAL I 68 -16.35 -71.26 16.36
N ILE I 69 -15.92 -70.59 17.42
CA ILE I 69 -14.51 -70.47 17.78
C ILE I 69 -14.20 -71.62 18.71
N LEU I 70 -13.30 -72.51 18.29
CA LEU I 70 -12.91 -73.67 19.09
C LEU I 70 -11.67 -73.33 19.91
N ALA I 71 -11.64 -73.83 21.15
CA ALA I 71 -10.54 -73.61 22.10
C ALA I 71 -10.23 -72.13 22.27
N LEU I 72 -11.25 -71.39 22.70
CA LEU I 72 -11.15 -69.93 22.76
C LEU I 72 -10.14 -69.48 23.78
N ARG I 73 -9.41 -68.42 23.43
CA ARG I 73 -8.28 -67.90 24.18
C ARG I 73 -8.48 -66.41 24.39
N PRO I 74 -7.80 -65.82 25.39
CA PRO I 74 -7.91 -64.36 25.59
C PRO I 74 -7.38 -63.54 24.42
N SER I 75 -6.56 -64.10 23.54
CA SER I 75 -6.17 -63.41 22.33
C SER I 75 -7.35 -63.22 21.39
N ASP I 76 -8.34 -64.13 21.43
CA ASP I 76 -9.53 -64.00 20.63
C ASP I 76 -10.54 -63.01 21.18
N GLU I 77 -10.31 -62.48 22.38
CA GLU I 77 -11.22 -61.49 22.94
C GLU I 77 -11.10 -60.18 22.17
N GLY I 78 -12.25 -59.56 21.92
CA GLY I 78 -12.30 -58.32 21.17
C GLY I 78 -13.66 -58.16 20.53
N THR I 79 -13.75 -57.19 19.63
CA THR I 79 -14.99 -56.89 18.91
C THR I 79 -14.90 -57.44 17.49
N TYR I 80 -15.75 -58.41 17.19
CA TYR I 80 -15.85 -58.97 15.85
C TYR I 80 -16.99 -58.29 15.11
N GLU I 81 -16.69 -57.74 13.94
CA GLU I 81 -17.71 -57.19 13.06
C GLU I 81 -17.91 -58.15 11.88
N CYS I 82 -19.16 -58.39 11.53
CA CYS I 82 -19.51 -59.32 10.46
C CYS I 82 -20.05 -58.52 9.29
N VAL I 83 -19.40 -58.65 8.14
CA VAL I 83 -19.64 -57.80 6.97
C VAL I 83 -20.20 -58.65 5.85
N VAL I 84 -21.36 -58.27 5.33
CA VAL I 84 -22.06 -59.00 4.27
C VAL I 84 -22.36 -58.04 3.13
N LEU I 85 -21.96 -58.41 1.92
CA LEU I 85 -22.18 -57.59 0.74
C LEU I 85 -22.91 -58.40 -0.33
N LYS I 86 -23.75 -57.73 -1.11
CA LYS I 86 -24.48 -58.36 -2.19
C LYS I 86 -24.21 -57.63 -3.50
N TYR I 87 -24.16 -58.39 -4.59
CA TYR I 87 -23.80 -57.87 -5.90
C TYR I 87 -25.02 -57.22 -6.55
N GLU I 88 -24.97 -55.90 -6.72
CA GLU I 88 -26.03 -55.14 -7.35
C GLU I 88 -25.43 -54.12 -8.31
N LYS I 89 -25.82 -54.21 -9.59
CA LYS I 89 -25.40 -53.27 -10.64
C LYS I 89 -23.89 -53.18 -10.77
N ASP I 90 -23.24 -54.35 -10.84
CA ASP I 90 -21.78 -54.48 -10.96
C ASP I 90 -21.09 -53.77 -9.80
N ALA I 91 -21.65 -53.91 -8.60
CA ALA I 91 -21.09 -53.31 -7.40
C ALA I 91 -21.54 -54.13 -6.21
N PHE I 92 -20.63 -54.37 -5.27
CA PHE I 92 -20.96 -55.10 -4.05
C PHE I 92 -21.55 -54.13 -3.05
N LYS I 93 -22.83 -54.28 -2.74
CA LYS I 93 -23.54 -53.40 -1.82
C LYS I 93 -23.50 -53.97 -0.42
N ARG I 94 -22.88 -53.25 0.51
CA ARG I 94 -22.80 -53.70 1.89
C ARG I 94 -24.17 -53.62 2.55
N GLU I 95 -24.60 -54.72 3.17
CA GLU I 95 -25.92 -54.81 3.79
C GLU I 95 -25.91 -55.20 5.26
N HIS I 96 -24.76 -55.59 5.82
CA HIS I 96 -24.69 -55.99 7.22
C HIS I 96 -23.33 -55.62 7.80
N LEU I 97 -23.32 -54.90 8.93
CA LEU I 97 -22.09 -54.62 9.65
C LEU I 97 -22.38 -54.80 11.16
N ALA I 98 -22.93 -55.96 11.52
CA ALA I 98 -23.22 -56.25 12.92
C ALA I 98 -21.92 -56.52 13.67
N GLU I 99 -21.77 -55.88 14.83
CA GLU I 99 -20.60 -56.04 15.69
C GLU I 99 -20.99 -56.80 16.94
N VAL I 100 -20.24 -57.86 17.26
CA VAL I 100 -20.37 -58.57 18.52
C VAL I 100 -19.02 -58.54 19.23
N THR I 101 -19.08 -58.50 20.56
CA THR I 101 -17.88 -58.45 21.39
C THR I 101 -17.79 -59.72 22.23
N LEU I 102 -16.64 -60.38 22.17
CA LEU I 102 -16.38 -61.59 22.94
C LEU I 102 -15.45 -61.28 24.10
N SER I 103 -15.86 -61.66 25.31
CA SER I 103 -15.07 -61.48 26.50
C SER I 103 -14.65 -62.84 27.05
N VAL I 104 -13.42 -62.91 27.55
CA VAL I 104 -12.82 -64.16 28.02
C VAL I 104 -12.66 -64.09 29.53
N LYS I 105 -13.31 -64.99 30.23
CA LYS I 105 -13.16 -65.14 31.67
C LYS I 105 -12.27 -66.34 31.96
N ALA I 106 -11.20 -66.11 32.72
CA ALA I 106 -10.26 -67.17 33.06
C ALA I 106 -9.95 -67.17 34.56
N VAL J 1 6.33 -52.20 -35.17
CA VAL J 1 7.74 -52.43 -34.88
C VAL J 1 8.04 -53.92 -35.01
N ILE J 2 9.09 -54.26 -35.75
CA ILE J 2 9.48 -55.63 -36.00
C ILE J 2 10.69 -55.95 -35.15
N HIS J 3 10.54 -56.88 -34.20
CA HIS J 3 11.65 -57.35 -33.37
C HIS J 3 12.31 -58.50 -34.10
N VAL J 4 13.21 -58.16 -35.02
CA VAL J 4 13.98 -59.17 -35.73
C VAL J 4 15.17 -59.61 -34.88
N THR J 5 15.28 -60.91 -34.65
CA THR J 5 16.38 -61.48 -33.88
C THR J 5 17.20 -62.39 -34.78
N LYS J 6 18.51 -62.40 -34.57
CA LYS J 6 19.41 -63.07 -35.50
C LYS J 6 20.73 -63.32 -34.81
N GLU J 7 21.37 -64.44 -35.17
CA GLU J 7 22.56 -64.91 -34.47
C GLU J 7 23.80 -64.11 -34.87
N VAL J 8 24.79 -64.12 -33.97
CA VAL J 8 25.97 -63.28 -34.09
C VAL J 8 26.82 -63.71 -35.28
N LYS J 9 27.40 -62.73 -35.97
CA LYS J 9 28.25 -62.93 -37.17
C LYS J 9 27.46 -63.61 -38.29
N GLU J 10 26.45 -62.89 -38.77
CA GLU J 10 25.57 -63.39 -39.80
C GLU J 10 25.05 -62.21 -40.61
N VAL J 11 24.70 -62.46 -41.88
CA VAL J 11 24.07 -61.42 -42.68
C VAL J 11 22.68 -61.11 -42.13
N ALA J 12 22.38 -59.82 -41.98
CA ALA J 12 21.23 -59.36 -41.20
C ALA J 12 20.43 -58.32 -41.96
N THR J 13 19.32 -58.74 -42.57
CA THR J 13 18.44 -57.80 -43.26
C THR J 13 17.56 -57.06 -42.26
N LEU J 14 17.41 -55.75 -42.47
CA LEU J 14 16.55 -54.90 -41.66
C LEU J 14 15.53 -54.23 -42.59
N SER J 15 14.28 -54.68 -42.52
CA SER J 15 13.25 -54.20 -43.42
C SER J 15 12.77 -52.82 -43.03
N CYS J 16 12.71 -51.91 -43.99
CA CYS J 16 12.11 -50.60 -43.78
C CYS J 16 10.59 -50.61 -43.94
N GLY J 17 10.05 -51.56 -44.68
CA GLY J 17 8.61 -51.66 -44.85
C GLY J 17 8.01 -50.66 -45.80
N HIS J 18 8.83 -49.90 -46.54
CA HIS J 18 8.36 -48.92 -47.49
C HIS J 18 9.04 -49.21 -48.82
N ASN J 19 8.25 -49.29 -49.89
CA ASN J 19 8.77 -49.57 -51.22
C ASN J 19 8.79 -48.28 -52.04
N VAL J 20 9.97 -47.94 -52.55
CA VAL J 20 10.14 -46.77 -53.41
C VAL J 20 10.62 -47.24 -54.78
N SER J 21 10.19 -46.54 -55.81
CA SER J 21 10.58 -46.85 -57.18
C SER J 21 11.91 -46.17 -57.51
N VAL J 22 12.58 -46.70 -58.54
CA VAL J 22 13.90 -46.19 -58.88
C VAL J 22 13.81 -44.83 -59.58
N GLU J 23 12.69 -44.54 -60.24
CA GLU J 23 12.49 -43.17 -60.72
C GLU J 23 12.26 -42.22 -59.56
N GLU J 24 11.51 -42.66 -58.55
CA GLU J 24 11.25 -41.84 -57.38
C GLU J 24 12.44 -41.78 -56.43
N LEU J 25 13.40 -42.70 -56.57
CA LEU J 25 14.52 -42.77 -55.64
C LEU J 25 15.42 -41.54 -55.73
N ALA J 26 15.51 -40.93 -56.91
CA ALA J 26 16.30 -39.71 -57.05
C ALA J 26 15.66 -38.53 -56.32
N GLN J 27 14.34 -38.53 -56.20
CA GLN J 27 13.61 -37.46 -55.51
C GLN J 27 13.31 -37.80 -54.06
N THR J 28 13.74 -38.95 -53.57
CA THR J 28 13.39 -39.41 -52.23
C THR J 28 14.67 -39.63 -51.42
N ARG J 29 14.72 -39.06 -50.22
CA ARG J 29 15.85 -39.20 -49.32
C ARG J 29 15.56 -40.28 -48.30
N ILE J 30 16.40 -41.32 -48.27
CA ILE J 30 16.27 -42.43 -47.34
C ILE J 30 17.52 -42.46 -46.47
N TYR J 31 17.33 -42.56 -45.15
CA TYR J 31 18.49 -42.77 -44.30
C TYR J 31 18.08 -43.61 -43.09
N TRP J 32 19.02 -44.45 -42.65
CA TRP J 32 18.86 -45.31 -41.49
C TRP J 32 19.69 -44.73 -40.34
N GLN J 33 19.17 -44.86 -39.11
CA GLN J 33 19.91 -44.42 -37.94
C GLN J 33 19.44 -45.20 -36.72
N LYS J 34 20.40 -45.60 -35.88
CA LYS J 34 20.13 -46.31 -34.64
C LYS J 34 20.51 -45.44 -33.45
N GLU J 35 19.59 -45.35 -32.48
CA GLU J 35 19.75 -44.55 -31.25
C GLU J 35 20.19 -43.12 -31.54
N LYS J 36 19.56 -42.52 -32.56
CA LYS J 36 19.78 -41.17 -33.05
C LYS J 36 21.18 -40.98 -33.64
N LYS J 37 21.91 -42.07 -33.87
CA LYS J 37 23.23 -42.02 -34.47
C LYS J 37 23.14 -42.59 -35.87
N MET J 38 23.65 -41.82 -36.84
CA MET J 38 23.28 -42.06 -38.23
C MET J 38 24.08 -43.24 -38.78
N VAL J 39 23.47 -43.98 -39.73
CA VAL J 39 24.02 -45.25 -40.18
C VAL J 39 24.40 -45.18 -41.66
N LEU J 40 23.41 -44.92 -42.53
CA LEU J 40 23.67 -44.71 -43.94
C LEU J 40 22.64 -43.70 -44.45
N THR J 41 22.99 -42.98 -45.52
CA THR J 41 22.06 -42.07 -46.20
C THR J 41 22.01 -42.42 -47.68
N MET J 42 20.83 -42.32 -48.28
CA MET J 42 20.68 -42.40 -49.73
C MET J 42 20.02 -41.09 -50.17
N MET J 43 20.84 -40.04 -50.26
CA MET J 43 20.35 -38.72 -50.61
C MET J 43 20.48 -38.50 -52.12
N SER J 44 19.34 -38.38 -52.79
CA SER J 44 19.23 -38.19 -54.25
C SER J 44 20.06 -39.20 -55.03
N GLY J 45 19.89 -40.48 -54.67
CA GLY J 45 20.58 -41.55 -55.36
C GLY J 45 22.05 -41.73 -55.01
N ASP J 46 22.56 -41.01 -54.02
CA ASP J 46 23.95 -41.15 -53.59
C ASP J 46 23.98 -41.96 -52.30
N MET J 47 24.62 -43.13 -52.35
CA MET J 47 24.62 -44.06 -51.22
C MET J 47 25.82 -43.76 -50.32
N ASN J 48 25.72 -42.63 -49.63
CA ASN J 48 26.72 -42.25 -48.65
C ASN J 48 26.58 -43.12 -47.41
N ILE J 49 27.67 -43.27 -46.66
CA ILE J 49 27.74 -44.31 -45.64
C ILE J 49 28.69 -43.87 -44.54
N TRP J 50 28.38 -44.26 -43.30
CA TRP J 50 29.13 -43.81 -42.13
C TRP J 50 30.31 -44.72 -41.82
N PRO J 51 31.39 -44.17 -41.25
CA PRO J 51 32.60 -44.96 -41.00
C PRO J 51 32.41 -46.15 -40.05
N GLU J 52 31.40 -46.10 -39.18
CA GLU J 52 31.10 -47.27 -38.36
C GLU J 52 30.54 -48.41 -39.19
N TYR J 53 29.83 -48.09 -40.27
CA TYR J 53 29.11 -49.09 -41.05
C TYR J 53 29.46 -49.05 -42.54
N LYS J 54 30.69 -48.69 -42.90
CA LYS J 54 31.07 -48.62 -44.32
C LYS J 54 31.04 -49.98 -44.99
N ASN J 55 31.73 -50.96 -44.42
CA ASN J 55 32.07 -52.17 -45.15
C ASN J 55 31.19 -53.37 -44.82
N ARG J 56 30.19 -53.21 -43.96
CA ARG J 56 29.36 -54.35 -43.58
C ARG J 56 27.88 -54.17 -43.86
N THR J 57 27.48 -53.13 -44.58
CA THR J 57 26.08 -52.94 -44.95
C THR J 57 25.94 -52.88 -46.46
N ILE J 58 24.89 -53.52 -46.98
CA ILE J 58 24.55 -53.47 -48.39
C ILE J 58 23.08 -53.07 -48.50
N PHE J 59 22.82 -51.98 -49.20
CA PHE J 59 21.45 -51.53 -49.42
C PHE J 59 20.79 -52.31 -50.55
N ASP J 60 19.69 -52.99 -50.23
CA ASP J 60 18.86 -53.65 -51.21
C ASP J 60 17.57 -52.83 -51.30
N ILE J 61 17.44 -52.04 -52.37
CA ILE J 61 16.34 -51.09 -52.49
C ILE J 61 15.03 -51.81 -52.73
N THR J 62 15.05 -52.86 -53.56
CA THR J 62 13.82 -53.52 -53.97
C THR J 62 13.18 -54.30 -52.83
N ASN J 63 13.99 -54.95 -51.99
CA ASN J 63 13.48 -55.79 -50.91
C ASN J 63 13.15 -54.93 -49.69
N ASN J 64 12.08 -54.14 -49.85
CA ASN J 64 11.53 -53.25 -48.82
C ASN J 64 12.57 -52.26 -48.28
N LEU J 65 13.47 -51.82 -49.17
CA LEU J 65 14.35 -50.67 -48.95
C LEU J 65 15.27 -50.92 -47.74
N SER J 66 15.89 -52.10 -47.74
CA SER J 66 16.53 -52.66 -46.55
C SER J 66 18.03 -52.44 -46.54
N ILE J 67 18.61 -52.64 -45.35
CA ILE J 67 20.05 -52.79 -45.17
C ILE J 67 20.31 -54.23 -44.79
N VAL J 68 21.42 -54.79 -45.26
CA VAL J 68 21.87 -56.11 -44.86
C VAL J 68 23.17 -55.95 -44.08
N ILE J 69 23.14 -56.30 -42.79
CA ILE J 69 24.26 -56.08 -41.89
C ILE J 69 25.12 -57.34 -41.95
N LEU J 70 26.37 -57.20 -42.40
CA LEU J 70 27.29 -58.32 -42.50
C LEU J 70 28.14 -58.40 -41.24
N ALA J 71 28.39 -59.64 -40.78
CA ALA J 71 29.19 -59.94 -39.59
C ALA J 71 28.67 -59.18 -38.38
N LEU J 72 27.39 -59.44 -38.06
CA LEU J 72 26.69 -58.69 -37.03
C LEU J 72 27.29 -58.95 -35.65
N ARG J 73 27.35 -57.88 -34.85
CA ARG J 73 28.01 -57.83 -33.57
C ARG J 73 27.04 -57.28 -32.53
N PRO J 74 27.27 -57.54 -31.24
CA PRO J 74 26.40 -56.96 -30.20
C PRO J 74 26.43 -55.43 -30.15
N SER J 75 27.46 -54.79 -30.71
CA SER J 75 27.45 -53.34 -30.82
C SER J 75 26.37 -52.86 -31.79
N ASP J 76 26.02 -53.69 -32.78
CA ASP J 76 24.96 -53.35 -33.72
C ASP J 76 23.57 -53.58 -33.15
N GLU J 77 23.45 -54.17 -31.98
CA GLU J 77 22.14 -54.37 -31.36
C GLU J 77 21.56 -53.03 -30.94
N GLY J 78 20.27 -52.85 -31.17
CA GLY J 78 19.58 -51.63 -30.84
C GLY J 78 18.37 -51.46 -31.72
N THR J 79 17.80 -50.26 -31.66
CA THR J 79 16.60 -49.92 -32.44
C THR J 79 17.02 -49.07 -33.63
N TYR J 80 16.81 -49.60 -34.83
CA TYR J 80 17.06 -48.88 -36.07
C TYR J 80 15.76 -48.28 -36.57
N GLU J 81 15.75 -46.97 -36.80
CA GLU J 81 14.61 -46.30 -37.42
C GLU J 81 14.98 -45.94 -38.86
N CYS J 82 14.06 -46.18 -39.77
CA CYS J 82 14.29 -45.94 -41.19
C CYS J 82 13.44 -44.75 -41.62
N VAL J 83 14.09 -43.71 -42.13
CA VAL J 83 13.46 -42.43 -42.40
C VAL J 83 13.48 -42.17 -43.89
N VAL J 84 12.29 -41.91 -44.46
CA VAL J 84 12.12 -41.68 -45.88
C VAL J 84 11.39 -40.36 -46.08
N LEU J 85 11.95 -39.48 -46.90
CA LEU J 85 11.36 -38.18 -47.18
C LEU J 85 11.20 -37.99 -48.68
N LYS J 86 10.15 -37.29 -49.08
CA LYS J 86 9.90 -36.99 -50.48
C LYS J 86 9.78 -35.48 -50.69
N TYR J 87 10.25 -35.02 -51.83
CA TYR J 87 10.31 -33.59 -52.15
C TYR J 87 8.95 -33.11 -52.64
N GLU J 88 8.29 -32.26 -51.85
CA GLU J 88 7.00 -31.69 -52.21
C GLU J 88 7.01 -30.21 -51.85
N LYS J 89 6.75 -29.37 -52.86
CA LYS J 89 6.63 -27.92 -52.72
C LYS J 89 7.86 -27.28 -52.08
N ASP J 90 9.03 -27.65 -52.62
CA ASP J 90 10.34 -27.18 -52.14
C ASP J 90 10.52 -27.50 -50.66
N ALA J 91 10.09 -28.69 -50.26
CA ALA J 91 10.21 -29.15 -48.89
C ALA J 91 10.24 -30.67 -48.89
N PHE J 92 11.11 -31.25 -48.08
CA PHE J 92 11.19 -32.69 -47.95
C PHE J 92 10.15 -33.17 -46.95
N LYS J 93 9.13 -33.88 -47.42
CA LYS J 93 8.03 -34.35 -46.58
C LYS J 93 8.35 -35.76 -46.08
N ARG J 94 8.46 -35.91 -44.76
CA ARG J 94 8.74 -37.21 -44.18
C ARG J 94 7.52 -38.12 -44.32
N GLU J 95 7.73 -39.33 -44.85
CA GLU J 95 6.64 -40.27 -45.10
C GLU J 95 6.82 -41.63 -44.44
N HIS J 96 7.98 -41.93 -43.85
CA HIS J 96 8.21 -43.23 -43.23
C HIS J 96 9.15 -43.06 -42.04
N LEU J 97 8.75 -43.57 -40.88
CA LEU J 97 9.63 -43.61 -39.71
C LEU J 97 9.44 -44.98 -39.03
N ALA J 98 9.58 -46.05 -39.81
CA ALA J 98 9.45 -47.39 -39.26
C ALA J 98 10.68 -47.73 -38.42
N GLU J 99 10.43 -48.27 -37.22
CA GLU J 99 11.48 -48.65 -36.30
C GLU J 99 11.54 -50.17 -36.19
N VAL J 100 12.73 -50.75 -36.37
CA VAL J 100 12.95 -52.17 -36.13
C VAL J 100 14.06 -52.29 -35.09
N THR J 101 13.96 -53.34 -34.27
CA THR J 101 14.93 -53.60 -33.20
C THR J 101 15.66 -54.91 -33.49
N LEU J 102 16.99 -54.86 -33.46
CA LEU J 102 17.82 -56.03 -33.68
C LEU J 102 18.42 -56.49 -32.36
N SER J 103 18.25 -57.77 -32.05
CA SER J 103 18.79 -58.37 -30.84
C SER J 103 19.86 -59.39 -31.23
N VAL J 104 20.91 -59.44 -30.43
CA VAL J 104 22.07 -60.28 -30.71
C VAL J 104 22.13 -61.39 -29.67
N LYS J 105 22.04 -62.64 -30.12
CA LYS J 105 22.22 -63.80 -29.26
C LYS J 105 23.60 -64.39 -29.49
N ALA J 106 24.37 -64.54 -28.41
CA ALA J 106 25.71 -65.08 -28.48
C ALA J 106 25.93 -66.16 -27.44
N VAL K 1 33.81 1.73 -53.49
CA VAL K 1 35.12 1.80 -52.86
C VAL K 1 36.17 1.19 -53.78
N ILE K 2 37.26 1.92 -54.00
CA ILE K 2 38.33 1.50 -54.91
C ILE K 2 39.50 1.02 -54.07
N HIS K 3 39.82 -0.27 -54.16
CA HIS K 3 40.99 -0.83 -53.48
C HIS K 3 42.19 -0.68 -54.41
N VAL K 4 42.80 0.50 -54.36
CA VAL K 4 44.01 0.76 -55.13
C VAL K 4 45.22 0.21 -54.37
N THR K 5 45.99 -0.64 -55.05
CA THR K 5 47.20 -1.22 -54.49
C THR K 5 48.41 -0.75 -55.29
N LYS K 6 49.51 -0.52 -54.58
CA LYS K 6 50.66 0.13 -55.21
C LYS K 6 51.90 -0.15 -54.38
N GLU K 7 53.04 -0.27 -55.06
CA GLU K 7 54.28 -0.72 -54.42
C GLU K 7 54.92 0.39 -53.60
N VAL K 8 55.75 -0.03 -52.64
CA VAL K 8 56.30 0.87 -51.63
C VAL K 8 57.29 1.84 -52.29
N LYS K 9 57.30 3.09 -51.81
CA LYS K 9 58.15 4.18 -52.29
C LYS K 9 57.88 4.46 -53.78
N GLU K 10 56.67 4.92 -54.03
CA GLU K 10 56.21 5.22 -55.39
C GLU K 10 55.17 6.33 -55.32
N VAL K 11 55.04 7.08 -56.41
CA VAL K 11 53.98 8.08 -56.49
C VAL K 11 52.62 7.39 -56.55
N ALA K 12 51.68 7.87 -55.74
CA ALA K 12 50.44 7.15 -55.46
C ALA K 12 49.24 8.07 -55.58
N THR K 13 48.53 8.00 -56.70
CA THR K 13 47.32 8.77 -56.90
C THR K 13 46.14 8.11 -56.18
N LEU K 14 45.34 8.94 -55.50
CA LEU K 14 44.13 8.50 -54.82
C LEU K 14 42.95 9.27 -55.38
N SER K 15 42.12 8.61 -56.18
CA SER K 15 41.02 9.27 -56.88
C SER K 15 39.86 9.54 -55.91
N CYS K 16 39.37 10.78 -55.93
CA CYS K 16 38.16 11.13 -55.20
C CYS K 16 36.89 10.79 -55.96
N GLY K 17 36.95 10.70 -57.28
CA GLY K 17 35.79 10.35 -58.07
C GLY K 17 34.78 11.46 -58.24
N HIS K 18 35.10 12.68 -57.84
CA HIS K 18 34.21 13.83 -57.99
C HIS K 18 34.99 14.93 -58.70
N ASN K 19 34.39 15.50 -59.74
CA ASN K 19 35.03 16.55 -60.52
C ASN K 19 34.39 17.89 -60.15
N VAL K 20 35.22 18.84 -59.73
CA VAL K 20 34.79 20.19 -59.41
C VAL K 20 35.49 21.16 -60.36
N SER K 21 34.78 22.23 -60.71
CA SER K 21 35.33 23.25 -61.58
C SER K 21 36.10 24.28 -60.76
N VAL K 22 36.99 25.01 -61.45
CA VAL K 22 37.85 25.95 -60.74
C VAL K 22 37.09 27.20 -60.33
N GLU K 23 35.99 27.54 -61.02
CA GLU K 23 35.13 28.60 -60.49
C GLU K 23 34.38 28.11 -59.25
N GLU K 24 33.95 26.85 -59.25
CA GLU K 24 33.26 26.29 -58.09
C GLU K 24 34.20 25.93 -56.96
N LEU K 25 35.52 25.84 -57.24
CA LEU K 25 36.47 25.40 -56.23
C LEU K 25 36.60 26.40 -55.08
N ALA K 26 36.38 27.69 -55.36
CA ALA K 26 36.42 28.69 -54.30
C ALA K 26 35.22 28.54 -53.36
N GLN K 27 34.10 28.05 -53.86
CA GLN K 27 32.90 27.86 -53.04
C GLN K 27 32.77 26.44 -52.50
N THR K 28 33.72 25.57 -52.77
CA THR K 28 33.64 24.16 -52.42
C THR K 28 34.81 23.79 -51.51
N ARG K 29 34.51 23.16 -50.38
CA ARG K 29 35.52 22.72 -49.42
C ARG K 29 35.80 21.24 -49.65
N ILE K 30 37.05 20.92 -49.95
CA ILE K 30 37.51 19.55 -50.17
C ILE K 30 38.55 19.22 -49.11
N TYR K 31 38.40 18.08 -48.46
CA TYR K 31 39.46 17.63 -47.57
C TYR K 31 39.54 16.11 -47.57
N TRP K 32 40.76 15.60 -47.45
CA TRP K 32 41.03 14.17 -47.36
C TRP K 32 41.39 13.82 -45.92
N GLN K 33 40.98 12.63 -45.48
CA GLN K 33 41.33 12.15 -44.14
C GLN K 33 41.32 10.64 -44.12
N LYS K 34 42.32 10.05 -43.45
CA LYS K 34 42.41 8.61 -43.29
C LYS K 34 42.24 8.25 -41.82
N GLU K 35 41.38 7.25 -41.56
CA GLU K 35 41.05 6.76 -40.22
C GLU K 35 40.69 7.88 -39.25
N LYS K 36 39.87 8.81 -39.76
CA LYS K 36 39.35 9.99 -39.06
C LYS K 36 40.47 10.98 -38.70
N LYS K 37 41.67 10.80 -39.24
CA LYS K 37 42.79 11.70 -39.00
C LYS K 37 43.05 12.48 -40.27
N MET K 38 43.11 13.80 -40.14
CA MET K 38 42.97 14.66 -41.31
C MET K 38 44.29 14.72 -42.08
N VAL K 39 44.19 14.88 -43.40
CA VAL K 39 45.35 14.73 -44.29
C VAL K 39 45.67 16.04 -44.98
N LEU K 40 44.73 16.57 -45.76
CA LEU K 40 44.87 17.89 -46.39
C LEU K 40 43.49 18.51 -46.47
N THR K 41 43.44 19.84 -46.50
CA THR K 41 42.20 20.59 -46.72
C THR K 41 42.39 21.56 -47.88
N MET K 42 41.35 21.73 -48.69
CA MET K 42 41.31 22.78 -49.70
C MET K 42 40.08 23.63 -49.39
N MET K 43 40.22 24.50 -48.39
CA MET K 43 39.12 25.35 -47.94
C MET K 43 39.18 26.70 -48.67
N SER K 44 38.15 26.95 -49.49
CA SER K 44 38.01 28.17 -50.30
C SER K 44 39.27 28.49 -51.10
N GLY K 45 39.80 27.48 -51.79
CA GLY K 45 40.96 27.65 -52.63
C GLY K 45 42.29 27.73 -51.90
N ASP K 46 42.32 27.49 -50.59
CA ASP K 46 43.55 27.49 -49.81
C ASP K 46 43.96 26.05 -49.55
N MET K 47 45.13 25.66 -50.09
CA MET K 47 45.58 24.26 -50.01
C MET K 47 46.41 24.08 -48.73
N ASN K 48 45.70 24.11 -47.60
CA ASN K 48 46.33 23.83 -46.31
C ASN K 48 46.63 22.34 -46.20
N ILE K 49 47.60 22.00 -45.36
CA ILE K 49 48.18 20.66 -45.40
C ILE K 49 48.73 20.32 -44.02
N TRP K 50 48.62 19.03 -43.65
CA TRP K 50 48.98 18.58 -42.31
C TRP K 50 50.45 18.21 -42.21
N PRO K 51 51.06 18.37 -41.03
CA PRO K 51 52.50 18.11 -40.88
C PRO K 51 52.93 16.67 -41.17
N GLU K 52 52.03 15.69 -41.03
CA GLU K 52 52.37 14.33 -41.44
C GLU K 52 52.52 14.22 -42.95
N TYR K 53 51.77 15.02 -43.71
CA TYR K 53 51.72 14.90 -45.15
C TYR K 53 52.03 16.20 -45.89
N LYS K 54 52.90 17.05 -45.33
CA LYS K 54 53.24 18.32 -45.99
C LYS K 54 53.96 18.11 -47.33
N ASN K 55 55.04 17.34 -47.32
CA ASN K 55 55.99 17.38 -48.41
C ASN K 55 55.85 16.22 -49.39
N ARG K 56 54.89 15.32 -49.19
CA ARG K 56 54.79 14.15 -50.07
C ARG K 56 53.44 14.03 -50.77
N THR K 57 52.58 15.04 -50.69
CA THR K 57 51.30 15.00 -51.40
C THR K 57 51.20 16.19 -52.34
N ILE K 58 50.66 15.94 -53.54
CA ILE K 58 50.39 16.97 -54.52
C ILE K 58 48.93 16.84 -54.96
N PHE K 59 48.15 17.89 -54.78
CA PHE K 59 46.76 17.90 -55.21
C PHE K 59 46.66 18.17 -56.70
N ASP K 60 46.08 17.23 -57.44
CA ASP K 60 45.74 17.40 -58.84
C ASP K 60 44.22 17.53 -58.91
N ILE K 61 43.73 18.75 -59.09
CA ILE K 61 42.30 19.02 -59.01
C ILE K 61 41.57 18.42 -60.21
N THR K 62 42.18 18.54 -61.40
CA THR K 62 41.49 18.13 -62.62
C THR K 62 41.32 16.62 -62.72
N ASN K 63 42.32 15.86 -62.28
CA ASN K 63 42.30 14.40 -62.40
C ASN K 63 41.52 13.79 -61.23
N ASN K 64 40.20 14.02 -61.26
CA ASN K 64 39.23 13.51 -60.28
C ASN K 64 39.57 13.94 -58.85
N LEU K 65 40.13 15.14 -58.71
CA LEU K 65 40.27 15.85 -57.43
C LEU K 65 41.15 15.04 -56.46
N SER K 66 42.29 14.59 -56.96
CA SER K 66 43.09 13.55 -56.35
C SER K 66 44.25 14.11 -55.53
N ILE K 67 44.81 13.24 -54.68
CA ILE K 67 46.10 13.45 -54.05
C ILE K 67 47.07 12.45 -54.66
N VAL K 68 48.33 12.87 -54.84
CA VAL K 68 49.39 11.99 -55.27
C VAL K 68 50.38 11.84 -54.12
N ILE K 69 50.50 10.62 -53.58
CA ILE K 69 51.31 10.37 -52.39
C ILE K 69 52.70 9.99 -52.88
N LEU K 70 53.70 10.80 -52.52
CA LEU K 70 55.08 10.56 -52.93
C LEU K 70 55.81 9.79 -51.85
N ALA K 71 56.66 8.84 -52.27
CA ALA K 71 57.45 7.97 -51.40
C ALA K 71 56.56 7.26 -50.39
N LEU K 72 55.62 6.48 -50.92
CA LEU K 72 54.59 5.87 -50.09
C LEU K 72 55.18 4.82 -49.15
N ARG K 73 54.65 4.78 -47.94
CA ARG K 73 55.14 3.98 -46.83
C ARG K 73 53.99 3.17 -46.25
N PRO K 74 54.29 2.07 -45.54
CA PRO K 74 53.21 1.31 -44.89
C PRO K 74 52.43 2.08 -43.84
N SER K 75 52.99 3.18 -43.31
CA SER K 75 52.21 4.04 -42.42
C SER K 75 51.08 4.74 -43.17
N ASP K 76 51.25 4.97 -44.47
CA ASP K 76 50.20 5.58 -45.29
C ASP K 76 49.12 4.59 -45.69
N GLU K 77 49.29 3.30 -45.41
CA GLU K 77 48.26 2.33 -45.74
C GLU K 77 47.05 2.52 -44.84
N GLY K 78 45.87 2.41 -45.43
CA GLY K 78 44.63 2.60 -44.71
C GLY K 78 43.54 3.03 -45.67
N THR K 79 42.42 3.45 -45.09
CA THR K 79 41.26 3.88 -45.85
C THR K 79 41.19 5.40 -45.84
N TYR K 80 41.33 6.01 -47.02
CA TYR K 80 41.21 7.45 -47.19
C TYR K 80 39.80 7.77 -47.67
N GLU K 81 39.12 8.64 -46.95
CA GLU K 81 37.83 9.15 -47.38
C GLU K 81 37.99 10.58 -47.86
N CYS K 82 37.36 10.91 -48.98
CA CYS K 82 37.48 12.22 -49.59
C CYS K 82 36.14 12.94 -49.44
N VAL K 83 36.16 14.09 -48.78
CA VAL K 83 34.96 14.79 -48.36
C VAL K 83 34.88 16.13 -49.09
N VAL K 84 33.76 16.35 -49.78
CA VAL K 84 33.54 17.56 -50.58
C VAL K 84 32.23 18.19 -50.14
N LEU K 85 32.26 19.48 -49.82
CA LEU K 85 31.09 20.22 -49.39
C LEU K 85 30.91 21.46 -50.25
N LYS K 86 29.65 21.83 -50.49
CA LYS K 86 29.32 23.02 -51.26
C LYS K 86 28.43 23.95 -50.44
N TYR K 87 28.64 25.25 -50.63
CA TYR K 87 27.94 26.28 -49.85
C TYR K 87 26.56 26.51 -50.43
N GLU K 88 25.52 26.15 -49.66
CA GLU K 88 24.13 26.34 -50.06
C GLU K 88 23.34 26.85 -48.87
N LYS K 89 22.72 28.02 -49.05
CA LYS K 89 21.83 28.65 -48.05
C LYS K 89 22.54 28.85 -46.70
N ASP K 90 23.74 29.44 -46.76
CA ASP K 90 24.59 29.69 -45.60
C ASP K 90 24.87 28.41 -44.81
N ALA K 91 25.11 27.34 -45.56
CA ALA K 91 25.41 26.04 -44.97
C ALA K 91 26.24 25.24 -45.95
N PHE K 92 27.26 24.55 -45.45
CA PHE K 92 28.08 23.70 -46.31
C PHE K 92 27.41 22.34 -46.46
N LYS K 93 26.94 22.03 -47.67
CA LYS K 93 26.23 20.78 -47.93
C LYS K 93 27.22 19.73 -48.42
N ARG K 94 27.35 18.64 -47.66
CA ARG K 94 28.26 17.57 -48.05
C ARG K 94 27.70 16.83 -49.26
N GLU K 95 28.54 16.67 -50.29
CA GLU K 95 28.12 16.03 -51.54
C GLU K 95 28.97 14.84 -51.97
N HIS K 96 30.09 14.57 -51.30
CA HIS K 96 30.95 13.46 -51.67
C HIS K 96 31.62 12.89 -50.43
N LEU K 97 31.52 11.58 -50.23
CA LEU K 97 32.24 10.89 -49.17
C LEU K 97 32.78 9.58 -49.73
N ALA K 98 33.48 9.66 -50.85
CA ALA K 98 34.08 8.47 -51.46
C ALA K 98 35.26 7.99 -50.64
N GLU K 99 35.29 6.69 -50.37
CA GLU K 99 36.36 6.06 -49.60
C GLU K 99 37.21 5.18 -50.52
N VAL K 100 38.52 5.38 -50.50
CA VAL K 100 39.46 4.50 -51.18
C VAL K 100 40.43 3.94 -50.15
N THR K 101 40.87 2.71 -50.38
CA THR K 101 41.79 2.02 -49.49
C THR K 101 43.11 1.76 -50.21
N LEU K 102 44.21 2.18 -49.58
CA LEU K 102 45.54 1.97 -50.12
C LEU K 102 46.25 0.85 -49.36
N SER K 103 46.76 -0.13 -50.09
CA SER K 103 47.51 -1.23 -49.52
C SER K 103 48.97 -1.16 -49.97
N VAL K 104 49.87 -1.49 -49.05
CA VAL K 104 51.30 -1.37 -49.28
C VAL K 104 51.90 -2.77 -49.35
N LYS K 105 52.50 -3.11 -50.49
CA LYS K 105 53.23 -4.35 -50.65
C LYS K 105 54.73 -4.06 -50.58
N ALA K 106 55.42 -4.77 -49.69
CA ALA K 106 56.85 -4.59 -49.51
C ALA K 106 57.57 -5.93 -49.48
N VAL L 1 29.42 53.16 -17.14
CA VAL L 1 30.47 53.12 -16.15
C VAL L 1 31.72 53.83 -16.70
N ILE L 2 32.27 54.75 -15.90
CA ILE L 2 33.42 55.53 -16.30
C ILE L 2 34.65 54.99 -15.58
N HIS L 3 35.59 54.46 -16.35
CA HIS L 3 36.87 53.99 -15.82
C HIS L 3 37.83 55.17 -15.78
N VAL L 4 37.74 55.95 -14.72
CA VAL L 4 38.66 57.07 -14.53
C VAL L 4 39.95 56.56 -13.90
N THR L 5 41.07 56.87 -14.56
CA THR L 5 42.39 56.49 -14.09
C THR L 5 43.20 57.75 -13.76
N LYS L 6 44.01 57.67 -12.71
CA LYS L 6 44.67 58.86 -12.20
C LYS L 6 45.84 58.45 -11.34
N GLU L 7 46.89 59.27 -11.36
CA GLU L 7 48.16 58.92 -10.74
C GLU L 7 48.11 59.08 -9.23
N VAL L 8 49.00 58.35 -8.55
CA VAL L 8 48.98 58.24 -7.09
C VAL L 8 49.35 59.58 -6.45
N LYS L 9 48.69 59.89 -5.33
CA LYS L 9 48.84 61.14 -4.56
C LYS L 9 48.52 62.36 -5.43
N GLU L 10 47.24 62.43 -5.79
CA GLU L 10 46.74 63.50 -6.65
C GLU L 10 45.27 63.73 -6.31
N VAL L 11 44.79 64.95 -6.56
CA VAL L 11 43.37 65.24 -6.39
C VAL L 11 42.58 64.48 -7.45
N ALA L 12 41.49 63.81 -7.03
CA ALA L 12 40.81 62.81 -7.84
C ALA L 12 39.30 63.05 -7.82
N THR L 13 38.78 63.66 -8.87
CA THR L 13 37.34 63.86 -9.00
C THR L 13 36.66 62.57 -9.47
N LEU L 14 35.53 62.25 -8.85
CA LEU L 14 34.71 61.10 -9.21
C LEU L 14 33.31 61.59 -9.55
N SER L 15 32.97 61.59 -10.84
CA SER L 15 31.71 62.14 -11.29
C SER L 15 30.56 61.20 -11.01
N CYS L 16 29.49 61.73 -10.41
CA CYS L 16 28.26 60.97 -10.23
C CYS L 16 27.37 60.98 -11.47
N GLY L 17 27.50 61.98 -12.32
CA GLY L 17 26.72 62.04 -13.54
C GLY L 17 25.28 62.47 -13.35
N HIS L 18 24.91 62.93 -12.16
CA HIS L 18 23.55 63.39 -11.87
C HIS L 18 23.65 64.79 -11.28
N ASN L 19 22.88 65.72 -11.81
CA ASN L 19 22.88 67.10 -11.33
C ASN L 19 21.65 67.35 -10.49
N VAL L 20 21.85 67.79 -9.25
CA VAL L 20 20.76 68.15 -8.36
C VAL L 20 20.87 69.63 -8.02
N SER L 21 19.72 70.27 -7.84
CA SER L 21 19.67 71.67 -7.48
C SER L 21 19.78 71.85 -5.96
N VAL L 22 20.17 73.04 -5.55
CA VAL L 22 20.40 73.28 -4.12
C VAL L 22 19.08 73.40 -3.36
N GLU L 23 17.99 73.79 -4.03
CA GLU L 23 16.69 73.68 -3.39
C GLU L 23 16.28 72.22 -3.23
N GLU L 24 16.56 71.40 -4.24
CA GLU L 24 16.23 69.98 -4.17
C GLU L 24 17.21 69.20 -3.30
N LEU L 25 18.38 69.77 -2.98
CA LEU L 25 19.39 69.04 -2.24
C LEU L 25 18.95 68.74 -0.81
N ALA L 26 18.10 69.58 -0.23
CA ALA L 26 17.58 69.31 1.11
C ALA L 26 16.62 68.13 1.11
N GLN L 27 15.93 67.90 0.00
CA GLN L 27 14.98 66.79 -0.11
C GLN L 27 15.59 65.56 -0.77
N THR L 28 16.88 65.59 -1.11
CA THR L 28 17.52 64.51 -1.84
C THR L 28 18.69 63.97 -1.03
N ARG L 29 18.73 62.65 -0.85
CA ARG L 29 19.80 61.99 -0.13
C ARG L 29 20.82 61.44 -1.11
N ILE L 30 22.07 61.89 -0.98
CA ILE L 30 23.17 61.45 -1.83
C ILE L 30 24.21 60.78 -0.94
N TYR L 31 24.66 59.59 -1.35
CA TYR L 31 25.77 58.99 -0.63
C TYR L 31 26.63 58.18 -1.60
N TRP L 32 27.93 58.19 -1.35
CA TRP L 32 28.91 57.43 -2.11
C TRP L 32 29.37 56.24 -1.29
N GLN L 33 29.64 55.11 -1.96
CA GLN L 33 30.15 53.92 -1.29
C GLN L 33 30.92 53.07 -2.27
N LYS L 34 32.06 52.54 -1.83
CA LYS L 34 32.89 51.65 -2.63
C LYS L 34 32.90 50.25 -2.01
N GLU L 35 32.68 49.25 -2.86
CA GLU L 35 32.62 47.82 -2.48
C GLU L 35 31.70 47.57 -1.29
N LYS L 36 30.52 48.22 -1.34
CA LYS L 36 29.45 48.17 -0.35
C LYS L 36 29.88 48.77 0.99
N LYS L 37 31.01 49.47 1.04
CA LYS L 37 31.49 50.12 2.25
C LYS L 37 31.34 51.62 2.07
N MET L 38 30.70 52.25 3.05
CA MET L 38 30.16 53.59 2.83
C MET L 38 31.27 54.63 2.92
N VAL L 39 31.14 55.72 2.16
CA VAL L 39 32.22 56.69 1.99
C VAL L 39 31.83 58.04 2.56
N LEU L 40 30.77 58.65 2.01
CA LEU L 40 30.22 59.90 2.55
C LEU L 40 28.72 59.87 2.31
N THR L 41 27.98 60.60 3.16
CA THR L 41 26.55 60.79 2.99
C THR L 41 26.23 62.28 2.98
N MET L 42 25.28 62.68 2.15
CA MET L 42 24.71 64.03 2.19
C MET L 42 23.21 63.87 2.41
N MET L 43 22.85 63.62 3.67
CA MET L 43 21.47 63.40 4.04
C MET L 43 20.83 64.70 4.49
N SER L 44 19.84 65.17 3.71
CA SER L 44 19.10 66.42 3.94
C SER L 44 20.03 67.61 4.19
N GLY L 45 21.03 67.75 3.32
CA GLY L 45 21.96 68.86 3.39
C GLY L 45 23.03 68.75 4.45
N ASP L 46 23.14 67.61 5.12
CA ASP L 46 24.17 67.38 6.13
C ASP L 46 25.28 66.53 5.53
N MET L 47 26.48 67.09 5.43
CA MET L 47 27.59 66.40 4.76
C MET L 47 28.37 65.57 5.78
N ASN L 48 27.72 64.49 6.21
CA ASN L 48 28.36 63.53 7.10
C ASN L 48 29.39 62.72 6.32
N ILE L 49 30.38 62.18 7.03
CA ILE L 49 31.57 61.66 6.38
C ILE L 49 32.18 60.57 7.25
N TRP L 50 32.76 59.55 6.59
CA TRP L 50 33.26 58.38 7.28
C TRP L 50 34.72 58.55 7.72
N PRO L 51 35.12 57.90 8.83
CA PRO L 51 36.48 58.09 9.35
C PRO L 51 37.60 57.67 8.41
N GLU L 52 37.34 56.75 7.49
CA GLU L 52 38.35 56.43 6.48
C GLU L 52 38.57 57.58 5.52
N TYR L 53 37.53 58.38 5.25
CA TYR L 53 37.59 59.42 4.23
C TYR L 53 37.20 60.81 4.77
N LYS L 54 37.48 61.11 6.04
CA LYS L 54 37.12 62.42 6.59
C LYS L 54 37.88 63.57 5.92
N ASN L 55 39.20 63.48 5.88
CA ASN L 55 40.02 64.65 5.61
C ASN L 55 40.54 64.73 4.19
N ARG L 56 40.18 63.79 3.31
CA ARG L 56 40.72 63.81 1.96
C ARG L 56 39.66 63.85 0.87
N THR L 57 38.39 64.08 1.21
CA THR L 57 37.34 64.21 0.21
C THR L 57 36.65 65.57 0.35
N ILE L 58 36.36 66.19 -0.79
CA ILE L 58 35.61 67.44 -0.84
C ILE L 58 34.46 67.25 -1.82
N PHE L 59 33.23 67.45 -1.34
CA PHE L 59 32.05 67.35 -2.19
C PHE L 59 31.86 68.63 -2.99
N ASP L 60 31.88 68.50 -4.30
CA ASP L 60 31.54 69.58 -5.22
C ASP L 60 30.18 69.23 -5.82
N ILE L 61 29.12 69.89 -5.34
CA ILE L 61 27.76 69.53 -5.71
C ILE L 61 27.48 69.92 -7.16
N THR L 62 27.97 71.09 -7.59
CA THR L 62 27.63 71.61 -8.90
C THR L 62 28.28 70.80 -10.02
N ASN L 63 29.52 70.36 -9.83
CA ASN L 63 30.26 69.64 -10.87
C ASN L 63 29.88 68.16 -10.87
N ASN L 64 28.64 67.91 -11.28
CA ASN L 64 28.06 66.56 -11.41
C ASN L 64 28.09 65.79 -10.09
N LEU L 65 27.93 66.51 -8.97
CA LEU L 65 27.65 65.95 -7.65
C LEU L 65 28.79 65.02 -7.21
N SER L 66 30.02 65.52 -7.33
CA SER L 66 31.22 64.71 -7.30
C SER L 66 31.91 64.75 -5.92
N ILE L 67 32.81 63.79 -5.73
CA ILE L 67 33.79 63.81 -4.66
C ILE L 67 35.16 64.05 -5.28
N VAL L 68 36.00 64.80 -4.59
CA VAL L 68 37.40 64.99 -5.00
C VAL L 68 38.28 64.31 -3.95
N ILE L 69 39.00 63.27 -4.36
CA ILE L 69 39.80 62.46 -3.45
C ILE L 69 41.19 63.08 -3.41
N LEU L 70 41.61 63.55 -2.24
CA LEU L 70 42.92 64.16 -2.07
C LEU L 70 43.92 63.12 -1.60
N ALA L 71 45.14 63.20 -2.13
CA ALA L 71 46.25 62.29 -1.81
C ALA L 71 45.85 60.83 -2.02
N LEU L 72 45.46 60.53 -3.26
CA LEU L 72 44.88 59.23 -3.57
C LEU L 72 45.91 58.12 -3.42
N ARG L 73 45.45 56.98 -2.91
CA ARG L 73 46.26 55.84 -2.53
C ARG L 73 45.69 54.59 -3.18
N PRO L 74 46.49 53.53 -3.33
CA PRO L 74 45.95 52.27 -3.87
C PRO L 74 44.86 51.63 -3.03
N SER L 75 44.74 51.99 -1.75
CA SER L 75 43.60 51.53 -0.96
C SER L 75 42.30 52.14 -1.45
N ASP L 76 42.35 53.33 -2.03
CA ASP L 76 41.16 53.97 -2.59
C ASP L 76 40.77 53.41 -3.94
N GLU L 77 41.58 52.55 -4.54
CA GLU L 77 41.22 51.94 -5.82
C GLU L 77 40.06 50.98 -5.64
N GLY L 78 39.12 51.01 -6.57
CA GLY L 78 37.96 50.17 -6.52
C GLY L 78 36.83 50.80 -7.31
N THR L 79 35.64 50.23 -7.13
CA THR L 79 34.43 50.71 -7.82
C THR L 79 33.58 51.52 -6.84
N TYR L 80 33.43 52.80 -7.12
CA TYR L 80 32.58 53.68 -6.34
C TYR L 80 31.22 53.80 -7.02
N GLU L 81 30.16 53.50 -6.29
CA GLU L 81 28.80 53.70 -6.77
C GLU L 81 28.21 54.91 -6.05
N CYS L 82 27.53 55.77 -6.81
CA CYS L 82 26.96 56.99 -6.28
C CYS L 82 25.44 56.85 -6.28
N VAL L 83 24.84 56.97 -5.09
CA VAL L 83 23.44 56.66 -4.89
C VAL L 83 22.69 57.93 -4.51
N VAL L 84 21.64 58.24 -5.25
CA VAL L 84 20.84 59.45 -5.07
C VAL L 84 19.38 59.05 -4.93
N LEU L 85 18.73 59.52 -3.86
CA LEU L 85 17.33 59.21 -3.59
C LEU L 85 16.56 60.51 -3.40
N LYS L 86 15.30 60.51 -3.83
CA LYS L 86 14.41 61.65 -3.67
C LYS L 86 13.15 61.25 -2.94
N TYR L 87 12.64 62.17 -2.11
CA TYR L 87 11.50 61.90 -1.24
C TYR L 87 10.21 62.04 -2.03
N GLU L 88 9.50 60.93 -2.23
CA GLU L 88 8.22 60.92 -2.93
C GLU L 88 7.25 60.03 -2.18
N LYS L 89 6.11 60.61 -1.78
CA LYS L 89 5.01 59.89 -1.11
C LYS L 89 5.46 59.18 0.15
N ASP L 90 6.19 59.92 1.00
CA ASP L 90 6.74 59.42 2.26
C ASP L 90 7.64 58.19 2.03
N ALA L 91 8.42 58.26 0.96
CA ALA L 91 9.35 57.19 0.61
C ALA L 91 10.49 57.77 -0.19
N PHE L 92 11.70 57.33 0.10
CA PHE L 92 12.87 57.79 -0.65
C PHE L 92 13.01 56.95 -1.91
N LYS L 93 12.81 57.57 -3.07
CA LYS L 93 12.86 56.88 -4.35
C LYS L 93 14.27 56.99 -4.93
N ARG L 94 14.92 55.85 -5.12
CA ARG L 94 16.27 55.84 -5.69
C ARG L 94 16.22 56.22 -7.16
N GLU L 95 17.04 57.18 -7.57
CA GLU L 95 17.04 57.69 -8.94
C GLU L 95 18.40 57.63 -9.64
N HIS L 96 19.48 57.31 -8.92
CA HIS L 96 20.81 57.27 -9.52
C HIS L 96 21.64 56.19 -8.83
N LEU L 97 22.23 55.29 -9.62
CA LEU L 97 23.18 54.31 -9.09
C LEU L 97 24.34 54.19 -10.08
N ALA L 98 24.93 55.33 -10.44
CA ALA L 98 26.07 55.34 -11.34
C ALA L 98 27.31 54.81 -10.65
N GLU L 99 28.01 53.90 -11.31
CA GLU L 99 29.23 53.30 -10.80
C GLU L 99 30.43 53.79 -11.60
N VAL L 100 31.45 54.28 -10.89
CA VAL L 100 32.72 54.63 -11.51
C VAL L 100 33.82 53.83 -10.82
N THR L 101 34.85 53.47 -11.59
CA THR L 101 35.96 52.69 -11.09
C THR L 101 37.24 53.51 -11.15
N LEU L 102 37.95 53.59 -10.03
CA LEU L 102 39.20 54.32 -9.94
C LEU L 102 40.36 53.33 -9.90
N SER L 103 41.34 53.53 -10.79
CA SER L 103 42.54 52.71 -10.84
C SER L 103 43.75 53.56 -10.46
N VAL L 104 44.67 52.95 -9.72
CA VAL L 104 45.84 53.63 -9.18
C VAL L 104 47.08 53.10 -9.89
N LYS L 105 47.79 53.99 -10.58
CA LYS L 105 49.07 53.67 -11.18
C LYS L 105 50.20 54.23 -10.33
N ALA L 106 51.12 53.37 -9.94
CA ALA L 106 52.25 53.77 -9.11
C ALA L 106 53.57 53.25 -9.67
#